data_7EOL
# 
_entry.id   7EOL 
# 
_audit_conform.dict_name       mmcif_pdbx.dic 
_audit_conform.dict_version    5.380 
_audit_conform.dict_location   http://mmcif.pdb.org/dictionaries/ascii/mmcif_pdbx.dic 
# 
loop_
_database_2.database_id 
_database_2.database_code 
_database_2.pdbx_database_accession 
_database_2.pdbx_DOI 
PDB   7EOL         pdb_00007eol 10.2210/pdb7eol/pdb 
WWPDB D_1300021888 ?            ?                   
# 
_pdbx_database_status.status_code                     REL 
_pdbx_database_status.status_code_sf                  REL 
_pdbx_database_status.status_code_mr                  ? 
_pdbx_database_status.entry_id                        7EOL 
_pdbx_database_status.recvd_initial_deposition_date   2021-04-22 
_pdbx_database_status.SG_entry                        N 
_pdbx_database_status.deposit_site                    PDBJ 
_pdbx_database_status.process_site                    PDBJ 
_pdbx_database_status.status_code_cs                  ? 
_pdbx_database_status.status_code_nmr_data            ? 
_pdbx_database_status.methods_development_category    ? 
_pdbx_database_status.pdb_format_compatible           Y 
# 
loop_
_audit_author.name 
_audit_author.pdbx_ordinal 
_audit_author.identifier_ORCID 
'Huang, K.Y.' 1 0000-0002-7508-5446 
'Ren, A.M.'   2 0000-0002-5420-4899 
# 
_citation.abstract                  ? 
_citation.abstract_id_CAS           ? 
_citation.book_id_ISBN              ? 
_citation.book_publisher            ? 
_citation.book_publisher_city       ? 
_citation.book_title                ? 
_citation.coordinate_linkage        ? 
_citation.country                   US 
_citation.database_id_Medline       ? 
_citation.details                   ? 
_citation.id                        primary 
_citation.journal_abbrev            Nat.Chem.Biol. 
_citation.journal_id_ASTM           ? 
_citation.journal_id_CSD            ? 
_citation.journal_id_ISSN           1552-4469 
_citation.journal_full              ? 
_citation.journal_issue             ? 
_citation.journal_volume            17 
_citation.language                  ? 
_citation.page_first                1289 
_citation.page_last                 1295 
_citation.title                     'Structure-based investigation of fluorogenic Pepper aptamer.' 
_citation.year                      2021 
_citation.database_id_CSD           ? 
_citation.pdbx_database_id_DOI      10.1038/s41589-021-00884-6 
_citation.pdbx_database_id_PubMed   34725509 
_citation.pdbx_database_id_patent   ? 
_citation.unpublished_flag          ? 
# 
loop_
_citation_author.citation_id 
_citation_author.name 
_citation_author.ordinal 
_citation_author.identifier_ORCID 
primary 'Huang, K.' 1 ? 
primary 'Chen, X.'  2 ? 
primary 'Li, C.'    3 ? 
primary 'Song, Q.'  4 ? 
primary 'Li, H.'    5 ? 
primary 'Zhu, L.'   6 ? 
primary 'Yang, Y.'  7 ? 
primary 'Ren, A.'   8 ? 
# 
_cell.angle_alpha                  90.000 
_cell.angle_alpha_esd              ? 
_cell.angle_beta                   127.660 
_cell.angle_beta_esd               ? 
_cell.angle_gamma                  90.000 
_cell.angle_gamma_esd              ? 
_cell.entry_id                     7EOL 
_cell.details                      ? 
_cell.formula_units_Z              ? 
_cell.length_a                     92.676 
_cell.length_a_esd                 ? 
_cell.length_b                     34.782 
_cell.length_b_esd                 ? 
_cell.length_c                     57.909 
_cell.length_c_esd                 ? 
_cell.volume                       ? 
_cell.volume_esd                   ? 
_cell.Z_PDB                        4 
_cell.reciprocal_angle_alpha       ? 
_cell.reciprocal_angle_beta        ? 
_cell.reciprocal_angle_gamma       ? 
_cell.reciprocal_angle_alpha_esd   ? 
_cell.reciprocal_angle_beta_esd    ? 
_cell.reciprocal_angle_gamma_esd   ? 
_cell.reciprocal_length_a          ? 
_cell.reciprocal_length_b          ? 
_cell.reciprocal_length_c          ? 
_cell.reciprocal_length_a_esd      ? 
_cell.reciprocal_length_b_esd      ? 
_cell.reciprocal_length_c_esd      ? 
_cell.pdbx_unique_axis             ? 
# 
_symmetry.entry_id                         7EOL 
_symmetry.cell_setting                     ? 
_symmetry.Int_Tables_number                5 
_symmetry.space_group_name_Hall            ? 
_symmetry.space_group_name_H-M             'C 1 2 1' 
_symmetry.pdbx_full_space_group_name_H-M   ? 
# 
loop_
_entity.id 
_entity.type 
_entity.src_method 
_entity.pdbx_description 
_entity.formula_weight 
_entity.pdbx_number_of_molecules 
_entity.pdbx_ec 
_entity.pdbx_mutation 
_entity.pdbx_fragment 
_entity.details 
1 polymer     man 'Pepper (49-MER)'                                                                              15428.166 1  ? ? 
? ? 
2 non-polymer syn "GUANOSINE-5'-TRIPHOSPHATE"                                                                    523.180   1  ? ? 
? ? 
3 non-polymer syn 'MAGNESIUM ION'                                                                                24.305    5  ? ? 
? ? 
4 non-polymer syn '4-[(~{Z})-1-cyano-2-[5-[2-hydroxyethyl(methyl)amino]pyrazin-2-yl]ethenyl]benzenecarbonitrile' 305.334   1  ? ? 
? ? 
5 water       nat water                                                                                          18.015    60 ? ? 
? ? 
# 
_entity_poly.entity_id                      1 
_entity_poly.type                           polyribonucleotide 
_entity_poly.nstd_linkage                   no 
_entity_poly.nstd_monomer                   no 
_entity_poly.pdbx_seq_one_letter_code       GCGCACUGGCGCUGCGCCUUCGGGCGCCAAUCGUAGCGUGUCGGCGCC 
_entity_poly.pdbx_seq_one_letter_code_can   GCGCACUGGCGCUGCGCCUUCGGGCGCCAAUCGUAGCGUGUCGGCGCC 
_entity_poly.pdbx_strand_id                 A 
_entity_poly.pdbx_target_identifier         ? 
# 
loop_
_entity_poly_seq.entity_id 
_entity_poly_seq.num 
_entity_poly_seq.mon_id 
_entity_poly_seq.hetero 
1 1  G n 
1 2  C n 
1 3  G n 
1 4  C n 
1 5  A n 
1 6  C n 
1 7  U n 
1 8  G n 
1 9  G n 
1 10 C n 
1 11 G n 
1 12 C n 
1 13 U n 
1 14 G n 
1 15 C n 
1 16 G n 
1 17 C n 
1 18 C n 
1 19 U n 
1 20 U n 
1 21 C n 
1 22 G n 
1 23 G n 
1 24 G n 
1 25 C n 
1 26 G n 
1 27 C n 
1 28 C n 
1 29 A n 
1 30 A n 
1 31 U n 
1 32 C n 
1 33 G n 
1 34 U n 
1 35 A n 
1 36 G n 
1 37 C n 
1 38 G n 
1 39 U n 
1 40 G n 
1 41 U n 
1 42 C n 
1 43 G n 
1 44 G n 
1 45 C n 
1 46 G n 
1 47 C n 
1 48 C n 
# 
_entity_src_gen.entity_id                          1 
_entity_src_gen.pdbx_src_id                        1 
_entity_src_gen.pdbx_alt_source_flag               sample 
_entity_src_gen.pdbx_seq_type                      'Biological sequence' 
_entity_src_gen.pdbx_beg_seq_num                   1 
_entity_src_gen.pdbx_end_seq_num                   48 
_entity_src_gen.gene_src_common_name               ? 
_entity_src_gen.gene_src_genus                     ? 
_entity_src_gen.pdbx_gene_src_gene                 ? 
_entity_src_gen.gene_src_species                   ? 
_entity_src_gen.gene_src_strain                    ? 
_entity_src_gen.gene_src_tissue                    ? 
_entity_src_gen.gene_src_tissue_fraction           ? 
_entity_src_gen.gene_src_details                   ? 
_entity_src_gen.pdbx_gene_src_fragment             ? 
_entity_src_gen.pdbx_gene_src_scientific_name      'synthetic construct' 
_entity_src_gen.pdbx_gene_src_ncbi_taxonomy_id     32630 
_entity_src_gen.pdbx_gene_src_variant              ? 
_entity_src_gen.pdbx_gene_src_cell_line            ? 
_entity_src_gen.pdbx_gene_src_atcc                 ? 
_entity_src_gen.pdbx_gene_src_organ                ? 
_entity_src_gen.pdbx_gene_src_organelle            ? 
_entity_src_gen.pdbx_gene_src_cell                 ? 
_entity_src_gen.pdbx_gene_src_cellular_location    ? 
_entity_src_gen.host_org_common_name               ? 
_entity_src_gen.pdbx_host_org_scientific_name      'in vitro transcription vector pT7-TP(deltai)' 
_entity_src_gen.pdbx_host_org_ncbi_taxonomy_id     905931 
_entity_src_gen.host_org_genus                     ? 
_entity_src_gen.pdbx_host_org_gene                 ? 
_entity_src_gen.pdbx_host_org_organ                ? 
_entity_src_gen.host_org_species                   ? 
_entity_src_gen.pdbx_host_org_tissue               ? 
_entity_src_gen.pdbx_host_org_tissue_fraction      ? 
_entity_src_gen.pdbx_host_org_strain               ? 
_entity_src_gen.pdbx_host_org_variant              ? 
_entity_src_gen.pdbx_host_org_cell_line            ? 
_entity_src_gen.pdbx_host_org_atcc                 ? 
_entity_src_gen.pdbx_host_org_culture_collection   ? 
_entity_src_gen.pdbx_host_org_cell                 ? 
_entity_src_gen.pdbx_host_org_organelle            ? 
_entity_src_gen.pdbx_host_org_cellular_location    ? 
_entity_src_gen.pdbx_host_org_vector_type          ? 
_entity_src_gen.pdbx_host_org_vector               ? 
_entity_src_gen.host_org_details                   ? 
_entity_src_gen.expression_system_id               ? 
_entity_src_gen.plasmid_name                       ? 
_entity_src_gen.plasmid_details                    ? 
_entity_src_gen.pdbx_description                   ? 
# 
_struct_ref.id                         1 
_struct_ref.db_name                    PDB 
_struct_ref.db_code                    7EOL 
_struct_ref.pdbx_db_accession          7EOL 
_struct_ref.pdbx_db_isoform            ? 
_struct_ref.entity_id                  1 
_struct_ref.pdbx_seq_one_letter_code   ? 
_struct_ref.pdbx_align_begin           1 
# 
_struct_ref_seq.align_id                      1 
_struct_ref_seq.ref_id                        1 
_struct_ref_seq.pdbx_PDB_id_code              7EOL 
_struct_ref_seq.pdbx_strand_id                A 
_struct_ref_seq.seq_align_beg                 1 
_struct_ref_seq.pdbx_seq_align_beg_ins_code   ? 
_struct_ref_seq.seq_align_end                 48 
_struct_ref_seq.pdbx_seq_align_end_ins_code   ? 
_struct_ref_seq.pdbx_db_accession             7EOL 
_struct_ref_seq.db_align_beg                  2 
_struct_ref_seq.pdbx_db_align_beg_ins_code    ? 
_struct_ref_seq.db_align_end                  49 
_struct_ref_seq.pdbx_db_align_end_ins_code    ? 
_struct_ref_seq.pdbx_auth_seq_align_beg       2 
_struct_ref_seq.pdbx_auth_seq_align_end       49 
# 
loop_
_chem_comp.id 
_chem_comp.type 
_chem_comp.mon_nstd_flag 
_chem_comp.name 
_chem_comp.pdbx_synonyms 
_chem_comp.formula 
_chem_comp.formula_weight 
A   'RNA linking' y "ADENOSINE-5'-MONOPHOSPHATE"                                                                   ? 
'C10 H14 N5 O7 P'   347.221 
C   'RNA linking' y "CYTIDINE-5'-MONOPHOSPHATE"                                                                    ? 
'C9 H14 N3 O8 P'    323.197 
G   'RNA linking' y "GUANOSINE-5'-MONOPHOSPHATE"                                                                   ? 
'C10 H14 N5 O8 P'   363.221 
GTP non-polymer   n "GUANOSINE-5'-TRIPHOSPHATE"                                                                    ? 
'C10 H16 N5 O14 P3' 523.180 
HOH non-polymer   . WATER                                                                                          ? 'H2 O' 18.015 
J8O non-polymer   . '4-[(~{Z})-1-cyano-2-[5-[2-hydroxyethyl(methyl)amino]pyrazin-2-yl]ethenyl]benzenecarbonitrile' ? 
'C17 H15 N5 O'      305.334 
MG  non-polymer   . 'MAGNESIUM ION'                                                                                ? 'Mg 2' 24.305 
U   'RNA linking' y "URIDINE-5'-MONOPHOSPHATE"                                                                     ? 
'C9 H13 N2 O9 P'    324.181 
# 
_exptl.absorpt_coefficient_mu     ? 
_exptl.absorpt_correction_T_max   ? 
_exptl.absorpt_correction_T_min   ? 
_exptl.absorpt_correction_type    ? 
_exptl.absorpt_process_details    ? 
_exptl.entry_id                   7EOL 
_exptl.crystals_number            1 
_exptl.details                    ? 
_exptl.method                     'X-RAY DIFFRACTION' 
_exptl.method_details             ? 
# 
_exptl_crystal.colour                      ? 
_exptl_crystal.density_diffrn              ? 
_exptl_crystal.density_Matthews            2.39 
_exptl_crystal.density_method              ? 
_exptl_crystal.density_percent_sol         48.63 
_exptl_crystal.description                 ? 
_exptl_crystal.F_000                       ? 
_exptl_crystal.id                          1 
_exptl_crystal.preparation                 ? 
_exptl_crystal.size_max                    ? 
_exptl_crystal.size_mid                    ? 
_exptl_crystal.size_min                    ? 
_exptl_crystal.size_rad                    ? 
_exptl_crystal.colour_lustre               ? 
_exptl_crystal.colour_modifier             ? 
_exptl_crystal.colour_primary              ? 
_exptl_crystal.density_meas                ? 
_exptl_crystal.density_meas_esd            ? 
_exptl_crystal.density_meas_gt             ? 
_exptl_crystal.density_meas_lt             ? 
_exptl_crystal.density_meas_temp           ? 
_exptl_crystal.density_meas_temp_esd       ? 
_exptl_crystal.density_meas_temp_gt        ? 
_exptl_crystal.density_meas_temp_lt        ? 
_exptl_crystal.pdbx_crystal_image_url      ? 
_exptl_crystal.pdbx_crystal_image_format   ? 
_exptl_crystal.pdbx_mosaicity              ? 
_exptl_crystal.pdbx_mosaicity_esd          ? 
# 
_exptl_crystal_grow.apparatus       ? 
_exptl_crystal_grow.atmosphere      ? 
_exptl_crystal_grow.crystal_id      1 
_exptl_crystal_grow.details         ? 
_exptl_crystal_grow.method          'VAPOR DIFFUSION, SITTING DROP' 
_exptl_crystal_grow.method_ref      ? 
_exptl_crystal_grow.pH              ? 
_exptl_crystal_grow.pressure        ? 
_exptl_crystal_grow.pressure_esd    ? 
_exptl_crystal_grow.seeding         ? 
_exptl_crystal_grow.seeding_ref     ? 
_exptl_crystal_grow.temp            289 
_exptl_crystal_grow.temp_details    ? 
_exptl_crystal_grow.temp_esd        ? 
_exptl_crystal_grow.time            ? 
_exptl_crystal_grow.pdbx_details    
'0.1 M ammonium chloride, 0.005 M magnesium chloride, 0.025 M HEPES, pH 7.0, 1.25 M 1,6-hexanediol, 40% MPD' 
_exptl_crystal_grow.pdbx_pH_range   ? 
# 
_diffrn.ambient_environment              ? 
_diffrn.ambient_temp                     100 
_diffrn.ambient_temp_details             ? 
_diffrn.ambient_temp_esd                 ? 
_diffrn.crystal_id                       1 
_diffrn.crystal_support                  ? 
_diffrn.crystal_treatment                ? 
_diffrn.details                          ? 
_diffrn.id                               1 
_diffrn.ambient_pressure                 ? 
_diffrn.ambient_pressure_esd             ? 
_diffrn.ambient_pressure_gt              ? 
_diffrn.ambient_pressure_lt              ? 
_diffrn.ambient_temp_gt                  ? 
_diffrn.ambient_temp_lt                  ? 
_diffrn.pdbx_serial_crystal_experiment   N 
# 
_diffrn_detector.details                      ? 
_diffrn_detector.detector                     PIXEL 
_diffrn_detector.diffrn_id                    1 
_diffrn_detector.type                         'DECTRIS PILATUS 6M' 
_diffrn_detector.area_resol_mean              ? 
_diffrn_detector.dtime                        ? 
_diffrn_detector.pdbx_frames_total            ? 
_diffrn_detector.pdbx_collection_time_total   ? 
_diffrn_detector.pdbx_collection_date         2019-11-09 
_diffrn_detector.pdbx_frequency               ? 
# 
_diffrn_radiation.collimation                      ? 
_diffrn_radiation.diffrn_id                        1 
_diffrn_radiation.filter_edge                      ? 
_diffrn_radiation.inhomogeneity                    ? 
_diffrn_radiation.monochromator                    ? 
_diffrn_radiation.polarisn_norm                    ? 
_diffrn_radiation.polarisn_ratio                   ? 
_diffrn_radiation.probe                            ? 
_diffrn_radiation.type                             ? 
_diffrn_radiation.xray_symbol                      ? 
_diffrn_radiation.wavelength_id                    1 
_diffrn_radiation.pdbx_monochromatic_or_laue_m_l   M 
_diffrn_radiation.pdbx_wavelength_list             ? 
_diffrn_radiation.pdbx_wavelength                  ? 
_diffrn_radiation.pdbx_diffrn_protocol             'SINGLE WAVELENGTH' 
_diffrn_radiation.pdbx_analyzer                    ? 
_diffrn_radiation.pdbx_scattering_type             x-ray 
# 
_diffrn_radiation_wavelength.id           1 
_diffrn_radiation_wavelength.wavelength   0.979 
_diffrn_radiation_wavelength.wt           1.0 
# 
_diffrn_source.current                     ? 
_diffrn_source.details                     ? 
_diffrn_source.diffrn_id                   1 
_diffrn_source.power                       ? 
_diffrn_source.size                        ? 
_diffrn_source.source                      SYNCHROTRON 
_diffrn_source.target                      ? 
_diffrn_source.type                        'SSRF BEAMLINE BL19U1' 
_diffrn_source.voltage                     ? 
_diffrn_source.take-off_angle              ? 
_diffrn_source.pdbx_wavelength_list        0.979 
_diffrn_source.pdbx_wavelength             ? 
_diffrn_source.pdbx_synchrotron_beamline   BL19U1 
_diffrn_source.pdbx_synchrotron_site       SSRF 
# 
_reflns.B_iso_Wilson_estimate                          ? 
_reflns.entry_id                                       7EOL 
_reflns.data_reduction_details                         ? 
_reflns.data_reduction_method                          ? 
_reflns.d_resolution_high                              2.300 
_reflns.d_resolution_low                               50.000 
_reflns.details                                        ? 
_reflns.limit_h_max                                    ? 
_reflns.limit_h_min                                    ? 
_reflns.limit_k_max                                    ? 
_reflns.limit_k_min                                    ? 
_reflns.limit_l_max                                    ? 
_reflns.limit_l_min                                    ? 
_reflns.number_all                                     ? 
_reflns.number_obs                                     6446 
_reflns.observed_criterion                             ? 
_reflns.observed_criterion_F_max                       ? 
_reflns.observed_criterion_F_min                       ? 
_reflns.observed_criterion_I_max                       ? 
_reflns.observed_criterion_I_min                       ? 
_reflns.observed_criterion_sigma_F                     ? 
_reflns.observed_criterion_sigma_I                     ? 
_reflns.percent_possible_obs                           98.800 
_reflns.R_free_details                                 ? 
_reflns.Rmerge_F_all                                   ? 
_reflns.Rmerge_F_obs                                   ? 
_reflns.Friedel_coverage                               ? 
_reflns.number_gt                                      ? 
_reflns.threshold_expression                           ? 
_reflns.pdbx_redundancy                                6.400 
_reflns.pdbx_Rmerge_I_obs                              0.147 
_reflns.pdbx_Rmerge_I_all                              ? 
_reflns.pdbx_Rsym_value                                ? 
_reflns.pdbx_netI_over_av_sigmaI                       ? 
_reflns.pdbx_netI_over_sigmaI                          5.000 
_reflns.pdbx_res_netI_over_av_sigmaI_2                 ? 
_reflns.pdbx_res_netI_over_sigmaI_2                    ? 
_reflns.pdbx_chi_squared                               1.588 
_reflns.pdbx_scaling_rejects                           ? 
_reflns.pdbx_d_res_high_opt                            ? 
_reflns.pdbx_d_res_low_opt                             ? 
_reflns.pdbx_d_res_opt_method                          ? 
_reflns.phase_calculation_details                      ? 
_reflns.pdbx_Rrim_I_all                                0.160 
_reflns.pdbx_Rpim_I_all                                0.063 
_reflns.pdbx_d_opt                                     ? 
_reflns.pdbx_number_measured_all                       41036 
_reflns.pdbx_diffrn_id                                 1 
_reflns.pdbx_ordinal                                   1 
_reflns.pdbx_CC_half                                   ? 
_reflns.pdbx_CC_star                                   ? 
_reflns.pdbx_R_split                                   ? 
_reflns.pdbx_aniso_diffraction_limit_axis_1_ortho[1]   ? 
_reflns.pdbx_aniso_diffraction_limit_axis_1_ortho[2]   ? 
_reflns.pdbx_aniso_diffraction_limit_axis_1_ortho[3]   ? 
_reflns.pdbx_aniso_diffraction_limit_axis_2_ortho[1]   ? 
_reflns.pdbx_aniso_diffraction_limit_axis_2_ortho[2]   ? 
_reflns.pdbx_aniso_diffraction_limit_axis_2_ortho[3]   ? 
_reflns.pdbx_aniso_diffraction_limit_axis_3_ortho[1]   ? 
_reflns.pdbx_aniso_diffraction_limit_axis_3_ortho[2]   ? 
_reflns.pdbx_aniso_diffraction_limit_axis_3_ortho[3]   ? 
_reflns.pdbx_aniso_diffraction_limit_1                 ? 
_reflns.pdbx_aniso_diffraction_limit_2                 ? 
_reflns.pdbx_aniso_diffraction_limit_3                 ? 
_reflns.pdbx_aniso_B_tensor_eigenvector_1_ortho[1]     ? 
_reflns.pdbx_aniso_B_tensor_eigenvector_1_ortho[2]     ? 
_reflns.pdbx_aniso_B_tensor_eigenvector_1_ortho[3]     ? 
_reflns.pdbx_aniso_B_tensor_eigenvector_2_ortho[1]     ? 
_reflns.pdbx_aniso_B_tensor_eigenvector_2_ortho[2]     ? 
_reflns.pdbx_aniso_B_tensor_eigenvector_2_ortho[3]     ? 
_reflns.pdbx_aniso_B_tensor_eigenvector_3_ortho[1]     ? 
_reflns.pdbx_aniso_B_tensor_eigenvector_3_ortho[2]     ? 
_reflns.pdbx_aniso_B_tensor_eigenvector_3_ortho[3]     ? 
_reflns.pdbx_aniso_B_tensor_eigenvalue_1               ? 
_reflns.pdbx_aniso_B_tensor_eigenvalue_2               ? 
_reflns.pdbx_aniso_B_tensor_eigenvalue_3               ? 
_reflns.pdbx_orthogonalization_convention              ? 
_reflns.pdbx_percent_possible_ellipsoidal              ? 
_reflns.pdbx_percent_possible_spherical                ? 
_reflns.pdbx_percent_possible_ellipsoidal_anomalous    ? 
_reflns.pdbx_percent_possible_spherical_anomalous      ? 
_reflns.pdbx_redundancy_anomalous                      ? 
_reflns.pdbx_CC_half_anomalous                         ? 
_reflns.pdbx_absDiff_over_sigma_anomalous              ? 
_reflns.pdbx_percent_possible_anomalous                ? 
_reflns.pdbx_observed_signal_threshold                 ? 
_reflns.pdbx_signal_type                               ? 
_reflns.pdbx_signal_details                            ? 
_reflns.pdbx_signal_software_id                        ? 
# 
loop_
_reflns_shell.d_res_high 
_reflns_shell.d_res_low 
_reflns_shell.meanI_over_sigI_all 
_reflns_shell.meanI_over_sigI_obs 
_reflns_shell.number_measured_all 
_reflns_shell.number_measured_obs 
_reflns_shell.number_possible 
_reflns_shell.number_unique_all 
_reflns_shell.number_unique_obs 
_reflns_shell.percent_possible_all 
_reflns_shell.percent_possible_obs 
_reflns_shell.Rmerge_F_all 
_reflns_shell.Rmerge_F_obs 
_reflns_shell.Rmerge_I_all 
_reflns_shell.Rmerge_I_obs 
_reflns_shell.meanI_over_sigI_gt 
_reflns_shell.meanI_over_uI_all 
_reflns_shell.meanI_over_uI_gt 
_reflns_shell.number_measured_gt 
_reflns_shell.number_unique_gt 
_reflns_shell.percent_possible_gt 
_reflns_shell.Rmerge_F_gt 
_reflns_shell.Rmerge_I_gt 
_reflns_shell.pdbx_redundancy 
_reflns_shell.pdbx_Rsym_value 
_reflns_shell.pdbx_chi_squared 
_reflns_shell.pdbx_netI_over_sigmaI_all 
_reflns_shell.pdbx_netI_over_sigmaI_obs 
_reflns_shell.pdbx_Rrim_I_all 
_reflns_shell.pdbx_Rpim_I_all 
_reflns_shell.pdbx_rejects 
_reflns_shell.pdbx_ordinal 
_reflns_shell.pdbx_diffrn_id 
_reflns_shell.pdbx_CC_half 
_reflns_shell.pdbx_CC_star 
_reflns_shell.pdbx_R_split 
_reflns_shell.pdbx_percent_possible_ellipsoidal 
_reflns_shell.pdbx_percent_possible_spherical 
_reflns_shell.pdbx_percent_possible_ellipsoidal_anomalous 
_reflns_shell.pdbx_percent_possible_spherical_anomalous 
_reflns_shell.pdbx_redundancy_anomalous 
_reflns_shell.pdbx_CC_half_anomalous 
_reflns_shell.pdbx_absDiff_over_sigma_anomalous 
_reflns_shell.pdbx_percent_possible_anomalous 
2.300 2.380  ? ? ? ? ? ? 636 99.700 ? ? ? ? 0.382 ? ? ? ? ? ? ? ? 6.500 ? 0.994 ? ? 0.416 0.162 ? 1  1 0.887 ? ? ? ? ? ? ? ? ? ? 
2.380 2.480  ? ? ? ? ? ? 646 99.400 ? ? ? ? 0.338 ? ? ? ? ? ? ? ? 6.400 ? 0.949 ? ? 0.369 0.145 ? 2  1 0.930 ? ? ? ? ? ? ? ? ? ? 
2.480 2.590  ? ? ? ? ? ? 635 98.800 ? ? ? ? 0.307 ? ? ? ? ? ? ? ? 6.400 ? 1.063 ? ? 0.335 0.130 ? 3  1 0.941 ? ? ? ? ? ? ? ? ? ? 
2.590 2.730  ? ? ? ? ? ? 636 99.400 ? ? ? ? 0.253 ? ? ? ? ? ? ? ? 6.200 ? 1.221 ? ? 0.276 0.109 ? 4  1 0.958 ? ? ? ? ? ? ? ? ? ? 
2.730 2.900  ? ? ? ? ? ? 651 97.900 ? ? ? ? 0.205 ? ? ? ? ? ? ? ? 6.200 ? 1.525 ? ? 0.224 0.089 ? 5  1 0.971 ? ? ? ? ? ? ? ? ? ? 
2.900 3.120  ? ? ? ? ? ? 632 99.700 ? ? ? ? 0.166 ? ? ? ? ? ? ? ? 6.600 ? 1.831 ? ? 0.181 0.071 ? 6  1 0.980 ? ? ? ? ? ? ? ? ? ? 
3.120 3.440  ? ? ? ? ? ? 639 98.900 ? ? ? ? 0.144 ? ? ? ? ? ? ? ? 6.600 ? 2.065 ? ? 0.157 0.062 ? 7  1 0.981 ? ? ? ? ? ? ? ? ? ? 
3.440 3.930  ? ? ? ? ? ? 643 98.600 ? ? ? ? 0.136 ? ? ? ? ? ? ? ? 6.300 ? 2.054 ? ? 0.149 0.060 ? 8  1 0.983 ? ? ? ? ? ? ? ? ? ? 
3.930 4.950  ? ? ? ? ? ? 660 98.400 ? ? ? ? 0.131 ? ? ? ? ? ? ? ? 6.300 ? 2.085 ? ? 0.143 0.056 ? 9  1 0.981 ? ? ? ? ? ? ? ? ? ? 
4.950 50.000 ? ? ? ? ? ? 668 97.900 ? ? ? ? 0.113 ? ? ? ? ? ? ? ? 6.200 ? 2.077 ? ? 0.124 0.049 ? 10 1 0.989 ? ? ? ? ? ? ? ? ? ? 
# 
_refine.aniso_B[1][1]                            ? 
_refine.aniso_B[1][2]                            ? 
_refine.aniso_B[1][3]                            ? 
_refine.aniso_B[2][2]                            ? 
_refine.aniso_B[2][3]                            ? 
_refine.aniso_B[3][3]                            ? 
_refine.B_iso_max                                126.920 
_refine.B_iso_mean                               40.3770 
_refine.B_iso_min                                13.120 
_refine.correlation_coeff_Fo_to_Fc               ? 
_refine.correlation_coeff_Fo_to_Fc_free          ? 
_refine.details                                  ? 
_refine.diff_density_max                         ? 
_refine.diff_density_max_esd                     ? 
_refine.diff_density_min                         ? 
_refine.diff_density_min_esd                     ? 
_refine.diff_density_rms                         ? 
_refine.diff_density_rms_esd                     ? 
_refine.entry_id                                 7EOL 
_refine.pdbx_refine_id                           'X-RAY DIFFRACTION' 
_refine.ls_abs_structure_details                 ? 
_refine.ls_abs_structure_Flack                   ? 
_refine.ls_abs_structure_Flack_esd               ? 
_refine.ls_abs_structure_Rogers                  ? 
_refine.ls_abs_structure_Rogers_esd              ? 
_refine.ls_d_res_high                            2.3090 
_refine.ls_d_res_low                             31.4290 
_refine.ls_extinction_coef                       ? 
_refine.ls_extinction_coef_esd                   ? 
_refine.ls_extinction_expression                 ? 
_refine.ls_extinction_method                     ? 
_refine.ls_goodness_of_fit_all                   ? 
_refine.ls_goodness_of_fit_all_esd               ? 
_refine.ls_goodness_of_fit_obs                   ? 
_refine.ls_goodness_of_fit_obs_esd               ? 
_refine.ls_hydrogen_treatment                    ? 
_refine.ls_matrix_type                           ? 
_refine.ls_number_constraints                    ? 
_refine.ls_number_parameters                     ? 
_refine.ls_number_reflns_all                     ? 
_refine.ls_number_reflns_obs                     6431 
_refine.ls_number_reflns_R_free                  315 
_refine.ls_number_reflns_R_work                  6116 
_refine.ls_number_restraints                     ? 
_refine.ls_percent_reflns_obs                    97.4000 
_refine.ls_percent_reflns_R_free                 4.9000 
_refine.ls_R_factor_all                          ? 
_refine.ls_R_factor_obs                          0.2212 
_refine.ls_R_factor_R_free                       0.2671 
_refine.ls_R_factor_R_free_error                 ? 
_refine.ls_R_factor_R_free_error_details         ? 
_refine.ls_R_factor_R_work                       0.2187 
_refine.ls_R_Fsqd_factor_obs                     ? 
_refine.ls_R_I_factor_obs                        ? 
_refine.ls_redundancy_reflns_all                 ? 
_refine.ls_redundancy_reflns_obs                 ? 
_refine.ls_restrained_S_all                      ? 
_refine.ls_restrained_S_obs                      ? 
_refine.ls_shift_over_esd_max                    ? 
_refine.ls_shift_over_esd_mean                   ? 
_refine.ls_structure_factor_coef                 ? 
_refine.ls_weighting_details                     ? 
_refine.ls_weighting_scheme                      ? 
_refine.ls_wR_factor_all                         ? 
_refine.ls_wR_factor_obs                         ? 
_refine.ls_wR_factor_R_free                      ? 
_refine.ls_wR_factor_R_work                      ? 
_refine.occupancy_max                            ? 
_refine.occupancy_min                            ? 
_refine.solvent_model_details                    'FLAT BULK SOLVENT MODEL' 
_refine.solvent_model_param_bsol                 ? 
_refine.solvent_model_param_ksol                 ? 
_refine.pdbx_R_complete                          ? 
_refine.ls_R_factor_gt                           ? 
_refine.ls_goodness_of_fit_gt                    ? 
_refine.ls_goodness_of_fit_ref                   ? 
_refine.ls_shift_over_su_max                     ? 
_refine.ls_shift_over_su_max_lt                  ? 
_refine.ls_shift_over_su_mean                    ? 
_refine.ls_shift_over_su_mean_lt                 ? 
_refine.pdbx_ls_sigma_I                          ? 
_refine.pdbx_ls_sigma_F                          1.390 
_refine.pdbx_ls_sigma_Fsqd                       ? 
_refine.pdbx_data_cutoff_high_absF               ? 
_refine.pdbx_data_cutoff_high_rms_absF           ? 
_refine.pdbx_data_cutoff_low_absF                ? 
_refine.pdbx_isotropic_thermal_model             ? 
_refine.pdbx_ls_cross_valid_method               THROUGHOUT 
_refine.pdbx_method_to_determine_struct          'MOLECULAR REPLACEMENT' 
_refine.pdbx_starting_model                      7EOG 
_refine.pdbx_stereochemistry_target_values       ML 
_refine.pdbx_R_Free_selection_details            ? 
_refine.pdbx_stereochem_target_val_spec_case     ? 
_refine.pdbx_overall_ESU_R                       ? 
_refine.pdbx_overall_ESU_R_Free                  ? 
_refine.pdbx_solvent_vdw_probe_radii             1.1100 
_refine.pdbx_solvent_ion_probe_radii             ? 
_refine.pdbx_solvent_shrinkage_radii             0.9000 
_refine.pdbx_real_space_R                        ? 
_refine.pdbx_density_correlation                 ? 
_refine.pdbx_pd_number_of_powder_patterns        ? 
_refine.pdbx_pd_number_of_points                 ? 
_refine.pdbx_pd_meas_number_of_points            ? 
_refine.pdbx_pd_proc_ls_prof_R_factor            ? 
_refine.pdbx_pd_proc_ls_prof_wR_factor           ? 
_refine.pdbx_pd_Marquardt_correlation_coeff      ? 
_refine.pdbx_pd_Fsqrd_R_factor                   ? 
_refine.pdbx_pd_ls_matrix_band_width             ? 
_refine.pdbx_overall_phase_error                 34.5800 
_refine.pdbx_overall_SU_R_free_Cruickshank_DPI   ? 
_refine.pdbx_overall_SU_R_free_Blow_DPI          ? 
_refine.pdbx_overall_SU_R_Blow_DPI               ? 
_refine.pdbx_TLS_residual_ADP_flag               ? 
_refine.pdbx_diffrn_id                           1 
_refine.overall_SU_B                             ? 
_refine.overall_SU_ML                            0.3200 
_refine.overall_SU_R_Cruickshank_DPI             ? 
_refine.overall_SU_R_free                        ? 
_refine.overall_FOM_free_R_set                   ? 
_refine.overall_FOM_work_R_set                   ? 
_refine.pdbx_average_fsc_overall                 ? 
_refine.pdbx_average_fsc_work                    ? 
_refine.pdbx_average_fsc_free                    ? 
# 
_refine_hist.pdbx_refine_id                   'X-RAY DIFFRACTION' 
_refine_hist.cycle_id                         final 
_refine_hist.details                          ? 
_refine_hist.d_res_high                       2.3090 
_refine_hist.d_res_low                        31.4290 
_refine_hist.number_atoms_solvent             60 
_refine_hist.number_atoms_total               1142 
_refine_hist.number_reflns_all                ? 
_refine_hist.number_reflns_obs                ? 
_refine_hist.number_reflns_R_free             ? 
_refine_hist.number_reflns_R_work             ? 
_refine_hist.R_factor_all                     ? 
_refine_hist.R_factor_obs                     ? 
_refine_hist.R_factor_R_free                  ? 
_refine_hist.R_factor_R_work                  ? 
_refine_hist.pdbx_number_residues_total       49 
_refine_hist.pdbx_B_iso_mean_ligand           28.62 
_refine_hist.pdbx_B_iso_mean_solvent          29.81 
_refine_hist.pdbx_number_atoms_protein        0 
_refine_hist.pdbx_number_atoms_nucleic_acid   1054 
_refine_hist.pdbx_number_atoms_ligand         28 
_refine_hist.pdbx_number_atoms_lipid          ? 
_refine_hist.pdbx_number_atoms_carb           ? 
_refine_hist.pdbx_pseudo_atom_details         ? 
# 
loop_
_refine_ls_shell.pdbx_refine_id 
_refine_ls_shell.d_res_high 
_refine_ls_shell.d_res_low 
_refine_ls_shell.number_reflns_all 
_refine_ls_shell.number_reflns_obs 
_refine_ls_shell.number_reflns_R_free 
_refine_ls_shell.number_reflns_R_work 
_refine_ls_shell.percent_reflns_obs 
_refine_ls_shell.percent_reflns_R_free 
_refine_ls_shell.R_factor_all 
_refine_ls_shell.R_factor_obs 
_refine_ls_shell.R_factor_R_free 
_refine_ls_shell.R_factor_R_free_error 
_refine_ls_shell.R_factor_R_work 
_refine_ls_shell.redundancy_reflns_all 
_refine_ls_shell.redundancy_reflns_obs 
_refine_ls_shell.wR_factor_all 
_refine_ls_shell.wR_factor_obs 
_refine_ls_shell.wR_factor_R_free 
_refine_ls_shell.wR_factor_R_work 
_refine_ls_shell.pdbx_R_complete 
_refine_ls_shell.pdbx_total_number_of_bins_used 
_refine_ls_shell.pdbx_phase_error 
_refine_ls_shell.pdbx_fsc_work 
_refine_ls_shell.pdbx_fsc_free 
'X-RAY DIFFRACTION' 2.3090 2.9086  . . 164 2994 96.0000 . . . 0.3177 0.0000 0.2529 . . . . . . . . . . . 
'X-RAY DIFFRACTION' 2.9086 31.4290 . . 151 3122 98.0000 . . . 0.2476 0.0000 0.2075 . . . . . . . . . . . 
# 
_struct.entry_id                     7EOL 
_struct.title                        'Crystal structure of the Pepper aptamer in complex with HBC497' 
_struct.pdbx_model_details           ? 
_struct.pdbx_formula_weight          ? 
_struct.pdbx_formula_weight_method   ? 
_struct.pdbx_model_type_details      ? 
_struct.pdbx_CASP_flag               N 
# 
_struct_keywords.entry_id        7EOL 
_struct_keywords.text            'Fluorescent RNA, Aptamer, HBC497, RNA' 
_struct_keywords.pdbx_keywords   RNA 
# 
loop_
_struct_asym.id 
_struct_asym.pdbx_blank_PDB_chainid_flag 
_struct_asym.pdbx_modified 
_struct_asym.entity_id 
_struct_asym.details 
A N N 1 ? 
B N N 2 ? 
C N N 3 ? 
D N N 3 ? 
E N N 3 ? 
F N N 3 ? 
G N N 3 ? 
H N N 4 ? 
I N N 5 ? 
# 
loop_
_struct_conn.id 
_struct_conn.conn_type_id 
_struct_conn.pdbx_leaving_atom_flag 
_struct_conn.pdbx_PDB_id 
_struct_conn.ptnr1_label_asym_id 
_struct_conn.ptnr1_label_comp_id 
_struct_conn.ptnr1_label_seq_id 
_struct_conn.ptnr1_label_atom_id 
_struct_conn.pdbx_ptnr1_label_alt_id 
_struct_conn.pdbx_ptnr1_PDB_ins_code 
_struct_conn.pdbx_ptnr1_standard_comp_id 
_struct_conn.ptnr1_symmetry 
_struct_conn.ptnr2_label_asym_id 
_struct_conn.ptnr2_label_comp_id 
_struct_conn.ptnr2_label_seq_id 
_struct_conn.ptnr2_label_atom_id 
_struct_conn.pdbx_ptnr2_label_alt_id 
_struct_conn.pdbx_ptnr2_PDB_ins_code 
_struct_conn.ptnr1_auth_asym_id 
_struct_conn.ptnr1_auth_comp_id 
_struct_conn.ptnr1_auth_seq_id 
_struct_conn.ptnr2_auth_asym_id 
_struct_conn.ptnr2_auth_comp_id 
_struct_conn.ptnr2_auth_seq_id 
_struct_conn.ptnr2_symmetry 
_struct_conn.pdbx_ptnr3_label_atom_id 
_struct_conn.pdbx_ptnr3_label_seq_id 
_struct_conn.pdbx_ptnr3_label_comp_id 
_struct_conn.pdbx_ptnr3_label_asym_id 
_struct_conn.pdbx_ptnr3_label_alt_id 
_struct_conn.pdbx_ptnr3_PDB_ins_code 
_struct_conn.details 
_struct_conn.pdbx_dist_value 
_struct_conn.pdbx_value_order 
_struct_conn.pdbx_role 
covale1  covale both ? A G  1  P   ? ? ? 1_555 B GTP .  "O3'" ? ? A G  2   A GTP 101 1_555 ? ? ? ? ? ? ?                       
1.562 ? ? 
metalc1  metalc ?    ? A C  6  OP2 ? ? ? 1_555 D MG  .  MG    ? ? A C  7   A MG  103 1_555 ? ? ? ? ? ? ?                       
1.973 ? ? 
metalc2  metalc ?    ? A U  7  OP2 ? ? ? 1_555 D MG  .  MG    ? ? A U  8   A MG  103 1_555 ? ? ? ? ? ? ?                       
2.051 ? ? 
metalc3  metalc ?    ? A A  29 OP2 ? ? ? 1_555 C MG  .  MG    ? ? A A  30  A MG  102 1_555 ? ? ? ? ? ? ?                       
1.995 ? ? 
metalc4  metalc ?    ? A U  31 OP2 ? ? ? 1_555 E MG  .  MG    ? ? A U  32  A MG  104 1_555 ? ? ? ? ? ? ?                       
2.018 ? ? 
metalc5  metalc ?    ? A U  41 OP2 ? ? ? 1_555 F MG  .  MG    ? ? A U  42  A MG  105 1_555 ? ? ? ? ? ? ?                       
2.038 ? ? 
metalc6  metalc ?    ? C MG .  MG  ? ? ? 1_555 I HOH .  O     ? ? A MG 102 A HOH 202 1_555 ? ? ? ? ? ? ?                       
2.351 ? ? 
metalc7  metalc ?    ? C MG .  MG  ? ? ? 1_555 I HOH .  O     ? ? A MG 102 A HOH 206 1_555 ? ? ? ? ? ? ?                       
2.231 ? ? 
metalc8  metalc ?    ? C MG .  MG  ? ? ? 1_555 I HOH .  O     ? ? A MG 102 A HOH 233 1_555 ? ? ? ? ? ? ?                       
1.995 ? ? 
metalc9  metalc ?    ? C MG .  MG  ? ? ? 1_555 I HOH .  O     ? ? A MG 102 A HOH 235 1_555 ? ? ? ? ? ? ?                       
2.154 ? ? 
metalc10 metalc ?    ? C MG .  MG  ? ? ? 1_555 I HOH .  O     ? ? A MG 102 A HOH 240 1_555 ? ? ? ? ? ? ?                       
1.938 ? ? 
metalc11 metalc ?    ? D MG .  MG  ? ? ? 1_555 I HOH .  O     ? ? A MG 103 A HOH 208 1_555 ? ? ? ? ? ? ?                       
1.893 ? ? 
metalc12 metalc ?    ? D MG .  MG  ? ? ? 1_555 I HOH .  O     ? ? A MG 103 A HOH 229 1_555 ? ? ? ? ? ? ?                       
2.134 ? ? 
metalc13 metalc ?    ? D MG .  MG  ? ? ? 1_555 I HOH .  O     ? ? A MG 103 A HOH 232 1_555 ? ? ? ? ? ? ?                       
2.035 ? ? 
metalc14 metalc ?    ? E MG .  MG  ? ? ? 1_555 I HOH .  O     ? ? A MG 104 A HOH 209 1_555 ? ? ? ? ? ? ?                       
1.996 ? ? 
metalc15 metalc ?    ? E MG .  MG  ? ? ? 1_555 I HOH .  O     ? ? A MG 104 A HOH 230 1_555 ? ? ? ? ? ? ?                       
2.020 ? ? 
metalc16 metalc ?    ? E MG .  MG  ? ? ? 1_555 I HOH .  O     ? ? A MG 104 A HOH 246 1_555 ? ? ? ? ? ? ?                       
1.967 ? ? 
metalc17 metalc ?    ? E MG .  MG  ? ? ? 1_555 I HOH .  O     ? ? A MG 104 A HOH 247 1_555 ? ? ? ? ? ? ?                       
2.326 ? ? 
metalc18 metalc ?    ? E MG .  MG  ? ? ? 1_555 I HOH .  O     ? ? A MG 104 A HOH 252 1_555 ? ? ? ? ? ? ?                       
2.126 ? ? 
metalc19 metalc ?    ? F MG .  MG  ? ? ? 1_555 I HOH .  O     ? ? A MG 105 A HOH 220 1_555 ? ? ? ? ? ? ?                       
2.100 ? ? 
metalc20 metalc ?    ? F MG .  MG  ? ? ? 1_555 I HOH .  O     ? ? A MG 105 A HOH 238 1_555 ? ? ? ? ? ? ?                       
1.855 ? ? 
metalc21 metalc ?    ? F MG .  MG  ? ? ? 1_555 I HOH .  O     ? ? A MG 105 A HOH 250 1_555 ? ? ? ? ? ? ?                       
2.031 ? ? 
metalc22 metalc ?    ? F MG .  MG  ? ? ? 1_555 I HOH .  O     ? ? A MG 105 A HOH 254 1_555 ? ? ? ? ? ? ?                       
1.839 ? ? 
metalc23 metalc ?    ? G MG .  MG  ? ? ? 1_555 I HOH .  O     ? ? A MG 106 A HOH 243 4_555 ? ? ? ? ? ? ?                       
2.391 ? ? 
metalc24 metalc ?    ? G MG .  MG  ? ? ? 1_555 I HOH .  O     ? ? A MG 106 A HOH 255 4_555 ? ? ? ? ? ? ?                       
2.127 ? ? 
hydrog1  hydrog ?    ? A G  1  N1  ? ? ? 1_555 A C   47 N3    ? ? A G  2   A C   48  1_555 ? ? ? ? ? ? WATSON-CRICK            ? ? 
? 
hydrog2  hydrog ?    ? A G  1  N2  ? ? ? 1_555 A C   47 O2    ? ? A G  2   A C   48  1_555 ? ? ? ? ? ? WATSON-CRICK            ? ? 
? 
hydrog3  hydrog ?    ? A G  1  O6  ? ? ? 1_555 A C   47 N4    ? ? A G  2   A C   48  1_555 ? ? ? ? ? ? WATSON-CRICK            ? ? 
? 
hydrog4  hydrog ?    ? A C  2  N3  ? ? ? 1_555 A G   46 N1    ? ? A C  3   A G   47  1_555 ? ? ? ? ? ? WATSON-CRICK            ? ? 
? 
hydrog5  hydrog ?    ? A C  2  N4  ? ? ? 1_555 A G   46 O6    ? ? A C  3   A G   47  1_555 ? ? ? ? ? ? WATSON-CRICK            ? ? 
? 
hydrog6  hydrog ?    ? A C  2  O2  ? ? ? 1_555 A G   46 N2    ? ? A C  3   A G   47  1_555 ? ? ? ? ? ? WATSON-CRICK            ? ? 
? 
hydrog7  hydrog ?    ? A G  3  N1  ? ? ? 1_555 A C   45 N3    ? ? A G  4   A C   46  1_555 ? ? ? ? ? ? WATSON-CRICK            ? ? 
? 
hydrog8  hydrog ?    ? A G  3  N2  ? ? ? 1_555 A C   45 O2    ? ? A G  4   A C   46  1_555 ? ? ? ? ? ? WATSON-CRICK            ? ? 
? 
hydrog9  hydrog ?    ? A G  3  O6  ? ? ? 1_555 A C   45 N4    ? ? A G  4   A C   46  1_555 ? ? ? ? ? ? WATSON-CRICK            ? ? 
? 
hydrog10 hydrog ?    ? A C  4  N3  ? ? ? 1_555 A G   44 N1    ? ? A C  5   A G   45  1_555 ? ? ? ? ? ? WATSON-CRICK            ? ? 
? 
hydrog11 hydrog ?    ? A C  4  N4  ? ? ? 1_555 A G   44 O6    ? ? A C  5   A G   45  1_555 ? ? ? ? ? ? WATSON-CRICK            ? ? 
? 
hydrog12 hydrog ?    ? A C  4  O2  ? ? ? 1_555 A G   44 N2    ? ? A C  5   A G   45  1_555 ? ? ? ? ? ? WATSON-CRICK            ? ? 
? 
hydrog13 hydrog ?    ? A C  6  N3  ? ? ? 1_555 A G   43 N1    ? ? A C  7   A G   44  1_555 ? ? ? ? ? ? WATSON-CRICK            ? ? 
? 
hydrog14 hydrog ?    ? A C  6  N4  ? ? ? 1_555 A G   43 O6    ? ? A C  7   A G   44  1_555 ? ? ? ? ? ? WATSON-CRICK            ? ? 
? 
hydrog15 hydrog ?    ? A C  6  O2  ? ? ? 1_555 A G   43 N2    ? ? A C  7   A G   44  1_555 ? ? ? ? ? ? WATSON-CRICK            ? ? 
? 
hydrog16 hydrog ?    ? A U  7  O4  ? ? ? 1_555 A G   40 N2    ? ? A U  8   A G   41  1_555 ? ? ? ? ? ? 'U-G MISPAIR'           ? ? 
? 
hydrog17 hydrog ?    ? A U  7  N3  ? ? ? 1_555 A U   41 O4    ? ? A U  8   A U   42  1_555 ? ? ? ? ? ? TYPE_16_PAIR            ? ? 
? 
hydrog18 hydrog ?    ? A U  7  O2  ? ? ? 1_555 A U   41 N3    ? ? A U  8   A U   42  1_555 ? ? ? ? ? ? TYPE_16_PAIR            ? ? 
? 
hydrog19 hydrog ?    ? A G  8  N1  ? ? ? 1_555 A C   32 O2    ? ? A G  9   A C   33  1_555 ? ? ? ? ? ? 'REVERSED WATSON-CRICK' ? ? 
? 
hydrog20 hydrog ?    ? A G  8  N2  ? ? ? 1_555 A C   32 N3    ? ? A G  9   A C   33  1_555 ? ? ? ? ? ? 'REVERSED WATSON-CRICK' ? ? 
? 
hydrog21 hydrog ?    ? A G  9  N1  ? ? ? 1_555 A U   39 O2    ? ? A G  10  A U   40  1_555 ? ? ? ? ? ? TYPE_28_PAIR            ? ? 
? 
hydrog22 hydrog ?    ? A G  9  O6  ? ? ? 1_555 A U   39 N3    ? ? A G  10  A U   40  1_555 ? ? ? ? ? ? TYPE_28_PAIR            ? ? 
? 
hydrog23 hydrog ?    ? A C  10 N3  ? ? ? 1_555 A G   38 N1    ? ? A C  11  A G   39  1_555 ? ? ? ? ? ? WATSON-CRICK            ? ? 
? 
hydrog24 hydrog ?    ? A C  10 N4  ? ? ? 1_555 A G   38 O6    ? ? A C  11  A G   39  1_555 ? ? ? ? ? ? WATSON-CRICK            ? ? 
? 
hydrog25 hydrog ?    ? A C  10 O2  ? ? ? 1_555 A G   38 N2    ? ? A C  11  A G   39  1_555 ? ? ? ? ? ? WATSON-CRICK            ? ? 
? 
hydrog26 hydrog ?    ? A G  11 N1  ? ? ? 1_555 A C   37 N3    ? ? A G  12  A C   38  1_555 ? ? ? ? ? ? WATSON-CRICK            ? ? 
? 
hydrog27 hydrog ?    ? A G  11 N2  ? ? ? 1_555 A C   37 O2    ? ? A G  12  A C   38  1_555 ? ? ? ? ? ? WATSON-CRICK            ? ? 
? 
hydrog28 hydrog ?    ? A G  11 O6  ? ? ? 1_555 A C   37 N4    ? ? A G  12  A C   38  1_555 ? ? ? ? ? ? WATSON-CRICK            ? ? 
? 
hydrog29 hydrog ?    ? A C  12 N3  ? ? ? 1_555 A G   36 N1    ? ? A C  13  A G   37  1_555 ? ? ? ? ? ? WATSON-CRICK            ? ? 
? 
hydrog30 hydrog ?    ? A C  12 N4  ? ? ? 1_555 A G   36 O6    ? ? A C  13  A G   37  1_555 ? ? ? ? ? ? WATSON-CRICK            ? ? 
? 
hydrog31 hydrog ?    ? A C  12 O2  ? ? ? 1_555 A G   36 N2    ? ? A C  13  A G   37  1_555 ? ? ? ? ? ? WATSON-CRICK            ? ? 
? 
hydrog32 hydrog ?    ? A U  13 O2  ? ? ? 1_555 A A   35 N6    ? ? A U  14  A A   36  1_555 ? ? ? ? ? ? 'U-A PAIR'              ? ? 
? 
hydrog33 hydrog ?    ? A G  14 N1  ? ? ? 1_555 A C   27 N3    ? ? A G  15  A C   28  1_555 ? ? ? ? ? ? WATSON-CRICK            ? ? 
? 
hydrog34 hydrog ?    ? A G  14 N2  ? ? ? 1_555 A C   27 O2    ? ? A G  15  A C   28  1_555 ? ? ? ? ? ? WATSON-CRICK            ? ? 
? 
hydrog35 hydrog ?    ? A G  14 O6  ? ? ? 1_555 A C   27 N4    ? ? A G  15  A C   28  1_555 ? ? ? ? ? ? WATSON-CRICK            ? ? 
? 
hydrog36 hydrog ?    ? A C  15 N3  ? ? ? 1_555 A G   26 N1    ? ? A C  16  A G   27  1_555 ? ? ? ? ? ? WATSON-CRICK            ? ? 
? 
hydrog37 hydrog ?    ? A C  15 N4  ? ? ? 1_555 A G   26 O6    ? ? A C  16  A G   27  1_555 ? ? ? ? ? ? WATSON-CRICK            ? ? 
? 
hydrog38 hydrog ?    ? A C  15 O2  ? ? ? 1_555 A G   26 N2    ? ? A C  16  A G   27  1_555 ? ? ? ? ? ? WATSON-CRICK            ? ? 
? 
hydrog39 hydrog ?    ? A G  16 N1  ? ? ? 1_555 A C   25 N3    ? ? A G  17  A C   26  1_555 ? ? ? ? ? ? WATSON-CRICK            ? ? 
? 
hydrog40 hydrog ?    ? A G  16 N2  ? ? ? 1_555 A C   25 O2    ? ? A G  17  A C   26  1_555 ? ? ? ? ? ? WATSON-CRICK            ? ? 
? 
hydrog41 hydrog ?    ? A G  16 O6  ? ? ? 1_555 A C   25 N4    ? ? A G  17  A C   26  1_555 ? ? ? ? ? ? WATSON-CRICK            ? ? 
? 
hydrog42 hydrog ?    ? A C  17 N3  ? ? ? 1_555 A G   24 N1    ? ? A C  18  A G   25  1_555 ? ? ? ? ? ? WATSON-CRICK            ? ? 
? 
hydrog43 hydrog ?    ? A C  17 N4  ? ? ? 1_555 A G   24 O6    ? ? A C  18  A G   25  1_555 ? ? ? ? ? ? WATSON-CRICK            ? ? 
? 
hydrog44 hydrog ?    ? A C  17 O2  ? ? ? 1_555 A G   24 N2    ? ? A C  18  A G   25  1_555 ? ? ? ? ? ? WATSON-CRICK            ? ? 
? 
hydrog45 hydrog ?    ? A C  18 N3  ? ? ? 1_555 A G   23 N1    ? ? A C  19  A G   24  1_555 ? ? ? ? ? ? WATSON-CRICK            ? ? 
? 
hydrog46 hydrog ?    ? A C  18 N4  ? ? ? 1_555 A G   23 O6    ? ? A C  19  A G   24  1_555 ? ? ? ? ? ? WATSON-CRICK            ? ? 
? 
hydrog47 hydrog ?    ? A C  18 O2  ? ? ? 1_555 A G   23 N2    ? ? A C  19  A G   24  1_555 ? ? ? ? ? ? WATSON-CRICK            ? ? 
? 
hydrog48 hydrog ?    ? A U  31 N3  ? ? ? 1_555 A U   34 O4    ? ? A U  32  A U   35  1_555 ? ? ? ? ? ? 'U-U MISPAIR'           ? ? 
? 
hydrog49 hydrog ?    ? A C  32 N4  ? ? ? 1_555 A U   39 O4    ? ? A C  33  A U   40  1_555 ? ? ? ? ? ? 'C-U MISPAIR'           ? ? 
? 
hydrog50 hydrog ?    ? A G  33 N2  ? ? ? 1_555 A G   38 N7    ? ? A G  34  A G   39  1_555 ? ? ? ? ? ? 'G-G MISPAIR'           ? ? 
? 
# 
loop_
_struct_conn_type.id 
_struct_conn_type.criteria 
_struct_conn_type.reference 
covale ? ? 
metalc ? ? 
hydrog ? ? 
# 
_atom_sites.entry_id                    7EOL 
_atom_sites.Cartn_transf_matrix[1][1]   ? 
_atom_sites.Cartn_transf_matrix[1][2]   ? 
_atom_sites.Cartn_transf_matrix[1][3]   ? 
_atom_sites.Cartn_transf_matrix[2][1]   ? 
_atom_sites.Cartn_transf_matrix[2][2]   ? 
_atom_sites.Cartn_transf_matrix[2][3]   ? 
_atom_sites.Cartn_transf_matrix[3][1]   ? 
_atom_sites.Cartn_transf_matrix[3][2]   ? 
_atom_sites.Cartn_transf_matrix[3][3]   ? 
_atom_sites.Cartn_transf_vector[1]      ? 
_atom_sites.Cartn_transf_vector[2]      ? 
_atom_sites.Cartn_transf_vector[3]      ? 
_atom_sites.fract_transf_matrix[1][1]   -0.01204559 
_atom_sites.fract_transf_matrix[1][2]   -0.00637804 
_atom_sites.fract_transf_matrix[1][3]   -0.00014378 
_atom_sites.fract_transf_matrix[2][1]   0.00773327 
_atom_sites.fract_transf_matrix[2][2]   -0.01512791 
_atom_sites.fract_transf_matrix[2][3]   0.02319403 
_atom_sites.fract_transf_matrix[3][1]   -0.01839421 
_atom_sites.fract_transf_matrix[3][2]   0.00602461 
_atom_sites.fract_transf_matrix[3][3]   0.01006238 
_atom_sites.fract_transf_vector[1]      0.336480 
_atom_sites.fract_transf_vector[2]      0.573972 
_atom_sites.fract_transf_vector[3]      -0.051068 
_atom_sites.solution_primary            ? 
_atom_sites.solution_secondary          ? 
_atom_sites.solution_hydrogens          ? 
_atom_sites.special_details             ? 
# 
loop_
_atom_type.symbol 
C  
MG 
N  
O  
P  
# 
loop_
_atom_site.group_PDB 
_atom_site.id 
_atom_site.type_symbol 
_atom_site.label_atom_id 
_atom_site.label_alt_id 
_atom_site.label_comp_id 
_atom_site.label_asym_id 
_atom_site.label_entity_id 
_atom_site.label_seq_id 
_atom_site.pdbx_PDB_ins_code 
_atom_site.Cartn_x 
_atom_site.Cartn_y 
_atom_site.Cartn_z 
_atom_site.occupancy 
_atom_site.B_iso_or_equiv 
_atom_site.pdbx_formal_charge 
_atom_site.auth_seq_id 
_atom_site.auth_comp_id 
_atom_site.auth_asym_id 
_atom_site.auth_atom_id 
_atom_site.pdbx_PDB_model_num 
ATOM   1    P  P     . G   A 1 1  ? -19.196 9.979   0.212   1.00 26.34  ?  2   G   A P     1 
ATOM   2    O  OP1   . G   A 1 1  ? -19.446 9.144   -0.980  1.00 25.39  ?  2   G   A OP1   1 
ATOM   3    O  OP2   . G   A 1 1  ? -18.291 9.535   1.292   1.00 24.19  ?  2   G   A OP2   1 
ATOM   4    O  "O5'" . G   A 1 1  ? -18.746 11.443  -0.236  1.00 20.76  ?  2   G   A "O5'" 1 
ATOM   5    C  "C5'" . G   A 1 1  ? -19.453 12.165  -1.228  1.00 20.08  ?  2   G   A "C5'" 1 
ATOM   6    C  "C4'" . G   A 1 1  ? -19.024 13.619  -1.277  1.00 23.64  ?  2   G   A "C4'" 1 
ATOM   7    O  "O4'" . G   A 1 1  ? -19.490 14.333  -0.105  1.00 26.54  ?  2   G   A "O4'" 1 
ATOM   8    C  "C3'" . G   A 1 1  ? -17.535 13.885  -1.286  1.00 24.69  ?  2   G   A "C3'" 1 
ATOM   9    O  "O3'" . G   A 1 1  ? -16.949 13.707  -2.564  1.00 31.04  ?  2   G   A "O3'" 1 
ATOM   10   C  "C2'" . G   A 1 1  ? -17.467 15.321  -0.796  1.00 26.21  ?  2   G   A "C2'" 1 
ATOM   11   O  "O2'" . G   A 1 1  ? -17.861 16.205  -1.833  1.00 24.36  ?  2   G   A "O2'" 1 
ATOM   12   C  "C1'" . G   A 1 1  ? -18.553 15.319  0.265   1.00 20.82  ?  2   G   A "C1'" 1 
ATOM   13   N  N9    . G   A 1 1  ? -18.015 14.978  1.603   1.00 24.04  ?  2   G   A N9    1 
ATOM   14   C  C8    . G   A 1 1  ? -18.051 13.730  2.188   1.00 21.37  ?  2   G   A C8    1 
ATOM   15   N  N7    . G   A 1 1  ? -17.493 13.683  3.356   1.00 18.60  ?  2   G   A N7    1 
ATOM   16   C  C5    . G   A 1 1  ? -17.066 14.986  3.588   1.00 19.58  ?  2   G   A C5    1 
ATOM   17   C  C6    . G   A 1 1  ? -16.394 15.543  4.715   1.00 23.65  ?  2   G   A C6    1 
ATOM   18   O  O6    . G   A 1 1  ? -16.022 15.000  5.781   1.00 20.23  ?  2   G   A O6    1 
ATOM   19   N  N1    . G   A 1 1  ? -16.137 16.898  4.524   1.00 22.44  ?  2   G   A N1    1 
ATOM   20   C  C2    . G   A 1 1  ? -16.478 17.625  3.428   1.00 21.80  ?  2   G   A C2    1 
ATOM   21   N  N2    . G   A 1 1  ? -16.108 18.914  3.496   1.00 23.97  ?  2   G   A N2    1 
ATOM   22   N  N3    . G   A 1 1  ? -17.109 17.124  2.373   1.00 19.58  ?  2   G   A N3    1 
ATOM   23   C  C4    . G   A 1 1  ? -17.373 15.803  2.515   1.00 20.17  ?  2   G   A C4    1 
ATOM   24   P  P     . C   A 1 2  ? -15.501 13.034  -2.694  1.00 26.87  ?  3   C   A P     1 
ATOM   25   O  OP1   . C   A 1 2  ? -15.287 12.971  -4.150  1.00 28.87  ?  3   C   A OP1   1 
ATOM   26   O  OP2   . C   A 1 2  ? -15.461 11.815  -1.850  1.00 28.79  ?  3   C   A OP2   1 
ATOM   27   O  "O5'" . C   A 1 2  ? -14.516 14.086  -2.026  1.00 24.48  ?  3   C   A "O5'" 1 
ATOM   28   C  "C5'" . C   A 1 2  ? -14.262 15.337  -2.651  1.00 27.15  ?  3   C   A "C5'" 1 
ATOM   29   C  "C4'" . C   A 1 2  ? -13.516 16.288  -1.740  1.00 25.35  ?  3   C   A "C4'" 1 
ATOM   30   O  "O4'" . C   A 1 2  ? -14.305 16.548  -0.549  1.00 23.86  ?  3   C   A "O4'" 1 
ATOM   31   C  "C3'" . C   A 1 2  ? -12.172 15.831  -1.183  1.00 22.88  ?  3   C   A "C3'" 1 
ATOM   32   O  "O3'" . C   A 1 2  ? -11.098 15.877  -2.121  1.00 23.37  ?  3   C   A "O3'" 1 
ATOM   33   C  "C2'" . C   A 1 2  ? -12.011 16.757  0.024   1.00 21.06  ?  3   C   A "C2'" 1 
ATOM   34   O  "O2'" . C   A 1 2  ? -11.611 18.070  -0.350  1.00 23.07  ?  3   C   A "O2'" 1 
ATOM   35   C  "C1'" . C   A 1 2  ? -13.452 16.833  0.535   1.00 23.00  ?  3   C   A "C1'" 1 
ATOM   36   N  N1    . C   A 1 2  ? -13.648 15.830  1.588   1.00 21.76  ?  3   C   A N1    1 
ATOM   37   C  C2    . C   A 1 2  ? -13.220 16.209  2.863   1.00 23.73  ?  3   C   A C2    1 
ATOM   38   O  O2    . C   A 1 2  ? -12.774 17.370  3.038   1.00 21.93  ?  3   C   A O2    1 
ATOM   39   N  N3    . C   A 1 2  ? -13.308 15.305  3.862   1.00 22.45  ?  3   C   A N3    1 
ATOM   40   C  C4    . C   A 1 2  ? -13.789 14.082  3.618   1.00 23.87  ?  3   C   A C4    1 
ATOM   41   N  N4    . C   A 1 2  ? -13.873 13.233  4.653   1.00 20.92  ?  3   C   A N4    1 
ATOM   42   C  C5    . C   A 1 2  ? -14.214 13.676  2.314   1.00 20.34  ?  3   C   A C5    1 
ATOM   43   C  C6    . C   A 1 2  ? -14.110 14.575  1.327   1.00 22.10  ?  3   C   A C6    1 
ATOM   44   P  P     . G   A 1 3  ? -9.844  14.868  -2.021  1.00 20.75  ?  4   G   A P     1 
ATOM   45   O  OP1   . G   A 1 3  ? -9.111  14.983  -3.273  1.00 26.15  ?  4   G   A OP1   1 
ATOM   46   O  OP2   . G   A 1 3  ? -10.343 13.517  -1.635  1.00 30.62  ?  4   G   A OP2   1 
ATOM   47   O  "O5'" . G   A 1 3  ? -8.948  15.437  -0.821  1.00 20.51  ?  4   G   A "O5'" 1 
ATOM   48   C  "C5'" . G   A 1 3  ? -8.550  16.801  -0.816  1.00 24.84  ?  4   G   A "C5'" 1 
ATOM   49   C  "C4'" . G   A 1 3  ? -8.052  17.278  0.528   1.00 22.58  ?  4   G   A "C4'" 1 
ATOM   50   O  "O4'" . G   A 1 3  ? -9.113  17.194  1.505   1.00 27.62  ?  4   G   A "O4'" 1 
ATOM   51   C  "C3'" . G   A 1 3  ? -6.895  16.514  1.155   1.00 28.48  ?  4   G   A "C3'" 1 
ATOM   52   O  "O3'" . G   A 1 3  ? -5.640  16.928  0.631   1.00 30.90  ?  4   G   A "O3'" 1 
ATOM   53   C  "C2'" . G   A 1 3  ? -7.050  16.847  2.632   1.00 29.18  ?  4   G   A "C2'" 1 
ATOM   54   O  "O2'" . G   A 1 3  ? -6.511  18.135  2.884   1.00 30.36  ?  4   G   A "O2'" 1 
ATOM   55   C  "C1'" . G   A 1 3  ? -8.575  16.930  2.779   1.00 27.69  ?  4   G   A "C1'" 1 
ATOM   56   N  N9    . G   A 1 3  ? -9.182  15.679  3.292   1.00 26.83  ?  4   G   A N9    1 
ATOM   57   C  C8    . G   A 1 3  ? -9.932  14.774  2.568   1.00 24.86  ?  4   G   A C8    1 
ATOM   58   N  N7    . G   A 1 3  ? -10.346 13.752  3.276   1.00 21.41  ?  4   G   A N7    1 
ATOM   59   C  C5    . G   A 1 3  ? -9.826  13.989  4.544   1.00 22.94  ?  4   G   A C5    1 
ATOM   60   C  C6    . G   A 1 3  ? -9.938  13.226  5.747   1.00 25.72  ?  4   G   A C6    1 
ATOM   61   O  O6    . G   A 1 3  ? -10.516 12.155  5.946   1.00 25.51  ?  4   G   A O6    1 
ATOM   62   N  N1    . G   A 1 3  ? -9.288  13.830  6.806   1.00 23.21  ?  4   G   A N1    1 
ATOM   63   C  C2    . G   A 1 3  ? -8.602  15.010  6.722   1.00 24.87  ?  4   G   A C2    1 
ATOM   64   N  N2    . G   A 1 3  ? -8.022  15.416  7.855   1.00 26.11  ?  4   G   A N2    1 
ATOM   65   N  N3    . G   A 1 3  ? -8.479  15.726  5.618   1.00 24.53  ?  4   G   A N3    1 
ATOM   66   C  C4    . G   A 1 3  ? -9.115  15.169  4.571   1.00 21.19  ?  4   G   A C4    1 
ATOM   67   P  P     . C   A 1 4  ? -4.467  15.878  0.307   1.00 25.64  ?  5   C   A P     1 
ATOM   68   O  OP1   . C   A 1 4  ? -3.396  16.641  -0.378  1.00 30.35  ?  5   C   A OP1   1 
ATOM   69   O  OP2   . C   A 1 4  ? -5.030  14.674  -0.325  1.00 26.26  ?  5   C   A OP2   1 
ATOM   70   O  "O5'" . C   A 1 4  ? -3.885  15.479  1.738   1.00 28.80  ?  5   C   A "O5'" 1 
ATOM   71   C  "C5'" . C   A 1 4  ? -3.237  16.449  2.548   1.00 26.28  ?  5   C   A "C5'" 1 
ATOM   72   C  "C4'" . C   A 1 4  ? -3.151  16.025  3.995   1.00 30.63  ?  5   C   A "C4'" 1 
ATOM   73   O  "O4'" . C   A 1 4  ? -4.462  15.708  4.517   1.00 30.49  ?  5   C   A "O4'" 1 
ATOM   74   C  "C3'" . C   A 1 4  ? -2.318  14.786  4.275   1.00 29.77  ?  5   C   A "C3'" 1 
ATOM   75   O  "O3'" . C   A 1 4  ? -0.940  15.107  4.376   1.00 29.62  ?  5   C   A "O3'" 1 
ATOM   76   C  "C2'" . C   A 1 4  ? -2.906  14.239  5.579   1.00 23.46  ?  5   C   A "C2'" 1 
ATOM   77   O  "O2'" . C   A 1 4  ? -2.285  14.823  6.714   1.00 27.03  ?  5   C   A "O2'" 1 
ATOM   78   C  "C1'" . C   A 1 4  ? -4.355  14.724  5.523   1.00 26.93  ?  5   C   A "C1'" 1 
ATOM   79   N  N1    . C   A 1 4  ? -5.337  13.647  5.269   1.00 24.58  ?  5   C   A N1    1 
ATOM   80   C  C2    . C   A 1 4  ? -5.661  12.744  6.299   1.00 25.54  ?  5   C   A C2    1 
ATOM   81   O  O2    . C   A 1 4  ? -5.085  12.825  7.398   1.00 22.05  ?  5   C   A O2    1 
ATOM   82   N  N3    . C   A 1 4  ? -6.579  11.779  6.064   1.00 22.55  ?  5   C   A N3    1 
ATOM   83   C  C4    . C   A 1 4  ? -7.177  11.705  4.878   1.00 21.96  ?  5   C   A C4    1 
ATOM   84   N  N4    . C   A 1 4  ? -8.084  10.746  4.681   1.00 21.68  ?  5   C   A N4    1 
ATOM   85   C  C5    . C   A 1 4  ? -6.876  12.623  3.835   1.00 24.62  ?  5   C   A C5    1 
ATOM   86   C  C6    . C   A 1 4  ? -5.964  13.567  4.071   1.00 23.01  ?  5   C   A C6    1 
ATOM   87   P  P     . A   A 1 5  ? 0.140   14.452  3.389   1.00 28.27  ?  6   A   A P     1 
ATOM   88   O  OP1   . A   A 1 5  ? 1.431   15.063  3.775   1.00 30.35  ?  6   A   A OP1   1 
ATOM   89   O  OP2   . A   A 1 5  ? -0.309  14.478  1.979   1.00 28.97  ?  6   A   A OP2   1 
ATOM   90   O  "O5'" . A   A 1 5  ? 0.187   12.935  3.842   1.00 29.87  ?  6   A   A "O5'" 1 
ATOM   91   C  "C5'" . A   A 1 5  ? 0.560   12.574  5.172   1.00 30.46  ?  6   A   A "C5'" 1 
ATOM   92   C  "C4'" . A   A 1 5  ? 0.067   11.194  5.509   1.00 27.13  ?  6   A   A "C4'" 1 
ATOM   93   O  "O4'" . A   A 1 5  ? -1.314  11.130  5.100   1.00 27.12  ?  6   A   A "O4'" 1 
ATOM   94   C  "C3'" . A   A 1 5  ? 0.779   10.069  4.763   1.00 29.67  ?  6   A   A "C3'" 1 
ATOM   95   O  "O3'" . A   A 1 5  ? 0.717   8.867   5.519   1.00 31.46  ?  6   A   A "O3'" 1 
ATOM   96   C  "C2'" . A   A 1 5  ? -0.074  9.894   3.525   1.00 25.22  ?  6   A   A "C2'" 1 
ATOM   97   O  "O2'" . A   A 1 5  ? 0.005   8.604   2.965   1.00 29.74  ?  6   A   A "O2'" 1 
ATOM   98   C  "C1'" . A   A 1 5  ? -1.469  10.180  4.068   1.00 28.56  ?  6   A   A "C1'" 1 
ATOM   99   N  N9    . A   A 1 5  ? -2.350  10.775  3.071   1.00 26.41  ?  6   A   A N9    1 
ATOM   100  C  C8    . A   A 1 5  ? -2.024  11.722  2.140   1.00 25.94  ?  6   A   A C8    1 
ATOM   101  N  N7    . A   A 1 5  ? -3.040  12.048  1.374   1.00 28.64  ?  6   A   A N7    1 
ATOM   102  C  C5    . A   A 1 5  ? -4.074  11.267  1.836   1.00 24.29  ?  6   A   A C5    1 
ATOM   103  C  C6    . A   A 1 5  ? -5.409  11.149  1.431   1.00 23.29  ?  6   A   A C6    1 
ATOM   104  N  N6    . A   A 1 5  ? -5.939  11.863  0.429   1.00 18.87  ?  6   A   A N6    1 
ATOM   105  N  N1    . A   A 1 5  ? -6.165  10.252  2.105   1.00 20.11  ?  6   A   A N1    1 
ATOM   106  C  C2    . A   A 1 5  ? -5.615  9.548   3.103   1.00 24.41  ?  6   A   A C2    1 
ATOM   107  N  N3    . A   A 1 5  ? -4.373  9.584   3.593   1.00 20.31  ?  6   A   A N3    1 
ATOM   108  C  C4    . A   A 1 5  ? -3.657  10.468  2.887   1.00 23.16  ?  6   A   A C4    1 
ATOM   109  P  P     . C   A 1 6  ? 1.793   8.601   6.660   1.00 22.29  ?  7   C   A P     1 
ATOM   110  O  OP1   . C   A 1 6  ? 2.973   9.429   6.379   1.00 26.95  ?  7   C   A OP1   1 
ATOM   111  O  OP2   . C   A 1 6  ? 1.965   7.143   6.844   1.00 24.90  ?  7   C   A OP2   1 
ATOM   112  O  "O5'" . C   A 1 6  ? 1.074   9.240   7.927   1.00 27.82  ?  7   C   A "O5'" 1 
ATOM   113  C  "C5'" . C   A 1 6  ? 1.703   9.277   9.194   1.00 27.50  ?  7   C   A "C5'" 1 
ATOM   114  C  "C4'" . C   A 1 6  ? 0.798   8.706   10.254  1.00 27.41  ?  7   C   A "C4'" 1 
ATOM   115  O  "O4'" . C   A 1 6  ? -0.446  9.447   10.289  1.00 31.30  ?  7   C   A "O4'" 1 
ATOM   116  C  "C3'" . C   A 1 6  ? 0.371   7.257   10.068  1.00 27.68  ?  7   C   A "C3'" 1 
ATOM   117  O  "O3'" . C   A 1 6  ? 1.353   6.358   10.563  1.00 27.73  ?  7   C   A "O3'" 1 
ATOM   118  C  "C2'" . C   A 1 6  ? -0.922  7.197   10.854  1.00 25.35  ?  7   C   A "C2'" 1 
ATOM   119  O  "O2'" . C   A 1 6  ? -0.619  7.081   12.229  1.00 30.70  ?  7   C   A "O2'" 1 
ATOM   120  C  "C1'" . C   A 1 6  ? -1.510  8.589   10.607  1.00 28.75  ?  7   C   A "C1'" 1 
ATOM   121  N  N1    . C   A 1 6  ? -2.474  8.611   9.482   1.00 27.99  ?  7   C   A N1    1 
ATOM   122  C  C2    . C   A 1 6  ? -3.722  7.996   9.627   1.00 28.13  ?  7   C   A C2    1 
ATOM   123  O  O2    . C   A 1 6  ? -4.002  7.450   10.697  1.00 27.36  ?  7   C   A O2    1 
ATOM   124  N  N3    . C   A 1 6  ? -4.597  7.999   8.600   1.00 27.14  ?  7   C   A N3    1 
ATOM   125  C  C4    . C   A 1 6  ? -4.281  8.593   7.458   1.00 25.90  ?  7   C   A C4    1 
ATOM   126  N  N4    . C   A 1 6  ? -5.194  8.569   6.472   1.00 29.18  ?  7   C   A N4    1 
ATOM   127  C  C5    . C   A 1 6  ? -3.025  9.240   7.283   1.00 23.50  ?  7   C   A C5    1 
ATOM   128  C  C6    . C   A 1 6  ? -2.162  9.222   8.305   1.00 26.34  ?  7   C   A C6    1 
ATOM   129  P  P     . U   A 1 7  ? 1.426   4.825   10.091  1.00 24.54  ?  8   U   A P     1 
ATOM   130  O  OP1   . U   A 1 7  ? 2.176   4.131   11.170  1.00 24.17  ?  8   U   A OP1   1 
ATOM   131  O  OP2   . U   A 1 7  ? 1.855   4.765   8.681   1.00 25.66  ?  8   U   A OP2   1 
ATOM   132  O  "O5'" . U   A 1 7  ? -0.090  4.334   10.008  1.00 31.86  ?  8   U   A "O5'" 1 
ATOM   133  C  "C5'" . U   A 1 7  ? -0.779  3.692   11.079  1.00 27.60  ?  8   U   A "C5'" 1 
ATOM   134  C  "C4'" . U   A 1 7  ? -2.169  3.278   10.634  1.00 29.10  ?  8   U   A "C4'" 1 
ATOM   135  O  "O4'" . U   A 1 7  ? -2.876  4.434   10.098  1.00 32.61  ?  8   U   A "O4'" 1 
ATOM   136  C  "C3'" . U   A 1 7  ? -2.211  2.253   9.510   1.00 33.10  ?  8   U   A "C3'" 1 
ATOM   137  O  "O3'" . U   A 1 7  ? -2.153  0.921   9.975   1.00 30.86  ?  8   U   A "O3'" 1 
ATOM   138  C  "C2'" . U   A 1 7  ? -3.507  2.567   8.778   1.00 27.48  ?  8   U   A "C2'" 1 
ATOM   139  O  "O2'" . U   A 1 7  ? -4.597  1.979   9.448   1.00 29.30  ?  8   U   A "O2'" 1 
ATOM   140  C  "C1'" . U   A 1 7  ? -3.591  4.079   8.933   1.00 31.27  ?  8   U   A "C1'" 1 
ATOM   141  N  N1    . U   A 1 7  ? -2.985  4.799   7.782   1.00 28.97  ?  8   U   A N1    1 
ATOM   142  C  C2    . U   A 1 7  ? -3.777  5.029   6.693   1.00 27.03  ?  8   U   A C2    1 
ATOM   143  O  O2    . U   A 1 7  ? -4.928  4.650   6.666   1.00 30.04  ?  8   U   A O2    1 
ATOM   144  N  N3    . U   A 1 7  ? -3.182  5.712   5.652   1.00 27.42  ?  8   U   A N3    1 
ATOM   145  C  C4    . U   A 1 7  ? -1.891  6.185   5.597   1.00 27.57  ?  8   U   A C4    1 
ATOM   146  O  O4    . U   A 1 7  ? -1.494  6.795   4.595   1.00 29.55  ?  8   U   A O4    1 
ATOM   147  C  C5    . U   A 1 7  ? -1.120  5.902   6.772   1.00 27.00  ?  8   U   A C5    1 
ATOM   148  C  C6    . U   A 1 7  ? -1.681  5.240   7.788   1.00 27.11  ?  8   U   A C6    1 
ATOM   149  P  P     . G   A 1 8  ? -0.893  0.020   9.589   1.00 28.46  ?  9   G   A P     1 
ATOM   150  O  OP1   . G   A 1 8  ? -1.218  -1.371  9.960   1.00 35.06  ?  9   G   A OP1   1 
ATOM   151  O  OP2   . G   A 1 8  ? 0.325   0.715   10.069  1.00 27.42  ?  9   G   A OP2   1 
ATOM   152  O  "O5'" . G   A 1 8  ? -0.853  0.093   8.010   1.00 34.63  ?  9   G   A "O5'" 1 
ATOM   153  C  "C5'" . G   A 1 8  ? -1.917  -0.433  7.236   1.00 28.61  ?  9   G   A "C5'" 1 
ATOM   154  C  "C4'" . G   A 1 8  ? -1.578  -0.357  5.774   1.00 31.60  ?  9   G   A "C4'" 1 
ATOM   155  O  "O4'" . G   A 1 8  ? -1.358  1.038   5.410   1.00 31.46  ?  9   G   A "O4'" 1 
ATOM   156  C  "C3'" . G   A 1 8  ? -0.312  -1.112  5.359   1.00 28.60  ?  9   G   A "C3'" 1 
ATOM   157  O  "O3'" . G   A 1 8  ? -0.516  -1.730  4.091   1.00 32.55  ?  9   G   A "O3'" 1 
ATOM   158  C  "C2'" . G   A 1 8  ? 0.715   0.000   5.194   1.00 29.68  ?  9   G   A "C2'" 1 
ATOM   159  O  "O2'" . G   A 1 8  ? 1.752   -0.301  4.283   1.00 30.42  ?  9   G   A "O2'" 1 
ATOM   160  C  "C1'" . G   A 1 8  ? -0.158  1.138   4.684   1.00 28.38  ?  9   G   A "C1'" 1 
ATOM   161  N  N9    . G   A 1 8  ? 0.429   2.474   4.843   1.00 25.94  ?  9   G   A N9    1 
ATOM   162  C  C8    . G   A 1 8  ? 1.112   2.999   5.910   1.00 26.37  ?  9   G   A C8    1 
ATOM   163  N  N7    . G   A 1 8  ? 1.545   4.209   5.702   1.00 26.56  ?  9   G   A N7    1 
ATOM   164  C  C5    . G   A 1 8  ? 1.149   4.482   4.406   1.00 24.58  ?  9   G   A C5    1 
ATOM   165  C  C6    . G   A 1 8  ? 1.315   5.641   3.623   1.00 26.03  ?  9   G   A C6    1 
ATOM   166  O  O6    . G   A 1 8  ? 1.889   6.692   3.933   1.00 31.38  ?  9   G   A O6    1 
ATOM   167  N  N1    . G   A 1 8  ? 0.747   5.499   2.363   1.00 23.09  ?  9   G   A N1    1 
ATOM   168  C  C2    . G   A 1 8  ? 0.092   4.378   1.909   1.00 24.97  ?  9   G   A C2    1 
ATOM   169  N  N2    . G   A 1 8  ? -0.399  4.403   0.661   1.00 23.42  ?  9   G   A N2    1 
ATOM   170  N  N3    . G   A 1 8  ? -0.077  3.296   2.641   1.00 27.56  ?  9   G   A N3    1 
ATOM   171  C  C4    . G   A 1 8  ? 0.470   3.424   3.866   1.00 24.40  ?  9   G   A C4    1 
ATOM   172  P  P     . G   A 1 9  ? -0.143  -3.277  3.866   1.00 29.45  ?  10  G   A P     1 
ATOM   173  O  OP1   . G   A 1 9  ? 0.548   -3.794  5.064   1.00 36.33  ?  10  G   A OP1   1 
ATOM   174  O  OP2   . G   A 1 9  ? 0.501   -3.433  2.551   1.00 36.92  ?  10  G   A OP2   1 
ATOM   175  O  "O5'" . G   A 1 9  ? -1.564  -3.972  3.781   1.00 35.12  ?  10  G   A "O5'" 1 
ATOM   176  C  "C5'" . G   A 1 9  ? -2.493  -3.855  4.844   1.00 29.94  ?  10  G   A "C5'" 1 
ATOM   177  C  "C4'" . G   A 1 9  ? -3.867  -3.531  4.327   1.00 30.56  ?  10  G   A "C4'" 1 
ATOM   178  O  "O4'" . G   A 1 9  ? -3.978  -2.106  4.096   1.00 31.35  ?  10  G   A "O4'" 1 
ATOM   179  C  "C3'" . G   A 1 9  ? -4.231  -4.146  2.986   1.00 32.86  ?  10  G   A "C3'" 1 
ATOM   180  O  "O3'" . G   A 1 9  ? -4.640  -5.498  3.087   1.00 31.56  ?  10  G   A "O3'" 1 
ATOM   181  C  "C2'" . G   A 1 9  ? -5.326  -3.225  2.486   1.00 28.08  ?  10  G   A "C2'" 1 
ATOM   182  O  "O2'" . G   A 1 9  ? -6.556  -3.553  3.101   1.00 30.13  ?  10  G   A "O2'" 1 
ATOM   183  C  "C1'" . G   A 1 9  ? -4.860  -1.868  3.022   1.00 32.47  ?  10  G   A "C1'" 1 
ATOM   184  N  N9    . G   A 1 9  ? -4.166  -1.080  1.991   1.00 30.53  ?  10  G   A N9    1 
ATOM   185  C  C8    . G   A 1 9  ? -2.826  -0.811  1.906   1.00 28.89  ?  10  G   A C8    1 
ATOM   186  N  N7    . G   A 1 9  ? -2.526  -0.087  0.860   1.00 31.99  ?  10  G   A N7    1 
ATOM   187  C  C5    . G   A 1 9  ? -3.741  0.137   0.214   1.00 32.09  ?  10  G   A C5    1 
ATOM   188  C  C6    . G   A 1 9  ? -4.045  0.854   -0.983  1.00 32.93  ?  10  G   A C6    1 
ATOM   189  O  O6    . G   A 1 9  ? -3.279  1.472   -1.742  1.00 29.09  ?  10  G   A O6    1 
ATOM   190  N  N1    . G   A 1 9  ? -5.407  0.815   -1.265  1.00 29.82  ?  10  G   A N1    1 
ATOM   191  C  C2    . G   A 1 9  ? -6.341  0.164   -0.495  1.00 29.70  ?  10  G   A C2    1 
ATOM   192  N  N2    . G   A 1 9  ? -7.603  0.231   -0.933  1.00 28.51  ?  10  G   A N2    1 
ATOM   193  N  N3    . G   A 1 9  ? -6.077  -0.504  0.613   1.00 27.12  ?  10  G   A N3    1 
ATOM   194  C  C4    . G   A 1 9  ? -4.765  -0.477  0.906   1.00 29.71  ?  10  G   A C4    1 
ATOM   195  P  P     . C   A 1 10 ? -4.378  -6.513  1.869   1.00 37.71  ?  11  C   A P     1 
ATOM   196  O  OP1   . C   A 1 10 ? -4.876  -7.828  2.350   1.00 37.57  ?  11  C   A OP1   1 
ATOM   197  O  OP2   . C   A 1 10 ? -2.988  -6.378  1.372   1.00 30.12  ?  11  C   A OP2   1 
ATOM   198  O  "O5'" . C   A 1 10 ? -5.272  -5.958  0.665   1.00 34.02  ?  11  C   A "O5'" 1 
ATOM   199  C  "C5'" . C   A 1 10 ? -6.692  -5.993  0.702   1.00 27.71  ?  11  C   A "C5'" 1 
ATOM   200  C  "C4'" . C   A 1 10 ? -7.289  -5.222  -0.448  1.00 31.90  ?  11  C   A "C4'" 1 
ATOM   201  O  "O4'" . C   A 1 10 ? -6.908  -3.821  -0.365  1.00 31.65  ?  11  C   A "O4'" 1 
ATOM   202  C  "C3'" . C   A 1 10 ? -6.838  -5.632  -1.842  1.00 38.42  ?  11  C   A "C3'" 1 
ATOM   203  O  "O3'" . C   A 1 10 ? -7.488  -6.793  -2.325  1.00 36.76  ?  11  C   A "O3'" 1 
ATOM   204  C  "C2'" . C   A 1 10 ? -7.142  -4.385  -2.657  1.00 34.26  ?  11  C   A "C2'" 1 
ATOM   205  O  "O2'" . C   A 1 10 ? -8.538  -4.287  -2.906  1.00 35.09  ?  11  C   A "O2'" 1 
ATOM   206  C  "C1'" . C   A 1 10 ? -6.768  -3.285  -1.667  1.00 32.95  ?  11  C   A "C1'" 1 
ATOM   207  N  N1    . C   A 1 10 ? -5.375  -2.821  -1.861  1.00 29.44  ?  11  C   A N1    1 
ATOM   208  C  C2    . C   A 1 10 ? -5.125  -1.902  -2.882  1.00 29.57  ?  11  C   A C2    1 
ATOM   209  O  O2    . C   A 1 10 ? -6.072  -1.508  -3.579  1.00 32.68  ?  11  C   A O2    1 
ATOM   210  N  N3    . C   A 1 10 ? -3.865  -1.459  -3.092  1.00 30.90  ?  11  C   A N3    1 
ATOM   211  C  C4    . C   A 1 10 ? -2.862  -1.896  -2.321  1.00 34.34  ?  11  C   A C4    1 
ATOM   212  N  N4    . C   A 1 10 ? -1.630  -1.426  -2.566  1.00 27.71  ?  11  C   A N4    1 
ATOM   213  C  C5    . C   A 1 10 ? -3.085  -2.839  -1.267  1.00 29.59  ?  11  C   A C5    1 
ATOM   214  C  C6    . C   A 1 10 ? -4.345  -3.264  -1.079  1.00 32.01  ?  11  C   A C6    1 
ATOM   215  P  P     . G   A 1 11 ? -6.688  -7.827  -3.250  1.00 35.90  ?  12  G   A P     1 
ATOM   216  O  OP1   . G   A 1 11 ? -7.470  -9.082  -3.237  1.00 40.13  ?  12  G   A OP1   1 
ATOM   217  O  OP2   . G   A 1 11 ? -5.255  -7.796  -2.876  1.00 37.71  ?  12  G   A OP2   1 
ATOM   218  O  "O5'" . G   A 1 11 ? -6.756  -7.210  -4.708  1.00 39.58  ?  12  G   A "O5'" 1 
ATOM   219  C  "C5'" . G   A 1 11 ? -8.002  -6.950  -5.327  1.00 42.56  ?  12  G   A "C5'" 1 
ATOM   220  C  "C4'" . G   A 1 11 ? -7.824  -6.157  -6.594  1.00 41.34  ?  12  G   A "C4'" 1 
ATOM   221  O  "O4'" . G   A 1 11 ? -7.329  -4.829  -6.285  1.00 38.59  ?  12  G   A "O4'" 1 
ATOM   222  C  "C3'" . G   A 1 11 ? -6.809  -6.697  -7.586  1.00 41.63  ?  12  G   A "C3'" 1 
ATOM   223  O  "O3'" . G   A 1 11 ? -7.312  -7.759  -8.372  1.00 43.74  ?  12  G   A "O3'" 1 
ATOM   224  C  "C2'" . G   A 1 11 ? -6.468  -5.463  -8.405  1.00 42.14  ?  12  G   A "C2'" 1 
ATOM   225  O  "O2'" . G   A 1 11 ? -7.517  -5.201  -9.320  1.00 43.35  ?  12  G   A "O2'" 1 
ATOM   226  C  "C1'" . G   A 1 11 ? -6.493  -4.377  -7.333  1.00 39.81  ?  12  G   A "C1'" 1 
ATOM   227  N  N9    . G   A 1 11 ? -5.156  -4.112  -6.788  1.00 33.35  ?  12  G   A N9    1 
ATOM   228  C  C8    . G   A 1 11 ? -4.675  -4.515  -5.570  1.00 33.48  ?  12  G   A C8    1 
ATOM   229  N  N7    . G   A 1 11 ? -3.456  -4.125  -5.359  1.00 33.65  ?  12  G   A N7    1 
ATOM   230  C  C5    . G   A 1 11 ? -3.110  -3.431  -6.514  1.00 32.29  ?  12  G   A C5    1 
ATOM   231  C  C6    . G   A 1 11 ? -1.905  -2.775  -6.866  1.00 32.57  ?  12  G   A C6    1 
ATOM   232  O  O6    . G   A 1 11 ? -0.866  -2.666  -6.207  1.00 32.54  ?  12  G   A O6    1 
ATOM   233  N  N1    . G   A 1 11 ? -1.985  -2.197  -8.125  1.00 34.88  ?  12  G   A N1    1 
ATOM   234  C  C2    . G   A 1 11 ? -3.088  -2.247  -8.939  1.00 32.98  ?  12  G   A C2    1 
ATOM   235  N  N2    . G   A 1 11 ? -2.977  -1.632  -10.113 1.00 31.44  ?  12  G   A N2    1 
ATOM   236  N  N3    . G   A 1 11 ? -4.220  -2.846  -8.619  1.00 37.49  ?  12  G   A N3    1 
ATOM   237  C  C4    . G   A 1 11 ? -4.156  -3.415  -7.401  1.00 32.98  ?  12  G   A C4    1 
ATOM   238  P  P     . C   A 1 12 ? -6.339  -8.968  -8.766  1.00 44.39  ?  13  C   A P     1 
ATOM   239  O  OP1   . C   A 1 12 ? -7.151  -10.049 -9.369  1.00 45.94  ?  13  C   A OP1   1 
ATOM   240  O  OP2   . C   A 1 12 ? -5.489  -9.256  -7.584  1.00 47.35  ?  13  C   A OP2   1 
ATOM   241  O  "O5'" . C   A 1 12 ? -5.390  -8.343  -9.878  1.00 41.05  ?  13  C   A "O5'" 1 
ATOM   242  C  "C5'" . C   A 1 12 ? -5.943  -7.714  -11.022 1.00 45.31  ?  13  C   A "C5'" 1 
ATOM   243  C  "C4'" . C   A 1 12 ? -4.923  -6.865  -11.734 1.00 45.08  ?  13  C   A "C4'" 1 
ATOM   244  O  "O4'" . C   A 1 12 ? -4.458  -5.800  -10.866 1.00 42.78  ?  13  C   A "O4'" 1 
ATOM   245  C  "C3'" . C   A 1 12 ? -3.648  -7.571  -12.161 1.00 43.80  ?  13  C   A "C3'" 1 
ATOM   246  O  "O3'" . C   A 1 12 ? -3.822  -8.301  -13.362 1.00 48.69  ?  13  C   A "O3'" 1 
ATOM   247  C  "C2'" . C   A 1 12 ? -2.666  -6.418  -12.301 1.00 38.11  ?  13  C   A "C2'" 1 
ATOM   248  O  "O2'" . C   A 1 12 ? -2.879  -5.747  -13.528 1.00 43.45  ?  13  C   A "O2'" 1 
ATOM   249  C  "C1'" . C   A 1 12 ? -3.116  -5.486  -11.177 1.00 36.56  ?  13  C   A "C1'" 1 
ATOM   250  N  N1    . C   A 1 12 ? -2.288  -5.637  -9.963  1.00 39.09  ?  13  C   A N1    1 
ATOM   251  C  C2    . C   A 1 12 ? -1.006  -5.079  -9.939  1.00 32.54  ?  13  C   A C2    1 
ATOM   252  O  O2    . C   A 1 12 ? -0.574  -4.468  -10.922 1.00 37.41  ?  13  C   A O2    1 
ATOM   253  N  N3    . C   A 1 12 ? -0.254  -5.216  -8.840  1.00 33.00  ?  13  C   A N3    1 
ATOM   254  C  C4    . C   A 1 12 ? -0.725  -5.875  -7.781  1.00 37.59  ?  13  C   A C4    1 
ATOM   255  N  N4    . C   A 1 12 ? 0.073   -5.980  -6.714  1.00 33.59  ?  13  C   A N4    1 
ATOM   256  C  C5    . C   A 1 12 ? -2.028  -6.456  -7.767  1.00 35.25  ?  13  C   A C5    1 
ATOM   257  C  C6    . C   A 1 12 ? -2.770  -6.311  -8.872  1.00 38.17  ?  13  C   A C6    1 
ATOM   258  P  P     . U   A 1 13 ? -3.114  -9.730  -13.578 1.00 51.99  ?  14  U   A P     1 
ATOM   259  O  OP1   . U   A 1 13 ? -3.562  -10.215 -14.904 1.00 58.32  ?  14  U   A OP1   1 
ATOM   260  O  OP2   . U   A 1 13 ? -3.356  -10.577 -12.381 1.00 43.83  ?  14  U   A OP2   1 
ATOM   261  O  "O5'" . U   A 1 13 ? -1.558  -9.395  -13.724 1.00 46.46  ?  14  U   A "O5'" 1 
ATOM   262  C  "C5'" . U   A 1 13 ? -1.056  -8.790  -14.912 1.00 50.83  ?  14  U   A "C5'" 1 
ATOM   263  C  "C4'" . U   A 1 13 ? 0.352   -8.265  -14.736 1.00 52.55  ?  14  U   A "C4'" 1 
ATOM   264  O  "O4'" . U   A 1 13 ? 0.398   -7.332  -13.617 1.00 49.51  ?  14  U   A "O4'" 1 
ATOM   265  C  "C3'" . U   A 1 13 ? 1.412   -9.303  -14.399 1.00 52.20  ?  14  U   A "C3'" 1 
ATOM   266  O  "O3'" . U   A 1 13 ? 1.895   -9.997  -15.539 1.00 50.66  ?  14  U   A "O3'" 1 
ATOM   267  C  "C2'" . U   A 1 13 ? 2.473   -8.476  -13.688 1.00 49.50  ?  14  U   A "C2'" 1 
ATOM   268  O  "O2'" . U   A 1 13 ? 3.249   -7.761  -14.638 1.00 50.01  ?  14  U   A "O2'" 1 
ATOM   269  C  "C1'" . U   A 1 13 ? 1.610   -7.481  -12.909 1.00 43.49  ?  14  U   A "C1'" 1 
ATOM   270  N  N1    . U   A 1 13 ? 1.282   -7.960  -11.539 1.00 41.82  ?  14  U   A N1    1 
ATOM   271  C  C2    . U   A 1 13 ? 2.196   -7.853  -10.496 1.00 42.03  ?  14  U   A C2    1 
ATOM   272  O  O2    . U   A 1 13 ? 3.321   -7.381  -10.609 1.00 38.11  ?  14  U   A O2    1 
ATOM   273  N  N3    . U   A 1 13 ? 1.744   -8.340  -9.292  1.00 35.39  ?  14  U   A N3    1 
ATOM   274  C  C4    . U   A 1 13 ? 0.514   -8.912  -9.009  1.00 42.11  ?  14  U   A C4    1 
ATOM   275  O  O4    . U   A 1 13 ? 0.237   -9.309  -7.869  1.00 45.26  ?  14  U   A O4    1 
ATOM   276  C  C5    . U   A 1 13 ? -0.363  -8.980  -10.127 1.00 43.07  ?  14  U   A C5    1 
ATOM   277  C  C6    . U   A 1 13 ? 0.046   -8.510  -11.306 1.00 43.39  ?  14  U   A C6    1 
ATOM   278  P  P     . G   A 1 14 ? 2.201   -11.571 -15.440 1.00 50.63  ?  15  G   A P     1 
ATOM   279  O  OP1   . G   A 1 14 ? 1.946   -12.243 -16.732 1.00 45.66  ?  15  G   A OP1   1 
ATOM   280  O  OP2   . G   A 1 14 ? 1.548   -12.079 -14.208 1.00 50.60  ?  15  G   A OP2   1 
ATOM   281  O  "O5'" . G   A 1 14 ? 3.768   -11.638 -15.192 1.00 52.48  ?  15  G   A "O5'" 1 
ATOM   282  C  "C5'" . G   A 1 14 ? 4.311   -11.446 -13.897 1.00 47.03  ?  15  G   A "C5'" 1 
ATOM   283  C  "C4'" . G   A 1 14 ? 5.682   -10.841 -13.990 1.00 52.22  ?  15  G   A "C4'" 1 
ATOM   284  O  "O4'" . G   A 1 14 ? 5.664   -9.479  -13.469 1.00 54.07  ?  15  G   A "O4'" 1 
ATOM   285  C  "C3'" . G   A 1 14 ? 6.771   -11.505 -13.166 1.00 55.42  ?  15  G   A "C3'" 1 
ATOM   286  O  "O3'" . G   A 1 14 ? 7.181   -12.788 -13.631 1.00 54.88  ?  15  G   A "O3'" 1 
ATOM   287  C  "C2'" . G   A 1 14 ? 7.800   -10.392 -13.092 1.00 51.45  ?  15  G   A "C2'" 1 
ATOM   288  O  "O2'" . G   A 1 14 ? 8.348   -10.138 -14.380 1.00 56.60  ?  15  G   A "O2'" 1 
ATOM   289  C  "C1'" . G   A 1 14 ? 6.871   -9.230  -12.766 1.00 43.79  ?  15  G   A "C1'" 1 
ATOM   290  N  N9    . G   A 1 14 ? 6.549   -9.219  -11.323 1.00 40.15  ?  15  G   A N9    1 
ATOM   291  C  C8    . G   A 1 14 ? 5.382   -9.656  -10.730 1.00 39.17  ?  15  G   A C8    1 
ATOM   292  N  N7    . G   A 1 14 ? 5.390   -9.549  -9.424  1.00 39.52  ?  15  G   A N7    1 
ATOM   293  C  C5    . G   A 1 14 ? 6.640   -9.011  -9.140  1.00 36.22  ?  15  G   A C5    1 
ATOM   294  C  C6    . G   A 1 14 ? 7.230   -8.671  -7.905  1.00 36.15  ?  15  G   A C6    1 
ATOM   295  O  O6    . G   A 1 14 ? 6.751   -8.766  -6.770  1.00 39.96  ?  15  G   A O6    1 
ATOM   296  N  N1    . G   A 1 14 ? 8.510   -8.166  -8.068  1.00 37.45  ?  15  G   A N1    1 
ATOM   297  C  C2    . G   A 1 14 ? 9.146   -8.001  -9.272  1.00 38.18  ?  15  G   A C2    1 
ATOM   298  N  N2    . G   A 1 14 ? 10.382  -7.484  -9.237  1.00 33.20  ?  15  G   A N2    1 
ATOM   299  N  N3    . G   A 1 14 ? 8.605   -8.317  -10.429 1.00 39.48  ?  15  G   A N3    1 
ATOM   300  C  C4    . G   A 1 14 ? 7.364   -8.812  -10.292 1.00 37.74  ?  15  G   A C4    1 
ATOM   301  P  P     . C   A 1 15 ? 8.603   -13.095 -14.302 1.00 62.41  ?  16  C   A P     1 
ATOM   302  O  OP1   . C   A 1 15 ? 8.773   -12.253 -15.518 1.00 61.57  ?  16  C   A OP1   1 
ATOM   303  O  OP2   . C   A 1 15 ? 8.660   -14.576 -14.387 1.00 65.11  ?  16  C   A OP2   1 
ATOM   304  O  "O5'" . C   A 1 15 ? 9.701   -12.670 -13.231 1.00 63.32  ?  16  C   A "O5'" 1 
ATOM   305  C  "C5'" . C   A 1 15 ? 11.032  -12.425 -13.660 1.00 61.25  ?  16  C   A "C5'" 1 
ATOM   306  C  "C4'" . C   A 1 15 ? 11.883  -11.790 -12.588 1.00 61.37  ?  16  C   A "C4'" 1 
ATOM   307  O  "O4'" . C   A 1 15 ? 11.096  -10.889 -11.768 1.00 57.53  ?  16  C   A "O4'" 1 
ATOM   308  C  "C3'" . C   A 1 15 ? 12.518  -12.734 -11.587 1.00 53.55  ?  16  C   A "C3'" 1 
ATOM   309  O  "O3'" . C   A 1 15 ? 13.666  -13.368 -12.115 1.00 62.40  ?  16  C   A "O3'" 1 
ATOM   310  C  "C2'" . C   A 1 15 ? 12.824  -11.813 -10.416 1.00 53.25  ?  16  C   A "C2'" 1 
ATOM   311  O  "O2'" . C   A 1 15 ? 14.006  -11.062 -10.675 1.00 57.40  ?  16  C   A "O2'" 1 
ATOM   312  C  "C1'" . C   A 1 15 ? 11.629  -10.850 -10.461 1.00 55.68  ?  16  C   A "C1'" 1 
ATOM   313  N  N1    . C   A 1 15 ? 10.556  -11.179 -9.488  1.00 50.26  ?  16  C   A N1    1 
ATOM   314  C  C2    . C   A 1 15 ? 10.798  -11.066 -8.111  1.00 47.04  ?  16  C   A C2    1 
ATOM   315  O  O2    . C   A 1 15 ? 11.928  -10.714 -7.728  1.00 51.38  ?  16  C   A O2    1 
ATOM   316  N  N3    . C   A 1 15 ? 9.808   -11.346 -7.225  1.00 40.05  ?  16  C   A N3    1 
ATOM   317  C  C4    . C   A 1 15 ? 8.606   -11.721 -7.659  1.00 39.51  ?  16  C   A C4    1 
ATOM   318  N  N4    . C   A 1 15 ? 7.655   -11.988 -6.758  1.00 39.08  ?  16  C   A N4    1 
ATOM   319  C  C5    . C   A 1 15 ? 8.329   -11.833 -9.049  1.00 43.88  ?  16  C   A C5    1 
ATOM   320  C  C6    . C   A 1 15 ? 9.313   -11.553 -9.918  1.00 46.97  ?  16  C   A C6    1 
ATOM   321  P  P     . G   A 1 16 ? 13.889  -14.945 -11.911 1.00 70.67  ?  17  G   A P     1 
ATOM   322  O  OP1   . G   A 1 16 ? 14.674  -15.410 -13.081 1.00 64.00  ?  17  G   A OP1   1 
ATOM   323  O  OP2   . G   A 1 16 ? 12.621  -15.631 -11.539 1.00 53.21  ?  17  G   A OP2   1 
ATOM   324  O  "O5'" . G   A 1 16 ? 14.775  -15.025 -10.599 1.00 59.46  ?  17  G   A "O5'" 1 
ATOM   325  C  "C5'" . G   A 1 16 ? 14.332  -15.801 -9.502  1.00 58.18  ?  17  G   A "C5'" 1 
ATOM   326  C  "C4'" . G   A 1 16 ? 15.125  -15.491 -8.265  1.00 61.85  ?  17  G   A "C4'" 1 
ATOM   327  O  "O4'" . G   A 1 16 ? 14.812  -14.140 -7.807  1.00 61.56  ?  17  G   A "O4'" 1 
ATOM   328  C  "C3'" . G   A 1 16 ? 14.799  -16.351 -7.059  1.00 66.40  ?  17  G   A "C3'" 1 
ATOM   329  O  "O3'" . G   A 1 16 ? 15.263  -17.698 -7.135  1.00 72.49  ?  17  G   A "O3'" 1 
ATOM   330  C  "C2'" . G   A 1 16 ? 15.268  -15.463 -5.913  1.00 63.25  ?  17  G   A "C2'" 1 
ATOM   331  O  "O2'" . G   A 1 16 ? 16.683  -15.338 -5.898  1.00 61.55  ?  17  G   A "O2'" 1 
ATOM   332  C  "C1'" . G   A 1 16 ? 14.699  -14.133 -6.393  1.00 62.79  ?  17  G   A "C1'" 1 
ATOM   333  N  N9    . G   A 1 16 ? 13.264  -14.084 -6.046  1.00 51.72  ?  17  G   A N9    1 
ATOM   334  C  C8    . G   A 1 16 ? 12.202  -14.375 -6.870  1.00 48.45  ?  17  G   A C8    1 
ATOM   335  N  N7    . G   A 1 16 ? 11.048  -14.307 -6.279  1.00 46.37  ?  17  G   A N7    1 
ATOM   336  C  C5    . G   A 1 16 ? 11.363  -13.963 -4.979  1.00 46.79  ?  17  G   A C5    1 
ATOM   337  C  C6    . G   A 1 16 ? 10.513  -13.742 -3.880  1.00 43.92  ?  17  G   A C6    1 
ATOM   338  O  O6    . G   A 1 16 ? 9.285   -13.805 -3.841  1.00 45.95  ?  17  G   A O6    1 
ATOM   339  N  N1    . G   A 1 16 ? 11.225  -13.413 -2.740  1.00 44.78  ?  17  G   A N1    1 
ATOM   340  C  C2    . G   A 1 16 ? 12.584  -13.308 -2.661  1.00 46.32  ?  17  G   A C2    1 
ATOM   341  N  N2    . G   A 1 16 ? 13.055  -12.978 -1.450  1.00 46.29  ?  17  G   A N2    1 
ATOM   342  N  N3    . G   A 1 16 ? 13.402  -13.507 -3.682  1.00 47.08  ?  17  G   A N3    1 
ATOM   343  C  C4    . G   A 1 16 ? 12.725  -13.832 -4.806  1.00 50.42  ?  17  G   A C4    1 
ATOM   344  P  P     . C   A 1 17 ? 16.502  -18.265 -6.288  1.00 71.31  ?  18  C   A P     1 
ATOM   345  O  OP1   . C   A 1 17 ? 17.699  -17.445 -6.622  1.00 69.33  ?  18  C   A OP1   1 
ATOM   346  O  OP2   . C   A 1 17 ? 16.500  -19.738 -6.488  1.00 72.21  ?  18  C   A OP2   1 
ATOM   347  O  "O5'" . C   A 1 17 ? 16.110  -18.036 -4.763  1.00 69.78  ?  18  C   A "O5'" 1 
ATOM   348  C  "C5'" . C   A 1 17 ? 17.117  -17.803 -3.793  1.00 63.90  ?  18  C   A "C5'" 1 
ATOM   349  C  "C4'" . C   A 1 17 ? 16.527  -17.661 -2.419  1.00 63.23  ?  18  C   A "C4'" 1 
ATOM   350  O  "O4'" . C   A 1 17 ? 15.582  -16.557 -2.403  1.00 63.26  ?  18  C   A "O4'" 1 
ATOM   351  C  "C3'" . C   A 1 17 ? 15.706  -18.834 -1.907  1.00 68.73  ?  18  C   A "C3'" 1 
ATOM   352  O  "O3'" . C   A 1 17 ? 16.476  -19.938 -1.451  1.00 67.79  ?  18  C   A "O3'" 1 
ATOM   353  C  "C2'" . C   A 1 17 ? 14.871  -18.177 -0.820  1.00 63.12  ?  18  C   A "C2'" 1 
ATOM   354  O  "O2'" . C   A 1 17 ? 15.658  -17.946 0.340   1.00 56.49  ?  18  C   A "O2'" 1 
ATOM   355  C  "C1'" . C   A 1 17 ? 14.554  -16.828 -1.470  1.00 56.77  ?  18  C   A "C1'" 1 
ATOM   356  N  N1    . C   A 1 17 ? 13.253  -16.874 -2.173  1.00 58.51  ?  18  C   A N1    1 
ATOM   357  C  C2    . C   A 1 17 ? 12.109  -16.712 -1.380  1.00 60.37  ?  18  C   A C2    1 
ATOM   358  O  O2    . C   A 1 17 ? 12.257  -16.516 -0.161  1.00 58.12  ?  18  C   A O2    1 
ATOM   359  N  N3    . C   A 1 17 ? 10.881  -16.761 -1.958  1.00 57.73  ?  18  C   A N3    1 
ATOM   360  C  C4    . C   A 1 17 ? 10.778  -16.968 -3.274  1.00 59.60  ?  18  C   A C4    1 
ATOM   361  N  N4    . C   A 1 17 ? 9.544   -17.005 -3.796  1.00 52.90  ?  18  C   A N4    1 
ATOM   362  C  C5    . C   A 1 17 ? 11.933  -17.149 -4.103  1.00 54.93  ?  18  C   A C5    1 
ATOM   363  C  C6    . C   A 1 17 ? 13.139  -17.099 -3.519  1.00 55.54  ?  18  C   A C6    1 
ATOM   364  P  P     . C   A 1 18 ? 15.804  -21.399 -1.361  1.00 71.80  ?  19  C   A P     1 
ATOM   365  O  OP1   . C   A 1 18 ? 16.839  -22.361 -0.913  1.00 70.57  ?  19  C   A OP1   1 
ATOM   366  O  OP2   . C   A 1 18 ? 15.028  -21.639 -2.604  1.00 66.49  ?  19  C   A OP2   1 
ATOM   367  O  "O5'" . C   A 1 18 ? 14.748  -21.280 -0.177  1.00 68.86  ?  19  C   A "O5'" 1 
ATOM   368  C  "C5'" . C   A 1 18 ? 15.173  -21.060 1.157   1.00 62.44  ?  19  C   A "C5'" 1 
ATOM   369  C  "C4'" . C   A 1 18 ? 14.009  -20.721 2.050   1.00 66.91  ?  19  C   A "C4'" 1 
ATOM   370  O  "O4'" . C   A 1 18 ? 13.233  -19.637 1.472   1.00 66.65  ?  19  C   A "O4'" 1 
ATOM   371  C  "C3'" . C   A 1 18 ? 12.979  -21.818 2.257   1.00 72.12  ?  19  C   A "C3'" 1 
ATOM   372  O  "O3'" . C   A 1 18 ? 13.387  -22.810 3.182   1.00 70.85  ?  19  C   A "O3'" 1 
ATOM   373  C  "C2'" . C   A 1 18 ? 11.758  -21.029 2.707   1.00 71.26  ?  19  C   A "C2'" 1 
ATOM   374  O  "O2'" . C   A 1 18 ? 11.882  -20.637 4.067   1.00 62.50  ?  19  C   A "O2'" 1 
ATOM   375  C  "C1'" . C   A 1 18 ? 11.873  -19.779 1.833   1.00 67.16  ?  19  C   A "C1'" 1 
ATOM   376  N  N1    . C   A 1 18 ? 11.036  -19.880 0.611   1.00 69.90  ?  19  C   A N1    1 
ATOM   377  C  C2    . C   A 1 18 ? 9.647   -19.788 0.765   1.00 68.40  ?  19  C   A C2    1 
ATOM   378  O  O2    . C   A 1 18 ? 9.164   -19.620 1.893   1.00 69.17  ?  19  C   A O2    1 
ATOM   379  N  N3    . C   A 1 18 ? 8.847   -19.878 -0.317  1.00 68.58  ?  19  C   A N3    1 
ATOM   380  C  C4    . C   A 1 18 ? 9.378   -20.055 -1.519  1.00 69.62  ?  19  C   A C4    1 
ATOM   381  N  N4    . C   A 1 18 ? 8.526   -20.136 -2.543  1.00 73.59  ?  19  C   A N4    1 
ATOM   382  C  C5    . C   A 1 18 ? 10.788  -20.153 -1.717  1.00 63.95  ?  19  C   A C5    1 
ATOM   383  C  C6    . C   A 1 18 ? 11.574  -20.062 -0.635  1.00 66.78  ?  19  C   A C6    1 
ATOM   384  P  P     . U   A 1 19 ? 13.053  -24.357 2.908   1.00 66.48  ?  20  U   A P     1 
ATOM   385  O  OP1   . U   A 1 19 ? 13.404  -25.103 4.141   1.00 70.46  ?  20  U   A OP1   1 
ATOM   386  O  OP2   . U   A 1 19 ? 13.648  -24.747 1.605   1.00 65.01  ?  20  U   A OP2   1 
ATOM   387  O  "O5'" . U   A 1 19 ? 11.466  -24.395 2.734   1.00 80.35  ?  20  U   A "O5'" 1 
ATOM   388  C  "C5'" . U   A 1 19 ? 10.583  -24.169 3.829   1.00 78.93  ?  20  U   A "C5'" 1 
ATOM   389  C  "C4'" . U   A 1 19 ? 9.178   -23.908 3.343   1.00 82.61  ?  20  U   A "C4'" 1 
ATOM   390  O  "O4'" . U   A 1 19 ? 9.221   -22.908 2.293   1.00 82.35  ?  20  U   A "O4'" 1 
ATOM   391  C  "C3'" . U   A 1 19 ? 8.469   -25.103 2.715   1.00 93.02  ?  20  U   A "C3'" 1 
ATOM   392  O  "O3'" . U   A 1 19 ? 7.804   -25.904 3.681   1.00 101.61 ?  20  U   A "O3'" 1 
ATOM   393  C  "C2'" . U   A 1 19 ? 7.518   -24.460 1.710   1.00 92.47  ?  20  U   A "C2'" 1 
ATOM   394  O  "O2'" . U   A 1 19 ? 6.331   -24.019 2.351   1.00 91.64  ?  20  U   A "O2'" 1 
ATOM   395  C  "C1'" . U   A 1 19 ? 8.310   -23.229 1.267   1.00 86.95  ?  20  U   A "C1'" 1 
ATOM   396  N  N1    . U   A 1 19 ? 9.076   -23.436 0.011   1.00 85.74  ?  20  U   A N1    1 
ATOM   397  C  C2    . U   A 1 19 ? 8.401   -23.574 -1.191  1.00 87.46  ?  20  U   A C2    1 
ATOM   398  O  O2    . U   A 1 19 ? 7.186   -23.568 -1.286  1.00 91.63  ?  20  U   A O2    1 
ATOM   399  N  N3    . U   A 1 19 ? 9.204   -23.741 -2.295  1.00 88.94  ?  20  U   A N3    1 
ATOM   400  C  C4    . U   A 1 19 ? 10.584  -23.775 -2.334  1.00 85.24  ?  20  U   A C4    1 
ATOM   401  O  O4    . U   A 1 19 ? 11.154  -23.935 -3.414  1.00 76.54  ?  20  U   A O4    1 
ATOM   402  C  C5    . U   A 1 19 ? 11.214  -23.614 -1.059  1.00 81.06  ?  20  U   A C5    1 
ATOM   403  C  C6    . U   A 1 19 ? 10.455  -23.449 0.033   1.00 81.14  ?  20  U   A C6    1 
ATOM   404  P  P     . U   A 1 20 ? 8.082   -27.487 3.797   1.00 101.42 ?  21  U   A P     1 
ATOM   405  O  OP1   . U   A 1 20 ? 8.728   -27.747 5.109   1.00 93.69  ?  21  U   A OP1   1 
ATOM   406  O  OP2   . U   A 1 20 ? 8.738   -27.954 2.549   1.00 98.02  ?  21  U   A OP2   1 
ATOM   407  O  "O5'" . U   A 1 20 ? 6.621   -28.120 3.844   1.00 105.40 ?  21  U   A "O5'" 1 
ATOM   408  C  "C5'" . U   A 1 20 ? 6.360   -29.310 4.582   1.00 107.97 ?  21  U   A "C5'" 1 
ATOM   409  C  "C4'" . U   A 1 20 ? 5.035   -29.243 5.309   1.00 112.92 ?  21  U   A "C4'" 1 
ATOM   410  O  "O4'" . U   A 1 20 ? 5.258   -28.929 6.713   1.00 109.08 ?  21  U   A "O4'" 1 
ATOM   411  C  "C3'" . U   A 1 20 ? 4.051   -28.192 4.791   1.00 113.20 ?  21  U   A "C3'" 1 
ATOM   412  O  "O3'" . U   A 1 20 ? 2.714   -28.687 4.926   1.00 120.41 ?  21  U   A "O3'" 1 
ATOM   413  C  "C2'" . U   A 1 20 ? 4.258   -27.040 5.769   1.00 106.32 ?  21  U   A "C2'" 1 
ATOM   414  O  "O2'" . U   A 1 20 ? 3.180   -26.135 5.862   1.00 105.59 ?  21  U   A "O2'" 1 
ATOM   415  C  "C1'" . U   A 1 20 ? 4.475   -27.805 7.068   1.00 104.96 ?  21  U   A "C1'" 1 
ATOM   416  N  N1    . U   A 1 20 ? 5.161   -27.050 8.125   1.00 104.94 ?  21  U   A N1    1 
ATOM   417  C  C2    . U   A 1 20 ? 4.357   -26.568 9.145   1.00 103.89 ?  21  U   A C2    1 
ATOM   418  O  O2    . U   A 1 20 ? 3.148   -26.737 9.179   1.00 98.31  ?  21  U   A O2    1 
ATOM   419  N  N3    . U   A 1 20 ? 5.025   -25.873 10.123  1.00 97.78  ?  21  U   A N3    1 
ATOM   420  C  C4    . U   A 1 20 ? 6.382   -25.622 10.179  1.00 89.72  ?  21  U   A C4    1 
ATOM   421  O  O4    . U   A 1 20 ? 6.834   -24.977 11.126  1.00 84.88  ?  21  U   A O4    1 
ATOM   422  C  C5    . U   A 1 20 ? 7.141   -26.158 9.089   1.00 92.43  ?  21  U   A C5    1 
ATOM   423  C  C6    . U   A 1 20 ? 6.521   -26.842 8.119   1.00 100.40 ?  21  U   A C6    1 
ATOM   424  P  P     . C   A 1 21 ? 1.782   -28.941 3.636   1.00 116.60 ?  22  C   A P     1 
ATOM   425  O  OP1   . C   A 1 21 ? 0.373   -28.774 4.079   1.00 109.52 ?  22  C   A OP1   1 
ATOM   426  O  OP2   . C   A 1 21 ? 2.196   -30.216 2.996   1.00 114.39 ?  22  C   A OP2   1 
ATOM   427  O  "O5'" . C   A 1 21 ? 2.116   -27.727 2.657   1.00 117.47 ?  22  C   A "O5'" 1 
ATOM   428  C  "C5'" . C   A 1 21 ? 3.075   -27.842 1.605   1.00 114.76 ?  22  C   A "C5'" 1 
ATOM   429  C  "C4'" . C   A 1 21 ? 3.017   -26.637 0.705   1.00 112.32 ?  22  C   A "C4'" 1 
ATOM   430  O  "O4'" . C   A 1 21 ? 4.356   -26.249 0.289   1.00 108.86 ?  22  C   A "O4'" 1 
ATOM   431  C  "C3'" . C   A 1 21 ? 2.191   -26.814 -0.571  1.00 112.68 ?  22  C   A "C3'" 1 
ATOM   432  O  "O3'" . C   A 1 21 ? 1.358   -25.670 -0.772  1.00 116.81 ?  22  C   A "O3'" 1 
ATOM   433  C  "C2'" . C   A 1 21 ? 3.253   -26.923 -1.669  1.00 115.04 ?  22  C   A "C2'" 1 
ATOM   434  O  "O2'" . C   A 1 21 ? 2.833   -26.475 -2.942  1.00 115.43 ?  22  C   A "O2'" 1 
ATOM   435  C  "C1'" . C   A 1 21 ? 4.379   -26.057 -1.109  1.00 108.15 ?  22  C   A "C1'" 1 
ATOM   436  N  N1    . C   A 1 21 ? 5.723   -26.401 -1.603  1.00 105.37 ?  22  C   A N1    1 
ATOM   437  C  C2    . C   A 1 21 ? 6.080   -26.055 -2.917  1.00 104.42 ?  22  C   A C2    1 
ATOM   438  O  O2    . C   A 1 21 ? 5.255   -25.486 -3.646  1.00 105.85 ?  22  C   A O2    1 
ATOM   439  N  N3    . C   A 1 21 ? 7.315   -26.363 -3.376  1.00 99.25  ?  22  C   A N3    1 
ATOM   440  C  C4    . C   A 1 21 ? 8.187   -26.978 -2.576  1.00 100.56 ?  22  C   A C4    1 
ATOM   441  N  N4    . C   A 1 21 ? 9.397   -27.256 -3.075  1.00 97.10  ?  22  C   A N4    1 
ATOM   442  C  C5    . C   A 1 21 ? 7.856   -27.332 -1.231  1.00 100.58 ?  22  C   A C5    1 
ATOM   443  C  C6    . C   A 1 21 ? 6.628   -27.025 -0.787  1.00 100.07 ?  22  C   A C6    1 
ATOM   444  P  P     . G   A 1 22 ? -0.125  -25.658 -0.139  1.00 126.92 ?  23  G   A P     1 
ATOM   445  O  OP1   . G   A 1 22 ? -0.002  -26.039 1.293   1.00 116.63 ?  23  G   A OP1   1 
ATOM   446  O  OP2   . G   A 1 22 ? -1.015  -26.447 -1.030  1.00 116.73 ?  23  G   A OP2   1 
ATOM   447  O  "O5'" . G   A 1 22 ? -0.585  -24.129 -0.190  1.00 120.35 ?  23  G   A "O5'" 1 
ATOM   448  C  "C5'" . G   A 1 22 ? -1.965  -23.781 -0.185  1.00 116.38 ?  23  G   A "C5'" 1 
ATOM   449  C  "C4'" . G   A 1 22 ? -2.441  -23.329 1.178   1.00 111.50 ?  23  G   A "C4'" 1 
ATOM   450  O  "O4'" . G   A 1 22 ? -1.870  -24.173 2.206   1.00 111.54 ?  23  G   A "O4'" 1 
ATOM   451  C  "C3'" . G   A 1 22 ? -2.063  -21.915 1.599   1.00 111.63 ?  23  G   A "C3'" 1 
ATOM   452  O  "O3'" . G   A 1 22 ? -2.946  -20.942 1.062   1.00 112.13 ?  23  G   A "O3'" 1 
ATOM   453  C  "C2'" . G   A 1 22 ? -2.111  -21.986 3.125   1.00 107.89 ?  23  G   A "C2'" 1 
ATOM   454  O  "O2'" . G   A 1 22 ? -3.435  -21.796 3.600   1.00 110.18 ?  23  G   A "O2'" 1 
ATOM   455  C  "C1'" . G   A 1 22 ? -1.702  -23.436 3.397   1.00 111.46 ?  23  G   A "C1'" 1 
ATOM   456  N  N9    . G   A 1 22 ? -0.312  -23.575 3.876   1.00 111.28 ?  23  G   A N9    1 
ATOM   457  C  C8    . G   A 1 22 ? 0.049   -23.954 5.145   1.00 111.92 ?  23  G   A C8    1 
ATOM   458  N  N7    . G   A 1 22 ? 1.338   -24.012 5.322   1.00 112.60 ?  23  G   A N7    1 
ATOM   459  C  C5    . G   A 1 22 ? 1.866   -23.649 4.094   1.00 110.18 ?  23  G   A C5    1 
ATOM   460  C  C6    . G   A 1 22 ? 3.218   -23.532 3.685   1.00 106.43 ?  23  G   A C6    1 
ATOM   461  O  O6    . G   A 1 22 ? 4.241   -23.735 4.353   1.00 101.52 ?  23  G   A O6    1 
ATOM   462  N  N1    . G   A 1 22 ? 3.314   -23.136 2.355   1.00 106.57 ?  23  G   A N1    1 
ATOM   463  C  C2    . G   A 1 22 ? 2.246   -22.887 1.529   1.00 105.95 ?  23  G   A C2    1 
ATOM   464  N  N2    . G   A 1 22 ? 2.530   -22.517 0.273   1.00 100.80 ?  23  G   A N2    1 
ATOM   465  N  N3    . G   A 1 22 ? 0.984   -22.995 1.903   1.00 110.28 ?  23  G   A N3    1 
ATOM   466  C  C4    . G   A 1 22 ? 0.864   -23.376 3.189   1.00 110.00 ?  23  G   A C4    1 
ATOM   467  P  P     . G   A 1 23 ? -2.419  -19.487 0.617   1.00 109.43 ?  24  G   A P     1 
ATOM   468  O  OP1   . G   A 1 23 ? -3.463  -18.506 1.017   1.00 110.63 ?  24  G   A OP1   1 
ATOM   469  O  OP2   . G   A 1 23 ? -1.976  -19.565 -0.798  1.00 100.09 ?  24  G   A OP2   1 
ATOM   470  O  "O5'" . G   A 1 23 ? -1.144  -19.218 1.533   1.00 106.19 ?  24  G   A "O5'" 1 
ATOM   471  C  "C5'" . G   A 1 23 ? -1.280  -18.626 2.821   1.00 99.59  ?  24  G   A "C5'" 1 
ATOM   472  C  "C4'" . G   A 1 23 ? 0.002   -17.983 3.281   1.00 90.25  ?  24  G   A "C4'" 1 
ATOM   473  O  "O4'" . G   A 1 23 ? 1.125   -18.850 2.944   1.00 93.16  ?  24  G   A "O4'" 1 
ATOM   474  C  "C3'" . G   A 1 23 ? 0.309   -16.617 2.660   1.00 88.21  ?  24  G   A "C3'" 1 
ATOM   475  O  "O3'" . G   A 1 23 ? 0.906   -15.783 3.650   1.00 85.35  ?  24  G   A "O3'" 1 
ATOM   476  C  "C2'" . G   A 1 23 ? 1.330   -16.964 1.581   1.00 88.56  ?  24  G   A "C2'" 1 
ATOM   477  O  "O2'" . G   A 1 23 ? 2.196   -15.915 1.200   1.00 79.17  ?  24  G   A "O2'" 1 
ATOM   478  C  "C1'" . G   A 1 23 ? 2.092   -18.106 2.234   1.00 84.19  ?  24  G   A "C1'" 1 
ATOM   479  N  N9    . G   A 1 23 ? 2.760   -18.952 1.247   1.00 86.38  ?  24  G   A N9    1 
ATOM   480  C  C8    . G   A 1 23 ? 2.226   -19.390 0.061   1.00 88.42  ?  24  G   A C8    1 
ATOM   481  N  N7    . G   A 1 23 ? 3.074   -20.083 -0.649  1.00 92.96  ?  24  G   A N7    1 
ATOM   482  C  C5    . G   A 1 23 ? 4.243   -20.076 0.100   1.00 87.27  ?  24  G   A C5    1 
ATOM   483  C  C6    . G   A 1 23 ? 5.505   -20.667 -0.160  1.00 82.76  ?  24  G   A C6    1 
ATOM   484  O  O6    . G   A 1 23 ? 5.838   -21.328 -1.145  1.00 84.01  ?  24  G   A O6    1 
ATOM   485  N  N1    . G   A 1 23 ? 6.417   -20.421 0.865   1.00 78.76  ?  24  G   A N1    1 
ATOM   486  C  C2    . G   A 1 23 ? 6.140   -19.694 1.999   1.00 77.34  ?  24  G   A C2    1 
ATOM   487  N  N2    . G   A 1 23 ? 7.130   -19.549 2.892   1.00 71.51  ?  24  G   A N2    1 
ATOM   488  N  N3    . G   A 1 23 ? 4.963   -19.149 2.253   1.00 84.69  ?  24  G   A N3    1 
ATOM   489  C  C4    . G   A 1 23 ? 4.068   -19.372 1.268   1.00 87.54  ?  24  G   A C4    1 
ATOM   490  P  P     . G   A 1 24 ? 1.204   -14.221 3.388   1.00 86.93  ?  25  G   A P     1 
ATOM   491  O  OP1   . G   A 1 24 ? 0.133   -13.417 4.033   1.00 82.09  ?  25  G   A OP1   1 
ATOM   492  O  OP2   . G   A 1 24 ? 1.535   -13.976 1.960   1.00 76.12  ?  25  G   A OP2   1 
ATOM   493  O  "O5'" . G   A 1 24 ? 2.547   -14.029 4.214   1.00 79.85  ?  25  G   A "O5'" 1 
ATOM   494  C  "C5'" . G   A 1 24 ? 3.054   -15.146 4.923   1.00 73.94  ?  25  G   A "C5'" 1 
ATOM   495  C  "C4'" . G   A 1 24 ? 4.518   -15.038 5.243   1.00 71.26  ?  25  G   A "C4'" 1 
ATOM   496  O  "O4'" . G   A 1 24 ? 5.166   -16.301 4.912   1.00 69.76  ?  25  G   A "O4'" 1 
ATOM   497  C  "C3'" . G   A 1 24 ? 5.351   -14.027 4.472   1.00 66.61  ?  25  G   A "C3'" 1 
ATOM   498  O  "O3'" . G   A 1 24 ? 5.111   -12.652 4.778   1.00 63.78  ?  25  G   A "O3'" 1 
ATOM   499  C  "C2'" . G   A 1 24 ? 6.743   -14.574 4.719   1.00 61.42  ?  25  G   A "C2'" 1 
ATOM   500  O  "O2'" . G   A 1 24 ? 7.070   -14.479 6.098   1.00 58.40  ?  25  G   A "O2'" 1 
ATOM   501  C  "C1'" . G   A 1 24 ? 6.478   -16.043 4.450   1.00 62.33  ?  25  G   A "C1'" 1 
ATOM   502  N  N9    . G   A 1 24 ? 6.518   -16.294 3.002   1.00 64.08  ?  25  G   A N9    1 
ATOM   503  C  C8    . G   A 1 24 ? 5.476   -16.360 2.110   1.00 69.32  ?  25  G   A C8    1 
ATOM   504  N  N7    . G   A 1 24 ? 5.873   -16.568 0.880   1.00 70.16  ?  25  G   A N7    1 
ATOM   505  C  C5    . G   A 1 24 ? 7.259   -16.607 0.963   1.00 63.40  ?  25  G   A C5    1 
ATOM   506  C  C6    . G   A 1 24 ? 8.250   -16.793 -0.033  1.00 61.92  ?  25  G   A C6    1 
ATOM   507  O  O6    . G   A 1 24 ? 8.101   -16.969 -1.248  1.00 63.57  ?  25  G   A O6    1 
ATOM   508  N  N1    . G   A 1 24 ? 9.531   -16.756 0.507   1.00 56.59  ?  25  G   A N1    1 
ATOM   509  C  C2    . G   A 1 24 ? 9.822   -16.571 1.833   1.00 56.01  ?  25  G   A C2    1 
ATOM   510  N  N2    . G   A 1 24 ? 11.114  -16.562 2.181   1.00 56.85  ?  25  G   A N2    1 
ATOM   511  N  N3    . G   A 1 24 ? 8.912   -16.396 2.767   1.00 62.07  ?  25  G   A N3    1 
ATOM   512  C  C4    . G   A 1 24 ? 7.665   -16.424 2.266   1.00 63.84  ?  25  G   A C4    1 
ATOM   513  P  P     . C   A 1 25 ? 6.064   -11.768 5.727   1.00 66.62  ?  26  C   A P     1 
ATOM   514  O  OP1   . C   A 1 25 ? 6.161   -12.455 7.037   1.00 61.48  ?  26  C   A OP1   1 
ATOM   515  O  OP2   . C   A 1 25 ? 5.571   -10.368 5.704   1.00 63.31  ?  26  C   A OP2   1 
ATOM   516  O  "O5'" . C   A 1 25 ? 7.496   -11.774 5.021   1.00 56.86  ?  26  C   A "O5'" 1 
ATOM   517  C  "C5'" . C   A 1 25 ? 8.663   -11.893 5.821   1.00 54.19  ?  26  C   A "C5'" 1 
ATOM   518  C  "C4'" . C   A 1 25 ? 9.923   -12.053 5.011   1.00 51.38  ?  26  C   A "C4'" 1 
ATOM   519  O  "O4'" . C   A 1 25 ? 9.868   -13.215 4.147   1.00 52.95  ?  26  C   A "O4'" 1 
ATOM   520  C  "C3'" . C   A 1 25 ? 10.255  -10.935 4.056   1.00 46.30  ?  26  C   A "C3'" 1 
ATOM   521  O  "O3'" . C   A 1 25 ? 10.707  -9.771  4.707   1.00 46.65  ?  26  C   A "O3'" 1 
ATOM   522  C  "C2'" . C   A 1 25 ? 11.291  -11.590 3.157   1.00 49.48  ?  26  C   A "C2'" 1 
ATOM   523  O  "O2'" . C   A 1 25 ? 12.539  -11.695 3.826   1.00 58.14  ?  26  C   A "O2'" 1 
ATOM   524  C  "C1'" . C   A 1 25 ? 10.710  -12.997 3.024   1.00 50.91  ?  26  C   A "C1'" 1 
ATOM   525  N  N1    . C   A 1 25 ? 9.935   -13.145 1.772   1.00 48.07  ?  26  C   A N1    1 
ATOM   526  C  C2    . C   A 1 25 ? 10.644  -13.398 0.602   1.00 47.97  ?  26  C   A C2    1 
ATOM   527  O  O2    . C   A 1 25 ? 11.876  -13.492 0.659   1.00 52.25  ?  26  C   A O2    1 
ATOM   528  N  N3    . C   A 1 25 ? 9.981   -13.534 -0.563  1.00 47.22  ?  26  C   A N3    1 
ATOM   529  C  C4    . C   A 1 25 ? 8.657   -13.428 -0.584  1.00 47.38  ?  26  C   A C4    1 
ATOM   530  N  N4    . C   A 1 25 ? 8.044   -13.579 -1.757  1.00 47.01  ?  26  C   A N4    1 
ATOM   531  C  C5    . C   A 1 25 ? 7.902   -13.169 0.593   1.00 50.14  ?  26  C   A C5    1 
ATOM   532  C  C6    . C   A 1 25 ? 8.574   -13.035 1.740   1.00 52.08  ?  26  C   A C6    1 
ATOM   533  P  P     . G   A 1 26 ? 10.366  -8.352  4.058   1.00 50.01  ?  27  G   A P     1 
ATOM   534  O  OP1   . G   A 1 26 ? 10.826  -7.295  5.002   1.00 47.44  ?  27  G   A OP1   1 
ATOM   535  O  OP2   . G   A 1 26 ? 8.958   -8.399  3.579   1.00 35.74  ?  27  G   A OP2   1 
ATOM   536  O  "O5'" . G   A 1 26 ? 11.320  -8.300  2.786   1.00 46.19  ?  27  G   A "O5'" 1 
ATOM   537  C  "C5'" . G   A 1 26 ? 12.722  -8.242  2.957   1.00 38.39  ?  27  G   A "C5'" 1 
ATOM   538  C  "C4'" . G   A 1 26 ? 13.467  -8.481  1.672   1.00 38.55  ?  27  G   A "C4'" 1 
ATOM   539  O  "O4'" . G   A 1 26 ? 13.020  -9.706  1.044   1.00 36.86  ?  27  G   A "O4'" 1 
ATOM   540  C  "C3'" . G   A 1 26 ? 13.306  -7.443  0.579   1.00 37.12  ?  27  G   A "C3'" 1 
ATOM   541  O  "O3'" . G   A 1 26 ? 14.065  -6.268  0.816   1.00 34.75  ?  27  G   A "O3'" 1 
ATOM   542  C  "C2'" . G   A 1 26 ? 13.758  -8.216  -0.650  1.00 37.00  ?  27  G   A "C2'" 1 
ATOM   543  O  "O2'" . G   A 1 26 ? 15.177  -8.291  -0.666  1.00 34.13  ?  27  G   A "O2'" 1 
ATOM   544  C  "C1'" . G   A 1 26 ? 13.203  -9.614  -0.350  1.00 34.44  ?  27  G   A "C1'" 1 
ATOM   545  N  N9    . G   A 1 26 ? 11.918  -9.908  -1.032  1.00 42.19  ?  27  G   A N9    1 
ATOM   546  C  C8    . G   A 1 26 ? 10.669  -10.059 -0.468  1.00 38.28  ?  27  G   A C8    1 
ATOM   547  N  N7    . G   A 1 26 ? 9.734   -10.334 -1.339  1.00 35.02  ?  27  G   A N7    1 
ATOM   548  C  C5    . G   A 1 26 ? 10.385  -10.386 -2.556  1.00 36.98  ?  27  G   A C5    1 
ATOM   549  C  C6    . G   A 1 26 ? 9.896   -10.640 -3.866  1.00 41.41  ?  27  G   A C6    1 
ATOM   550  O  O6    . G   A 1 26 ? 8.746   -10.888 -4.264  1.00 41.57  ?  27  G   A O6    1 
ATOM   551  N  N1    . G   A 1 26 ? 10.910  -10.582 -4.800  1.00 36.68  ?  27  G   A N1    1 
ATOM   552  C  C2    . G   A 1 26 ? 12.214  -10.315 -4.521  1.00 38.80  ?  27  G   A C2    1 
ATOM   553  N  N2    . G   A 1 26 ? 13.040  -10.304 -5.572  1.00 37.86  ?  27  G   A N2    1 
ATOM   554  N  N3    . G   A 1 26 ? 12.687  -10.078 -3.316  1.00 37.90  ?  27  G   A N3    1 
ATOM   555  C  C4    . G   A 1 26 ? 11.727  -10.127 -2.383  1.00 38.69  ?  27  G   A C4    1 
ATOM   556  P  P     . C   A 1 27 ? 13.534  -4.836  0.311   1.00 31.69  ?  28  C   A P     1 
ATOM   557  O  OP1   . C   A 1 27 ? 14.486  -3.790  0.741   1.00 30.52  ?  28  C   A OP1   1 
ATOM   558  O  OP2   . C   A 1 27 ? 12.106  -4.726  0.670   1.00 37.19  ?  28  C   A OP2   1 
ATOM   559  O  "O5'" . C   A 1 27 ? 13.633  -4.920  -1.262  1.00 33.39  ?  28  C   A "O5'" 1 
ATOM   560  C  "C5'" . C   A 1 27 ? 14.899  -4.924  -1.898  1.00 34.16  ?  28  C   A "C5'" 1 
ATOM   561  C  "C4'" . C   A 1 27 ? 14.759  -5.177  -3.370  1.00 33.23  ?  28  C   A "C4'" 1 
ATOM   562  O  "O4'" . C   A 1 27 ? 13.977  -6.375  -3.581  1.00 35.18  ?  28  C   A "O4'" 1 
ATOM   563  C  "C3'" . C   A 1 27 ? 14.022  -4.120  -4.176  1.00 32.63  ?  28  C   A "C3'" 1 
ATOM   564  O  "O3'" . C   A 1 27 ? 14.869  -3.034  -4.498  1.00 37.31  ?  28  C   A "O3'" 1 
ATOM   565  C  "C2'" . C   A 1 27 ? 13.578  -4.900  -5.409  1.00 30.91  ?  28  C   A "C2'" 1 
ATOM   566  O  "O2'" . C   A 1 27 ? 14.644  -4.967  -6.340  1.00 30.98  ?  28  C   A "O2'" 1 
ATOM   567  C  "C1'" . C   A 1 27 ? 13.350  -6.310  -4.841  1.00 31.97  ?  28  C   A "C1'" 1 
ATOM   568  N  N1    . C   A 1 27 ? 11.923  -6.678  -4.683  1.00 37.85  ?  28  C   A N1    1 
ATOM   569  C  C2    . C   A 1 27 ? 11.147  -6.978  -5.814  1.00 38.16  ?  28  C   A C2    1 
ATOM   570  O  O2    . C   A 1 27 ? 11.655  -6.898  -6.941  1.00 39.17  ?  28  C   A O2    1 
ATOM   571  N  N3    . C   A 1 27 ? 9.849   -7.317  -5.660  1.00 36.41  ?  28  C   A N3    1 
ATOM   572  C  C4    . C   A 1 27 ? 9.323   -7.393  -4.435  1.00 34.75  ?  28  C   A C4    1 
ATOM   573  N  N4    . C   A 1 27 ? 8.037   -7.742  -4.320  1.00 32.68  ?  28  C   A N4    1 
ATOM   574  C  C5    . C   A 1 27 ? 10.086  -7.110  -3.270  1.00 32.06  ?  28  C   A C5    1 
ATOM   575  C  C6    . C   A 1 27 ? 11.371  -6.769  -3.438  1.00 34.65  ?  28  C   A C6    1 
ATOM   576  P  P     . C   A 1 28 ? 14.444  -1.511  -4.238  1.00 28.53  ?  29  C   A P     1 
ATOM   577  O  OP1   . C   A 1 28 ? 13.667  -1.400  -2.998  1.00 26.84  ?  29  C   A OP1   1 
ATOM   578  O  OP2   . C   A 1 28 ? 13.936  -0.983  -5.530  1.00 35.21  ?  29  C   A OP2   1 
ATOM   579  O  "O5'" . C   A 1 28 ? 15.817  -0.767  -3.971  1.00 29.80  ?  29  C   A "O5'" 1 
ATOM   580  C  "C5'" . C   A 1 28 ? 16.671  -1.180  -2.920  1.00 27.06  ?  29  C   A "C5'" 1 
ATOM   581  C  "C4'" . C   A 1 28 ? 17.749  -0.167  -2.667  1.00 26.39  ?  29  C   A "C4'" 1 
ATOM   582  O  "O4'" . C   A 1 28 ? 18.628  -0.056  -3.830  1.00 27.04  ?  29  C   A "O4'" 1 
ATOM   583  C  "C3'" . C   A 1 28 ? 17.292  1.260   -2.421  1.00 25.06  ?  29  C   A "C3'" 1 
ATOM   584  O  "O3'" . C   A 1 28 ? 16.795  1.440   -1.101  1.00 30.72  ?  29  C   A "O3'" 1 
ATOM   585  C  "C2'" . C   A 1 28 ? 18.572  2.041   -2.722  1.00 28.88  ?  29  C   A "C2'" 1 
ATOM   586  O  "O2'" . C   A 1 28 ? 19.499  1.903   -1.653  1.00 31.14  ?  29  C   A "O2'" 1 
ATOM   587  C  "C1'" . C   A 1 28 ? 19.127  1.262   -3.920  1.00 22.27  ?  29  C   A "C1'" 1 
ATOM   588  N  N1    . C   A 1 28 ? 18.668  1.841   -5.194  1.00 27.23  ?  29  C   A N1    1 
ATOM   589  C  C2    . C   A 1 28 ? 19.241  3.026   -5.660  1.00 26.52  ?  29  C   A C2    1 
ATOM   590  O  O2    . C   A 1 28 ? 20.160  3.603   -5.030  1.00 26.58  ?  29  C   A O2    1 
ATOM   591  N  N3    . C   A 1 28 ? 18.773  3.521   -6.811  1.00 24.08  ?  29  C   A N3    1 
ATOM   592  C  C4    . C   A 1 28 ? 17.798  2.909   -7.482  1.00 23.73  ?  29  C   A C4    1 
ATOM   593  N  N4    . C   A 1 28 ? 17.386  3.467   -8.632  1.00 27.13  ?  29  C   A N4    1 
ATOM   594  C  C5    . C   A 1 28 ? 17.205  1.706   -7.043  1.00 20.53  ?  29  C   A C5    1 
ATOM   595  C  C6    . C   A 1 28 ? 17.671  1.216   -5.892  1.00 29.42  ?  29  C   A C6    1 
ATOM   596  P  P     . A   A 1 29 ? 15.674  2.538   -0.725  1.00 28.25  ?  30  A   A P     1 
ATOM   597  O  OP1   . A   A 1 29 ? 15.596  2.570   0.743   1.00 25.78  ?  30  A   A OP1   1 
ATOM   598  O  OP2   . A   A 1 29 ? 14.402  2.302   -1.455  1.00 26.80  ?  30  A   A OP2   1 
ATOM   599  O  "O5'" . A   A 1 29 ? 16.341  3.909   -1.185  1.00 31.05  ?  30  A   A "O5'" 1 
ATOM   600  C  "C5'" . A   A 1 29 ? 17.492  4.402   -0.513  1.00 26.84  ?  30  A   A "C5'" 1 
ATOM   601  C  "C4'" . A   A 1 29 ? 17.951  5.715   -1.087  1.00 25.86  ?  30  A   A "C4'" 1 
ATOM   602  O  "O4'" . A   A 1 29 ? 18.568  5.511   -2.396  1.00 29.60  ?  30  A   A "O4'" 1 
ATOM   603  C  "C3'" . A   A 1 29 ? 16.859  6.726   -1.360  1.00 24.56  ?  30  A   A "C3'" 1 
ATOM   604  O  "O3'" . A   A 1 29 ? 16.414  7.414   -0.206  1.00 27.63  ?  30  A   A "O3'" 1 
ATOM   605  C  "C2'" . A   A 1 29 ? 17.515  7.619   -2.401  1.00 30.04  ?  30  A   A "C2'" 1 
ATOM   606  O  "O2'" . A   A 1 29 ? 18.503  8.432   -1.798  1.00 32.34  ?  30  A   A "O2'" 1 
ATOM   607  C  "C1'" . A   A 1 29 ? 18.226  6.578   -3.256  1.00 28.19  ?  30  A   A "C1'" 1 
ATOM   608  N  N9    . A   A 1 29 ? 17.290  6.057   -4.269  1.00 28.22  ?  30  A   A N9    1 
ATOM   609  C  C8    . A   A 1 29 ? 16.596  4.883   -4.247  1.00 23.48  ?  30  A   A C8    1 
ATOM   610  N  N7    . A   A 1 29 ? 15.824  4.692   -5.277  1.00 20.21  ?  30  A   A N7    1 
ATOM   611  C  C5    . A   A 1 29 ? 16.003  5.830   -6.016  1.00 25.05  ?  30  A   A C5    1 
ATOM   612  C  C6    . A   A 1 29 ? 15.443  6.230   -7.228  1.00 26.70  ?  30  A   A C6    1 
ATOM   613  N  N6    . A   A 1 29 ? 14.566  5.475   -7.893  1.00 28.43  ?  30  A   A N6    1 
ATOM   614  N  N1    . A   A 1 29 ? 15.823  7.425   -7.706  1.00 23.67  ?  30  A   A N1    1 
ATOM   615  C  C2    . A   A 1 29 ? 16.709  8.152   -7.018  1.00 22.85  ?  30  A   A C2    1 
ATOM   616  N  N3    . A   A 1 29 ? 17.315  7.886   -5.867  1.00 25.57  ?  30  A   A N3    1 
ATOM   617  C  C4    . A   A 1 29 ? 16.901  6.690   -5.415  1.00 27.29  ?  30  A   A C4    1 
ATOM   618  P  P     . A   A 1 30 ? 14.925  8.027   -0.158  1.00 25.35  ?  31  A   A P     1 
ATOM   619  O  OP1   . A   A 1 30 ? 14.875  8.922   1.025   1.00 26.15  ?  31  A   A OP1   1 
ATOM   620  O  OP2   . A   A 1 30 ? 14.009  6.890   -0.387  1.00 21.70  ?  31  A   A OP2   1 
ATOM   621  O  "O5'" . A   A 1 30 ? 14.815  8.975   -1.427  1.00 26.39  ?  31  A   A "O5'" 1 
ATOM   622  C  "C5'" . A   A 1 30 ? 15.449  10.249  -1.464  1.00 29.50  ?  31  A   A "C5'" 1 
ATOM   623  C  "C4'" . A   A 1 30 ? 14.971  11.041  -2.653  1.00 25.32  ?  31  A   A "C4'" 1 
ATOM   624  O  "O4'" . A   A 1 30 ? 15.211  10.276  -3.863  1.00 28.58  ?  31  A   A "O4'" 1 
ATOM   625  C  "C3'" . A   A 1 30 ? 13.472  11.320  -2.657  1.00 29.22  ?  31  A   A "C3'" 1 
ATOM   626  O  "O3'" . A   A 1 30 ? 13.163  12.517  -1.950  1.00 27.42  ?  31  A   A "O3'" 1 
ATOM   627  C  "C2'" . A   A 1 30 ? 13.132  11.384  -4.146  1.00 30.91  ?  31  A   A "C2'" 1 
ATOM   628  O  "O2'" . A   A 1 30 ? 13.456  12.666  -4.679  1.00 33.90  ?  31  A   A "O2'" 1 
ATOM   629  C  "C1'" . A   A 1 30 ? 14.102  10.362  -4.735  1.00 26.98  ?  31  A   A "C1'" 1 
ATOM   630  N  N9    . A   A 1 30 ? 13.516  9.008   -4.877  1.00 28.20  ?  31  A   A N9    1 
ATOM   631  C  C8    . A   A 1 30 ? 13.770  7.909   -4.084  1.00 24.84  ?  31  A   A C8    1 
ATOM   632  N  N7    . A   A 1 30 ? 13.145  6.816   -4.454  1.00 22.51  ?  31  A   A N7    1 
ATOM   633  C  C5    . A   A 1 30 ? 12.420  7.202   -5.565  1.00 21.39  ?  31  A   A C5    1 
ATOM   634  C  C6    . A   A 1 30 ? 11.560  6.490   -6.418  1.00 24.87  ?  31  A   A C6    1 
ATOM   635  N  N6    . A   A 1 30 ? 11.242  5.197   -6.270  1.00 22.37  ?  31  A   A N6    1 
ATOM   636  N  N1    . A   A 1 30 ? 11.015  7.165   -7.460  1.00 23.79  ?  31  A   A N1    1 
ATOM   637  C  C2    . A   A 1 30 ? 11.330  8.456   -7.609  1.00 23.60  ?  31  A   A C2    1 
ATOM   638  N  N3    . A   A 1 30 ? 12.129  9.230   -6.877  1.00 23.94  ?  31  A   A N3    1 
ATOM   639  C  C4    . A   A 1 30 ? 12.648  8.540   -5.851  1.00 25.14  ?  31  A   A C4    1 
ATOM   640  P  P     . U   A 1 31 ? 11.905  12.621  -0.952  1.00 29.13  ?  32  U   A P     1 
ATOM   641  O  OP1   . U   A 1 31 ? 12.042  13.797  -0.061  1.00 30.95  ?  32  U   A OP1   1 
ATOM   642  O  OP2   . U   A 1 31 ? 11.637  11.272  -0.426  1.00 25.35  ?  32  U   A OP2   1 
ATOM   643  O  "O5'" . U   A 1 31 ? 10.707  12.985  -1.908  1.00 28.91  ?  32  U   A "O5'" 1 
ATOM   644  C  "C5'" . U   A 1 31 ? 10.103  11.918  -2.572  1.00 31.42  ?  32  U   A "C5'" 1 
ATOM   645  C  "C4'" . U   A 1 31 ? 9.171   12.288  -3.680  1.00 29.83  ?  32  U   A "C4'" 1 
ATOM   646  O  "O4'" . U   A 1 31 ? 9.626   11.530  -4.842  1.00 29.87  ?  32  U   A "O4'" 1 
ATOM   647  C  "C3'" . U   A 1 31 ? 7.758   11.780  -3.386  1.00 26.80  ?  32  U   A "C3'" 1 
ATOM   648  O  "O3'" . U   A 1 31 ? 6.885   12.794  -2.888  1.00 33.24  ?  32  U   A "O3'" 1 
ATOM   649  C  "C2'" . U   A 1 31 ? 7.313   11.127  -4.693  1.00 27.03  ?  32  U   A "C2'" 1 
ATOM   650  O  "O2'" . U   A 1 31 ? 6.798   12.095  -5.589  1.00 36.19  ?  32  U   A "O2'" 1 
ATOM   651  C  "C1'" . U   A 1 31 ? 8.634   10.622  -5.256  1.00 29.89  ?  32  U   A "C1'" 1 
ATOM   652  N  N1    . U   A 1 31 ? 8.975   9.268   -4.735  1.00 25.74  ?  32  U   A N1    1 
ATOM   653  C  C2    . U   A 1 31 ? 8.516   8.150   -5.398  1.00 25.03  ?  32  U   A C2    1 
ATOM   654  O  O2    . U   A 1 31 ? 7.827   8.199   -6.392  1.00 26.48  ?  32  U   A O2    1 
ATOM   655  N  N3    . U   A 1 31 ? 8.865   6.943   -4.828  1.00 26.03  ?  32  U   A N3    1 
ATOM   656  C  C4    . U   A 1 31 ? 9.621   6.721   -3.690  1.00 25.05  ?  32  U   A C4    1 
ATOM   657  O  O4    . U   A 1 31 ? 9.866   5.571   -3.298  1.00 26.45  ?  32  U   A O4    1 
ATOM   658  C  C5    . U   A 1 31 ? 10.080  7.913   -3.070  1.00 23.48  ?  32  U   A C5    1 
ATOM   659  C  C6    . U   A 1 31 ? 9.742   9.076   -3.605  1.00 21.57  ?  32  U   A C6    1 
ATOM   660  P  P     . C   A 1 32 ? 6.648   13.012  -1.309  1.00 28.84  ?  33  C   A P     1 
ATOM   661  O  OP1   . C   A 1 32 ? 6.326   14.425  -1.030  1.00 31.65  ?  33  C   A OP1   1 
ATOM   662  O  OP2   . C   A 1 32 ? 7.772   12.325  -0.616  1.00 28.78  ?  33  C   A OP2   1 
ATOM   663  O  "O5'" . C   A 1 32 ? 5.296   12.251  -0.994  1.00 25.22  ?  33  C   A "O5'" 1 
ATOM   664  C  "C5'" . C   A 1 32 ? 5.223   10.837  -1.040  1.00 25.78  ?  33  C   A "C5'" 1 
ATOM   665  C  "C4'" . C   A 1 32 ? 4.221   10.315  -0.045  1.00 24.63  ?  33  C   A "C4'" 1 
ATOM   666  O  "O4'" . C   A 1 32 ? 2.872   10.402  -0.581  1.00 28.78  ?  33  C   A "O4'" 1 
ATOM   667  C  "C3'" . C   A 1 32 ? 4.371   8.856   0.336   1.00 24.43  ?  33  C   A "C3'" 1 
ATOM   668  O  "O3'" . C   A 1 32 ? 5.398   8.680   1.299   1.00 25.11  ?  33  C   A "O3'" 1 
ATOM   669  C  "C2'" . C   A 1 32 ? 2.977   8.517   0.854   1.00 27.18  ?  33  C   A "C2'" 1 
ATOM   670  O  "O2'" . C   A 1 32 ? 2.786   9.006   2.175   1.00 27.54  ?  33  C   A "O2'" 1 
ATOM   671  C  "C1'" . C   A 1 32 ? 2.092   9.326   -0.095  1.00 24.51  ?  33  C   A "C1'" 1 
ATOM   672  N  N1    . C   A 1 32 ? 1.652   8.510   -1.247  1.00 22.04  ?  33  C   A N1    1 
ATOM   673  C  C2    . C   A 1 32 ? 0.811   7.427   -1.036  1.00 21.49  ?  33  C   A C2    1 
ATOM   674  O  O2    . C   A 1 32 ? 0.403   7.177   0.096   1.00 25.43  ?  33  C   A O2    1 
ATOM   675  N  N3    . C   A 1 32 ? 0.435   6.664   -2.078  1.00 25.18  ?  33  C   A N3    1 
ATOM   676  C  C4    . C   A 1 32 ? 0.874   6.942   -3.302  1.00 26.32  ?  33  C   A C4    1 
ATOM   677  N  N4    . C   A 1 32 ? 0.468   6.142   -4.290  1.00 25.61  ?  33  C   A N4    1 
ATOM   678  C  C5    . C   A 1 32 ? 1.735   8.044   -3.555  1.00 20.40  ?  33  C   A C5    1 
ATOM   679  C  C6    . C   A 1 32 ? 2.097   8.785   -2.508  1.00 21.23  ?  33  C   A C6    1 
ATOM   680  P  P     . G   A 1 33 ? 6.536   7.558   1.177   1.00 27.46  ?  34  G   A P     1 
ATOM   681  O  OP1   . G   A 1 33 ? 7.198   7.560   2.511   1.00 27.30  ?  34  G   A OP1   1 
ATOM   682  O  OP2   . G   A 1 33 ? 7.419   7.748   -0.014  1.00 25.96  ?  34  G   A OP2   1 
ATOM   683  O  "O5'" . G   A 1 33 ? 5.735   6.199   0.983   1.00 24.50  ?  34  G   A "O5'" 1 
ATOM   684  C  "C5'" . G   A 1 33 ? 5.005   5.596   2.041   1.00 23.99  ?  34  G   A "C5'" 1 
ATOM   685  C  "C4'" . G   A 1 33 ? 4.099   4.516   1.505   1.00 20.93  ?  34  G   A "C4'" 1 
ATOM   686  O  "O4'" . G   A 1 33 ? 3.202   5.093   0.519   1.00 27.70  ?  34  G   A "O4'" 1 
ATOM   687  C  "C3'" . G   A 1 33 ? 4.815   3.415   0.749   1.00 26.26  ?  34  G   A "C3'" 1 
ATOM   688  O  "O3'" . G   A 1 33 ? 5.332   2.414   1.596   1.00 28.04  ?  34  G   A "O3'" 1 
ATOM   689  C  "C2'" . G   A 1 33 ? 3.753   2.903   -0.211  1.00 26.14  ?  34  G   A "C2'" 1 
ATOM   690  O  "O2'" . G   A 1 33 ? 2.872   2.012   0.449   1.00 25.54  ?  34  G   A "O2'" 1 
ATOM   691  C  "C1'" . G   A 1 33 ? 3.004   4.185   -0.551  1.00 25.97  ?  34  G   A "C1'" 1 
ATOM   692  N  N9    . G   A 1 33 ? 3.503   4.797   -1.797  1.00 22.95  ?  34  G   A N9    1 
ATOM   693  C  C8    . G   A 1 33 ? 4.406   5.832   -1.900  1.00 24.92  ?  34  G   A C8    1 
ATOM   694  N  N7    . G   A 1 33 ? 4.671   6.164   -3.138  1.00 28.54  ?  34  G   A N7    1 
ATOM   695  C  C5    . G   A 1 33 ? 3.883   5.301   -3.905  1.00 26.55  ?  34  G   A C5    1 
ATOM   696  C  C6    . G   A 1 33 ? 3.725   5.189   -5.309  1.00 22.98  ?  34  G   A C6    1 
ATOM   697  O  O6    . G   A 1 33 ? 4.250   5.832   -6.215  1.00 23.77  ?  34  G   A O6    1 
ATOM   698  N  N1    . G   A 1 33 ? 2.838   4.187   -5.653  1.00 22.09  ?  34  G   A N1    1 
ATOM   699  C  C2    . G   A 1 33 ? 2.176   3.390   -4.778  1.00 20.20  ?  34  G   A C2    1 
ATOM   700  N  N2    . G   A 1 33 ? 1.376   2.489   -5.342  1.00 23.64  ?  34  G   A N2    1 
ATOM   701  N  N3    . G   A 1 33 ? 2.287   3.479   -3.471  1.00 24.37  ?  34  G   A N3    1 
ATOM   702  C  C4    . G   A 1 33 ? 3.156   4.450   -3.093  1.00 26.29  ?  34  G   A C4    1 
ATOM   703  P  P     . U   A 1 34 ? 6.723   1.730   1.219   1.00 23.80  ?  35  U   A P     1 
ATOM   704  O  OP1   . U   A 1 34 ? 6.970   0.711   2.276   1.00 27.51  ?  35  U   A OP1   1 
ATOM   705  O  OP2   . U   A 1 34 ? 7.672   2.846   0.999   1.00 23.02  ?  35  U   A OP2   1 
ATOM   706  O  "O5'" . U   A 1 34 ? 6.406   0.962   -0.149  1.00 24.87  ?  35  U   A "O5'" 1 
ATOM   707  C  "C5'" . U   A 1 34 ? 5.440   -0.087  -0.174  1.00 26.91  ?  35  U   A "C5'" 1 
ATOM   708  C  "C4'" . U   A 1 34 ? 5.075   -0.524  -1.575  1.00 23.30  ?  35  U   A "C4'" 1 
ATOM   709  O  "O4'" . U   A 1 34 ? 4.520   0.569   -2.334  1.00 23.52  ?  35  U   A "O4'" 1 
ATOM   710  C  "C3'" . U   A 1 34 ? 6.219   -1.010  -2.424  1.00 25.96  ?  35  U   A "C3'" 1 
ATOM   711  O  "O3'" . U   A 1 34 ? 6.572   -2.326  -2.109  1.00 27.87  ?  35  U   A "O3'" 1 
ATOM   712  C  "C2'" . U   A 1 34 ? 5.693   -0.860  -3.834  1.00 26.69  ?  35  U   A "C2'" 1 
ATOM   713  O  "O2'" . U   A 1 34 ? 4.879   -1.973  -4.175  1.00 26.62  ?  35  U   A "O2'" 1 
ATOM   714  C  "C1'" . U   A 1 34 ? 4.820   0.394   -3.704  1.00 28.33  ?  35  U   A "C1'" 1 
ATOM   715  N  N1    . U   A 1 34 ? 5.504   1.610   -4.200  1.00 27.71  ?  35  U   A N1    1 
ATOM   716  C  C2    . U   A 1 34 ? 5.433   1.848   -5.539  1.00 24.15  ?  35  U   A C2    1 
ATOM   717  O  O2    . U   A 1 34 ? 4.840   1.097   -6.266  1.00 28.93  ?  35  U   A O2    1 
ATOM   718  N  N3    . U   A 1 34 ? 6.062   2.980   -5.980  1.00 25.00  ?  35  U   A N3    1 
ATOM   719  C  C4    . U   A 1 34 ? 6.774   3.885   -5.219  1.00 26.49  ?  35  U   A C4    1 
ATOM   720  O  O4    . U   A 1 34 ? 7.310   4.876   -5.748  1.00 22.64  ?  35  U   A O4    1 
ATOM   721  C  C5    . U   A 1 34 ? 6.799   3.555   -3.831  1.00 23.55  ?  35  U   A C5    1 
ATOM   722  C  C6    . U   A 1 34 ? 6.190   2.467   -3.378  1.00 24.40  ?  35  U   A C6    1 
ATOM   723  P  P     . A   A 1 35 ? 8.104   -2.637  -1.828  1.00 22.35  ?  36  A   A P     1 
ATOM   724  O  OP1   . A   A 1 35 ? 8.234   -4.096  -1.591  1.00 29.90  ?  36  A   A OP1   1 
ATOM   725  O  OP2   . A   A 1 35 ? 8.535   -1.657  -0.821  1.00 27.29  ?  36  A   A OP2   1 
ATOM   726  O  "O5'" . A   A 1 35 ? 8.801   -2.246  -3.205  1.00 28.45  ?  36  A   A "O5'" 1 
ATOM   727  C  "C5'" . A   A 1 35 ? 10.159  -2.543  -3.466  1.00 28.83  ?  36  A   A "C5'" 1 
ATOM   728  C  "C4'" . A   A 1 35 ? 10.416  -2.744  -4.941  1.00 28.08  ?  36  A   A "C4'" 1 
ATOM   729  O  "O4'" . A   A 1 35 ? 10.061  -4.093  -5.322  1.00 31.68  ?  36  A   A "O4'" 1 
ATOM   730  C  "C3'" . A   A 1 35 ? 9.635   -1.873  -5.908  1.00 30.11  ?  36  A   A "C3'" 1 
ATOM   731  O  "O3'" . A   A 1 35 ? 10.190  -0.580  -6.055  1.00 33.66  ?  36  A   A "O3'" 1 
ATOM   732  C  "C2'" . A   A 1 35 ? 9.671   -2.691  -7.192  1.00 30.02  ?  36  A   A "C2'" 1 
ATOM   733  O  "O2'" . A   A 1 35 ? 10.933  -2.574  -7.837  1.00 33.36  ?  36  A   A "O2'" 1 
ATOM   734  C  "C1'" . A   A 1 35 ? 9.572   -4.105  -6.643  1.00 32.05  ?  36  A   A "C1'" 1 
ATOM   735  N  N9    . A   A 1 35 ? 8.194   -4.618  -6.627  1.00 34.09  ?  36  A   A N9    1 
ATOM   736  C  C8    . A   A 1 35 ? 7.358   -4.795  -5.551  1.00 30.96  ?  36  A   A C8    1 
ATOM   737  N  N7    . A   A 1 35 ? 6.196   -5.307  -5.891  1.00 37.64  ?  36  A   A N7    1 
ATOM   738  C  C5    . A   A 1 35 ? 6.284   -5.468  -7.269  1.00 32.82  ?  36  A   A C5    1 
ATOM   739  C  C6    . A   A 1 35 ? 5.385   -5.966  -8.221  1.00 34.21  ?  36  A   A C6    1 
ATOM   740  N  N6    . A   A 1 35 ? 4.159   -6.417  -7.923  1.00 34.49  ?  36  A   A N6    1 
ATOM   741  N  N1    . A   A 1 35 ? 5.804   -5.981  -9.510  1.00 33.80  ?  36  A   A N1    1 
ATOM   742  C  C2    . A   A 1 35 ? 7.028   -5.537  -9.814  1.00 32.81  ?  36  A   A C2    1 
ATOM   743  N  N3    . A   A 1 35 ? 7.970   -5.065  -8.999  1.00 31.48  ?  36  A   A N3    1 
ATOM   744  C  C4    . A   A 1 35 ? 7.518   -5.059  -7.733  1.00 30.98  ?  36  A   A C4    1 
ATOM   745  P  P     . G   A 1 36 ? 9.264   0.712   -5.848  1.00 27.23  ?  37  G   A P     1 
ATOM   746  O  OP1   . G   A 1 36 ? 10.140  1.901   -5.743  1.00 26.32  ?  37  G   A OP1   1 
ATOM   747  O  OP2   . G   A 1 36 ? 8.346   0.366   -4.750  1.00 28.93  ?  37  G   A OP2   1 
ATOM   748  O  "O5'" . G   A 1 36 ? 8.427   0.807   -7.190  1.00 30.41  ?  37  G   A "O5'" 1 
ATOM   749  C  "C5'" . G   A 1 36 ? 9.092   0.921   -8.440  1.00 32.83  ?  37  G   A "C5'" 1 
ATOM   750  C  "C4'" . G   A 1 36 ? 8.236   0.445   -9.586  1.00 29.50  ?  37  G   A "C4'" 1 
ATOM   751  O  "O4'" . G   A 1 36 ? 7.926   -0.966  -9.424  1.00 33.19  ?  37  G   A "O4'" 1 
ATOM   752  C  "C3'" . G   A 1 36 ? 6.872   1.108   -9.740  1.00 30.85  ?  37  G   A "C3'" 1 
ATOM   753  O  "O3'" . G   A 1 36 ? 6.959   2.378   -10.382 1.00 27.72  ?  37  G   A "O3'" 1 
ATOM   754  C  "C2'" . G   A 1 36 ? 6.104   0.067   -10.547 1.00 31.05  ?  37  G   A "C2'" 1 
ATOM   755  O  "O2'" . G   A 1 36 ? 6.499   0.113   -11.910 1.00 32.90  ?  37  G   A "O2'" 1 
ATOM   756  C  "C1'" . G   A 1 36 ? 6.646   -1.238  -9.957  1.00 30.85  ?  37  G   A "C1'" 1 
ATOM   757  N  N9    . G   A 1 36 ? 5.778   -1.773  -8.890  1.00 32.94  ?  37  G   A N9    1 
ATOM   758  C  C8    . G   A 1 36 ? 5.954   -1.685  -7.530  1.00 28.56  ?  37  G   A C8    1 
ATOM   759  N  N7    . G   A 1 36 ? 4.996   -2.266  -6.862  1.00 33.02  ?  37  G   A N7    1 
ATOM   760  C  C5    . G   A 1 36 ? 4.128   -2.758  -7.830  1.00 30.67  ?  37  G   A C5    1 
ATOM   761  C  C6    . G   A 1 36 ? 2.911   -3.472  -7.702  1.00 33.33  ?  37  G   A C6    1 
ATOM   762  O  O6    . G   A 1 36 ? 2.323   -3.831  -6.670  1.00 32.74  ?  37  G   A O6    1 
ATOM   763  N  N1    . G   A 1 36 ? 2.372   -3.774  -8.946  1.00 35.42  ?  37  G   A N1    1 
ATOM   764  C  C2    . G   A 1 36 ? 2.926   -3.425  -10.162 1.00 34.80  ?  37  G   A C2    1 
ATOM   765  N  N2    . G   A 1 36 ? 2.253   -3.799  -11.261 1.00 34.73  ?  37  G   A N2    1 
ATOM   766  N  N3    . G   A 1 36 ? 4.052   -2.756  -10.290 1.00 28.16  ?  37  G   A N3    1 
ATOM   767  C  C4    . G   A 1 36 ? 4.594   -2.456  -9.090  1.00 31.89  ?  37  G   A C4    1 
ATOM   768  P  P     . C   A 1 37 ? 5.968   3.599   -10.042 1.00 30.79  ?  38  C   A P     1 
ATOM   769  O  OP1   . C   A 1 37 ? 6.562   4.733   -10.796 1.00 33.27  ?  38  C   A OP1   1 
ATOM   770  O  OP2   . C   A 1 37 ? 5.644   3.806   -8.614  1.00 29.67  ?  38  C   A OP2   1 
ATOM   771  O  "O5'" . C   A 1 37 ? 4.605   3.185   -10.734 1.00 33.75  ?  38  C   A "O5'" 1 
ATOM   772  C  "C5'" . C   A 1 37 ? 4.533   2.991   -12.136 1.00 31.70  ?  38  C   A "C5'" 1 
ATOM   773  C  "C4'" . C   A 1 37 ? 3.191   2.447   -12.543 1.00 28.35  ?  38  C   A "C4'" 1 
ATOM   774  O  "O4'" . C   A 1 37 ? 3.104   1.044   -12.197 1.00 32.22  ?  38  C   A "O4'" 1 
ATOM   775  C  "C3'" . C   A 1 37 ? 1.981   3.060   -11.856 1.00 31.91  ?  38  C   A "C3'" 1 
ATOM   776  O  "O3'" . C   A 1 37 ? 1.585   4.290   -12.417 1.00 33.50  ?  38  C   A "O3'" 1 
ATOM   777  C  "C2'" . C   A 1 37 ? 0.936   1.982   -12.031 1.00 31.54  ?  38  C   A "C2'" 1 
ATOM   778  O  "O2'" . C   A 1 37 ? 0.480   1.990   -13.367 1.00 30.72  ?  38  C   A "O2'" 1 
ATOM   779  C  "C1'" . C   A 1 37 ? 1.777   0.726   -11.827 1.00 32.23  ?  38  C   A "C1'" 1 
ATOM   780  N  N1    . C   A 1 37 ? 1.754   0.303   -10.414 1.00 31.95  ?  38  C   A N1    1 
ATOM   781  C  C2    . C   A 1 37 ? 0.675   -0.477  -10.029 1.00 31.92  ?  38  C   A C2    1 
ATOM   782  O  O2    . C   A 1 37 ? -0.164  -0.773  -10.896 1.00 31.30  ?  38  C   A O2    1 
ATOM   783  N  N3    . C   A 1 37 ? 0.598   -0.885  -8.744  1.00 30.55  ?  38  C   A N3    1 
ATOM   784  C  C4    . C   A 1 37 ? 1.542   -0.528  -7.868  1.00 33.12  ?  38  C   A C4    1 
ATOM   785  N  N4    . C   A 1 37 ? 1.416   -0.953  -6.611  1.00 35.81  ?  38  C   A N4    1 
ATOM   786  C  C5    . C   A 1 37 ? 2.656   0.280   -8.227  1.00 28.81  ?  38  C   A C5    1 
ATOM   787  C  C6    . C   A 1 37 ? 2.715   0.673   -9.506  1.00 31.75  ?  38  C   A C6    1 
ATOM   788  P  P     . G   A 1 38 ? 0.935   5.413   -11.491 1.00 32.70  ?  39  G   A P     1 
ATOM   789  O  OP1   . G   A 1 38 ? 0.808   6.616   -12.359 1.00 37.53  ?  39  G   A OP1   1 
ATOM   790  O  OP2   . G   A 1 38 ? 1.683   5.478   -10.214 1.00 31.37  ?  39  G   A OP2   1 
ATOM   791  O  "O5'" . G   A 1 38 ? -0.505  4.842   -11.122 1.00 35.51  ?  39  G   A "O5'" 1 
ATOM   792  C  "C5'" . G   A 1 38 ? -1.504  4.672   -12.115 1.00 30.83  ?  39  G   A "C5'" 1 
ATOM   793  C  "C4'" . G   A 1 38 ? -2.639  3.783   -11.654 1.00 31.80  ?  39  G   A "C4'" 1 
ATOM   794  O  "O4'" . G   A 1 38 ? -2.146  2.509   -11.154 1.00 34.41  ?  39  G   A "O4'" 1 
ATOM   795  C  "C3'" . G   A 1 38 ? -3.513  4.288   -10.519 1.00 34.32  ?  39  G   A "C3'" 1 
ATOM   796  O  "O3'" . G   A 1 38 ? -4.430  5.288   -10.924 1.00 30.91  ?  39  G   A "O3'" 1 
ATOM   797  C  "C2'" . G   A 1 38 ? -4.198  3.009   -10.067 1.00 32.83  ?  39  G   A "C2'" 1 
ATOM   798  O  "O2'" . G   A 1 38 ? -5.208  2.675   -11.003 1.00 32.24  ?  39  G   A "O2'" 1 
ATOM   799  C  "C1'" . G   A 1 38 ? -3.053  1.994   -10.196 1.00 28.60  ?  39  G   A "C1'" 1 
ATOM   800  N  N9    . G   A 1 38 ? -2.344  1.801   -8.907  1.00 34.74  ?  39  G   A N9    1 
ATOM   801  C  C8    . G   A 1 38 ? -1.105  2.285   -8.546  1.00 32.12  ?  39  G   A C8    1 
ATOM   802  N  N7    . G   A 1 38 ? -0.750  1.966   -7.325  1.00 30.94  ?  39  G   A N7    1 
ATOM   803  C  C5    . G   A 1 38 ? -1.814  1.225   -6.836  1.00 29.48  ?  39  G   A C5    1 
ATOM   804  C  C6    . G   A 1 38 ? -2.010  0.607   -5.570  1.00 31.25  ?  39  G   A C6    1 
ATOM   805  O  O6    . G   A 1 38 ? -1.267  0.580   -4.577  1.00 28.34  ?  39  G   A O6    1 
ATOM   806  N  N1    . G   A 1 38 ? -3.231  -0.042  -5.512  1.00 28.40  ?  39  G   A N1    1 
ATOM   807  C  C2    . G   A 1 38 ? -4.137  -0.097  -6.530  1.00 28.84  ?  39  G   A C2    1 
ATOM   808  N  N2    . G   A 1 38 ? -5.271  -0.762  -6.287  1.00 31.36  ?  39  G   A N2    1 
ATOM   809  N  N3    . G   A 1 38 ? -3.972  0.478   -7.696  1.00 31.84  ?  39  G   A N3    1 
ATOM   810  C  C4    . G   A 1 38 ? -2.796  1.117   -7.793  1.00 31.15  ?  39  G   A C4    1 
ATOM   811  P  P     . U   A 1 39 ? -4.784  6.513   -9.946  1.00 29.41  ?  40  U   A P     1 
ATOM   812  O  OP1   . U   A 1 39 ? -5.567  7.496   -10.710 1.00 33.03  ?  40  U   A OP1   1 
ATOM   813  O  OP2   . U   A 1 39 ? -3.578  6.905   -9.201  1.00 29.36  ?  40  U   A OP2   1 
ATOM   814  O  "O5'" . U   A 1 39 ? -5.779  5.904   -8.869  1.00 35.72  ?  40  U   A "O5'" 1 
ATOM   815  C  "C5'" . U   A 1 39 ? -6.930  5.165   -9.245  1.00 32.28  ?  40  U   A "C5'" 1 
ATOM   816  C  "C4'" . U   A 1 39 ? -7.448  4.357   -8.081  1.00 32.79  ?  40  U   A "C4'" 1 
ATOM   817  O  "O4'" . U   A 1 39 ? -6.445  3.406   -7.648  1.00 29.50  ?  40  U   A "O4'" 1 
ATOM   818  C  "C3'" . U   A 1 39 ? -7.774  5.166   -6.839  1.00 33.54  ?  40  U   A "C3'" 1 
ATOM   819  O  "O3'" . U   A 1 39 ? -9.090  5.694   -6.919  1.00 39.75  ?  40  U   A "O3'" 1 
ATOM   820  C  "C2'" . U   A 1 39 ? -7.588  4.169   -5.698  1.00 28.32  ?  40  U   A "C2'" 1 
ATOM   821  O  "O2'" . U   A 1 39 ? -8.788  3.445   -5.471  1.00 41.83  ?  40  U   A "O2'" 1 
ATOM   822  C  "C1'" . U   A 1 39 ? -6.530  3.207   -6.260  1.00 32.63  ?  40  U   A "C1'" 1 
ATOM   823  N  N1    . U   A 1 39 ? -5.181  3.364   -5.648  1.00 29.36  ?  40  U   A N1    1 
ATOM   824  C  C2    . U   A 1 39 ? -4.996  2.745   -4.447  1.00 27.18  ?  40  U   A C2    1 
ATOM   825  O  O2    . U   A 1 39 ? -5.875  2.111   -3.895  1.00 29.97  ?  40  U   A O2    1 
ATOM   826  N  N3    . U   A 1 39 ? -3.753  2.897   -3.900  1.00 31.23  ?  40  U   A N3    1 
ATOM   827  C  C4    . U   A 1 39 ? -2.683  3.584   -4.412  1.00 30.73  ?  40  U   A C4    1 
ATOM   828  O  O4    . U   A 1 39 ? -1.635  3.608   -3.774  1.00 24.33  ?  40  U   A O4    1 
ATOM   829  C  C5    . U   A 1 39 ? -2.941  4.196   -5.678  1.00 31.32  ?  40  U   A C5    1 
ATOM   830  C  C6    . U   A 1 39 ? -4.154  4.062   -6.235  1.00 29.97  ?  40  U   A C6    1 
ATOM   831  P  P     . G   A 1 40 ? -9.429  7.138   -6.320  1.00 27.61  ?  41  G   A P     1 
ATOM   832  O  OP1   . G   A 1 40 ? -10.857 7.403   -6.584  1.00 34.93  ?  41  G   A OP1   1 
ATOM   833  O  OP2   . G   A 1 40 ? -8.351  8.076   -6.729  1.00 32.04  ?  41  G   A OP2   1 
ATOM   834  O  "O5'" . G   A 1 40 ? -9.307  6.917   -4.758  1.00 30.80  ?  41  G   A "O5'" 1 
ATOM   835  C  "C5'" . G   A 1 40 ? -9.535  7.974   -3.844  1.00 29.57  ?  41  G   A "C5'" 1 
ATOM   836  C  "C4'" . G   A 1 40 ? -9.031  7.568   -2.496  1.00 28.33  ?  41  G   A "C4'" 1 
ATOM   837  O  "O4'" . G   A 1 40 ? -7.591  7.697   -2.472  1.00 25.77  ?  41  G   A "O4'" 1 
ATOM   838  C  "C3'" . G   A 1 40 ? -9.567  8.354   -1.298  1.00 30.50  ?  41  G   A "C3'" 1 
ATOM   839  O  "O3'" . G   A 1 40 ? -10.064 7.444   -0.327  1.00 30.21  ?  41  G   A "O3'" 1 
ATOM   840  C  "C2'" . G   A 1 40 ? -8.335  9.076   -0.735  1.00 27.70  ?  41  G   A "C2'" 1 
ATOM   841  O  "O2'" . G   A 1 40 ? -8.326  9.143   0.670   1.00 30.23  ?  41  G   A "O2'" 1 
ATOM   842  C  "C1'" . G   A 1 40 ? -7.187  8.210   -1.223  1.00 26.45  ?  41  G   A "C1'" 1 
ATOM   843  N  N9    . G   A 1 40 ? -5.916  8.903   -1.439  1.00 28.28  ?  41  G   A N9    1 
ATOM   844  C  C8    . G   A 1 40 ? -5.640  9.838   -2.408  1.00 26.09  ?  41  G   A C8    1 
ATOM   845  N  N7    . G   A 1 40 ? -4.399  10.246  -2.414  1.00 22.04  ?  41  G   A N7    1 
ATOM   846  C  C5    . G   A 1 40 ? -3.807  9.534   -1.382  1.00 29.54  ?  41  G   A C5    1 
ATOM   847  C  C6    . G   A 1 40 ? -2.468  9.546   -0.910  1.00 26.36  ?  41  G   A C6    1 
ATOM   848  O  O6    . G   A 1 40 ? -1.515  10.218  -1.312  1.00 22.44  ?  41  G   A O6    1 
ATOM   849  N  N1    . G   A 1 40 ? -2.301  8.662   0.145   1.00 24.55  ?  41  G   A N1    1 
ATOM   850  C  C2    . G   A 1 40 ? -3.294  7.865   0.668   1.00 26.75  ?  41  G   A C2    1 
ATOM   851  N  N2    . G   A 1 40 ? -2.949  7.059   1.692   1.00 22.71  ?  41  G   A N2    1 
ATOM   852  N  N3    . G   A 1 40 ? -4.537  7.848   0.228   1.00 24.61  ?  41  G   A N3    1 
ATOM   853  C  C4    . G   A 1 40 ? -4.725  8.688   -0.788  1.00 26.58  ?  41  G   A C4    1 
ATOM   854  P  P     . U   A 1 41 ? -11.630 7.414   0.011   1.00 30.70  ?  42  U   A P     1 
ATOM   855  O  OP1   . U   A 1 41 ? -12.382 7.095   -1.221  1.00 32.87  ?  42  U   A OP1   1 
ATOM   856  O  OP2   . U   A 1 41 ? -11.987 8.598   0.814   1.00 28.00  ?  42  U   A OP2   1 
ATOM   857  O  "O5'" . U   A 1 41 ? -11.763 6.144   0.942   1.00 30.39  ?  42  U   A "O5'" 1 
ATOM   858  C  "C5'" . U   A 1 41 ? -11.935 4.861   0.365   1.00 30.90  ?  42  U   A "C5'" 1 
ATOM   859  C  "C4'" . U   A 1 41 ? -11.734 3.786   1.390   1.00 32.43  ?  42  U   A "C4'" 1 
ATOM   860  O  "O4'" . U   A 1 41 ? -10.316 3.665   1.681   1.00 34.45  ?  42  U   A "O4'" 1 
ATOM   861  C  "C3'" . U   A 1 41 ? -12.418 4.041   2.729   1.00 31.28  ?  42  U   A "C3'" 1 
ATOM   862  O  "O3'" . U   A 1 41 ? -12.720 2.780   3.302   1.00 40.46  ?  42  U   A "O3'" 1 
ATOM   863  C  "C2'" . U   A 1 41 ? -11.307 4.683   3.551   1.00 31.19  ?  42  U   A "C2'" 1 
ATOM   864  O  "O2'" . U   A 1 41 ? -11.465 4.569   4.947   1.00 31.05  ?  42  U   A "O2'" 1 
ATOM   865  C  "C1'" . U   A 1 41 ? -10.094 3.903   3.061   1.00 27.80  ?  42  U   A "C1'" 1 
ATOM   866  N  N1    . U   A 1 41 ? -8.810  4.598   3.193   1.00 26.55  ?  42  U   A N1    1 
ATOM   867  C  C2    . U   A 1 41 ? -8.047  4.197   4.249   1.00 27.72  ?  42  U   A C2    1 
ATOM   868  O  O2    . U   A 1 41 ? -8.437  3.350   5.029   1.00 31.78  ?  42  U   A O2    1 
ATOM   869  N  N3    . U   A 1 41 ? -6.831  4.812   4.361   1.00 27.50  ?  42  U   A N3    1 
ATOM   870  C  C4    . U   A 1 41 ? -6.320  5.774   3.522   1.00 29.09  ?  42  U   A C4    1 
ATOM   871  O  O4    . U   A 1 41 ? -5.204  6.216   3.769   1.00 28.84  ?  42  U   A O4    1 
ATOM   872  C  C5    . U   A 1 41 ? -7.170  6.151   2.431   1.00 26.46  ?  42  U   A C5    1 
ATOM   873  C  C6    . U   A 1 41 ? -8.364  5.553   2.304   1.00 28.14  ?  42  U   A C6    1 
ATOM   874  P  P     . C   A 1 42 ? -14.238 2.313   3.471   1.00 39.47  ?  43  C   A P     1 
ATOM   875  O  OP1   . C   A 1 42 ? -14.592 1.492   2.292   1.00 39.57  ?  43  C   A OP1   1 
ATOM   876  O  OP2   . C   A 1 42 ? -15.026 3.515   3.827   1.00 33.43  ?  43  C   A OP2   1 
ATOM   877  O  "O5'" . C   A 1 42 ? -14.168 1.387   4.759   1.00 43.40  ?  43  C   A "O5'" 1 
ATOM   878  C  "C5'" . C   A 1 42 ? -15.006 0.257   4.915   1.00 45.76  ?  43  C   A "C5'" 1 
ATOM   879  C  "C4'" . C   A 1 42 ? -14.842 -0.314  6.296   1.00 45.80  ?  43  C   A "C4'" 1 
ATOM   880  O  "O4'" . C   A 1 42 ? -13.541 -0.948  6.408   1.00 46.38  ?  43  C   A "O4'" 1 
ATOM   881  C  "C3'" . C   A 1 42 ? -14.828 0.709   7.412   1.00 44.72  ?  43  C   A "C3'" 1 
ATOM   882  O  "O3'" . C   A 1 42 ? -16.104 1.198   7.770   1.00 45.16  ?  43  C   A "O3'" 1 
ATOM   883  C  "C2'" . C   A 1 42 ? -14.088 -0.024  8.522   1.00 46.73  ?  43  C   A "C2'" 1 
ATOM   884  O  "O2'" . C   A 1 42 ? -14.931 -0.978  9.152   1.00 51.56  ?  43  C   A "O2'" 1 
ATOM   885  C  "C1'" . C   A 1 42 ? -13.035 -0.776  7.717   1.00 44.85  ?  43  C   A "C1'" 1 
ATOM   886  N  N1    . C   A 1 42 ? -11.748 -0.046  7.648   1.00 45.03  ?  43  C   A N1    1 
ATOM   887  C  C2    . C   A 1 42 ? -10.839 -0.259  8.677   1.00 41.15  ?  43  C   A C2    1 
ATOM   888  O  O2    . C   A 1 42 ? -11.167 -1.043  9.572   1.00 46.69  ?  43  C   A O2    1 
ATOM   889  N  N3    . C   A 1 42 ? -9.640  0.371   8.670   1.00 44.17  ?  43  C   A N3    1 
ATOM   890  C  C4    . C   A 1 42 ? -9.328  1.205   7.670   1.00 43.14  ?  43  C   A C4    1 
ATOM   891  N  N4    . C   A 1 42 ? -8.128  1.821   7.690   1.00 29.79  ?  43  C   A N4    1 
ATOM   892  C  C5    . C   A 1 42 ? -10.254 1.444   6.609   1.00 36.71  ?  43  C   A C5    1 
ATOM   893  C  C6    . C   A 1 42 ? -11.435 0.810   6.627   1.00 41.38  ?  43  C   A C6    1 
ATOM   894  P  P     . G   A 1 43 ? -16.192 2.692   8.337   1.00 53.61  ?  44  G   A P     1 
ATOM   895  O  OP1   . G   A 1 43 ? -17.335 2.799   9.276   1.00 66.82  ?  44  G   A OP1   1 
ATOM   896  O  OP2   . G   A 1 43 ? -16.100 3.635   7.183   1.00 50.49  ?  44  G   A OP2   1 
ATOM   897  O  "O5'" . G   A 1 43 ? -14.848 2.774   9.177   1.00 46.08  ?  44  G   A "O5'" 1 
ATOM   898  C  "C5'" . G   A 1 43 ? -14.539 3.859   10.027  1.00 46.78  ?  44  G   A "C5'" 1 
ATOM   899  C  "C4'" . G   A 1 43 ? -13.341 3.519   10.881  1.00 45.62  ?  44  G   A "C4'" 1 
ATOM   900  O  "O4'" . G   A 1 43 ? -12.285 2.951   10.062  1.00 38.43  ?  44  G   A "O4'" 1 
ATOM   901  C  "C3'" . G   A 1 43 ? -12.688 4.695   11.572  1.00 38.81  ?  44  G   A "C3'" 1 
ATOM   902  O  "O3'" . G   A 1 43 ? -13.353 5.020   12.770  1.00 34.02  ?  44  G   A "O3'" 1 
ATOM   903  C  "C2'" . G   A 1 43 ? -11.256 4.224   11.772  1.00 30.87  ?  44  G   A "C2'" 1 
ATOM   904  O  "O2'" . G   A 1 43 ? -11.177 3.355   12.883  1.00 34.81  ?  44  G   A "O2'" 1 
ATOM   905  C  "C1'" . G   A 1 43 ? -11.026 3.399   10.511  1.00 35.07  ?  44  G   A "C1'" 1 
ATOM   906  N  N9    . G   A 1 43 ? -10.399 4.191   9.432   1.00 31.54  ?  44  G   A N9    1 
ATOM   907  C  C8    . G   A 1 43 ? -10.956 4.459   8.209   1.00 36.43  ?  44  G   A C8    1 
ATOM   908  N  N7    . G   A 1 43 ? -10.215 5.184   7.421   1.00 31.34  ?  44  G   A N7    1 
ATOM   909  C  C5    . G   A 1 43 ? -9.088  5.411   8.189   1.00 30.77  ?  44  G   A C5    1 
ATOM   910  C  C6    . G   A 1 43 ? -7.927  6.140   7.854   1.00 28.43  ?  44  G   A C6    1 
ATOM   911  O  O6    . G   A 1 43 ? -7.679  6.732   6.808   1.00 30.78  ?  44  G   A O6    1 
ATOM   912  N  N1    . G   A 1 43 ? -7.010  6.137   8.892   1.00 27.35  ?  44  G   A N1    1 
ATOM   913  C  C2    . G   A 1 43 ? -7.184  5.510   10.103  1.00 26.04  ?  44  G   A C2    1 
ATOM   914  N  N2    . G   A 1 43 ? -6.156  5.647   10.954  1.00 25.73  ?  44  G   A N2    1 
ATOM   915  N  N3    . G   A 1 43 ? -8.270  4.823   10.443  1.00 25.61  ?  44  G   A N3    1 
ATOM   916  C  C4    . G   A 1 43 ? -9.175  4.807   9.431   1.00 29.42  ?  44  G   A C4    1 
ATOM   917  P  P     . G   A 1 44 ? -13.500 6.553   13.190  1.00 37.46  ?  45  G   A P     1 
ATOM   918  O  OP1   . G   A 1 44 ? -14.193 6.580   14.500  1.00 37.61  ?  45  G   A OP1   1 
ATOM   919  O  OP2   . G   A 1 44 ? -14.044 7.301   12.033  1.00 38.82  ?  45  G   A OP2   1 
ATOM   920  O  "O5'" . G   A 1 44 ? -11.996 7.027   13.421  1.00 34.02  ?  45  G   A "O5'" 1 
ATOM   921  C  "C5'" . G   A 1 44 ? -11.240 6.535   14.520  1.00 32.01  ?  45  G   A "C5'" 1 
ATOM   922  C  "C4'" . G   A 1 44 ? -9.908  7.233   14.617  1.00 37.33  ?  45  G   A "C4'" 1 
ATOM   923  O  "O4'" . G   A 1 44 ? -9.070  6.849   13.495  1.00 30.82  ?  45  G   A "O4'" 1 
ATOM   924  C  "C3'" . G   A 1 44 ? -9.964  8.752   14.558  1.00 35.47  ?  45  G   A "C3'" 1 
ATOM   925  O  "O3'" . G   A 1 44 ? -10.212 9.322   15.837  1.00 33.27  ?  45  G   A "O3'" 1 
ATOM   926  C  "C2'" . G   A 1 44 ? -8.607  9.122   13.978  1.00 29.68  ?  45  G   A "C2'" 1 
ATOM   927  O  "O2'" . G   A 1 44 ? -7.619  9.076   14.990  1.00 37.00  ?  45  G   A "O2'" 1 
ATOM   928  C  "C1'" . G   A 1 44 ? -8.351  7.963   13.020  1.00 29.92  ?  45  G   A "C1'" 1 
ATOM   929  N  N9    . G   A 1 44 ? -8.788  8.244   11.634  1.00 29.66  ?  45  G   A N9    1 
ATOM   930  C  C8    . G   A 1 44 ? -9.945  7.799   11.038  1.00 32.62  ?  45  G   A C8    1 
ATOM   931  N  N7    . G   A 1 44 ? -10.091 8.177   9.801   1.00 28.44  ?  45  G   A N7    1 
ATOM   932  C  C5    . G   A 1 44 ? -8.950  8.918   9.555   1.00 30.90  ?  45  G   A C5    1 
ATOM   933  C  C6    . G   A 1 44 ? -8.550  9.599   8.381   1.00 26.87  ?  45  G   A C6    1 
ATOM   934  O  O6    . G   A 1 44 ? -9.146  9.657   7.305   1.00 27.19  ?  45  G   A O6    1 
ATOM   935  N  N1    . G   A 1 44 ? -7.327  10.237  8.541   1.00 26.27  ?  45  G   A N1    1 
ATOM   936  C  C2    . G   A 1 44 ? -6.578  10.225  9.694   1.00 28.38  ?  45  G   A C2    1 
ATOM   937  N  N2    . G   A 1 44 ? -5.414  10.907  9.666   1.00 26.27  ?  45  G   A N2    1 
ATOM   938  N  N3    . G   A 1 44 ? -6.948  9.592   10.797  1.00 29.76  ?  45  G   A N3    1 
ATOM   939  C  C4    . G   A 1 44 ? -8.134  8.969   10.666  1.00 28.52  ?  45  G   A C4    1 
ATOM   940  P  P     . C   A 1 45 ? -11.030 10.694  15.976  1.00 37.29  ?  46  C   A P     1 
ATOM   941  O  OP1   . C   A 1 45 ? -11.118 11.089  17.392  1.00 32.53  ?  46  C   A OP1   1 
ATOM   942  O  OP2   . C   A 1 45 ? -12.266 10.594  15.157  1.00 37.84  ?  46  C   A OP2   1 
ATOM   943  O  "O5'" . C   A 1 45 ? -10.116 11.746  15.222  1.00 35.53  ?  46  C   A "O5'" 1 
ATOM   944  C  "C5'" . C   A 1 45 ? -9.103  12.446  15.904  1.00 31.53  ?  46  C   A "C5'" 1 
ATOM   945  C  "C4'" . C   A 1 45 ? -8.290  13.259  14.941  1.00 35.38  ?  46  C   A "C4'" 1 
ATOM   946  O  "O4'" . C   A 1 45 ? -7.874  12.430  13.819  1.00 33.03  ?  46  C   A "O4'" 1 
ATOM   947  C  "C3'" . C   A 1 45 ? -9.004  14.417  14.264  1.00 32.67  ?  46  C   A "C3'" 1 
ATOM   948  O  "O3'" . C   A 1 45 ? -9.174  15.551  15.096  1.00 34.67  ?  46  C   A "O3'" 1 
ATOM   949  C  "C2'" . C   A 1 45 ? -8.106  14.663  13.070  1.00 28.59  ?  46  C   A "C2'" 1 
ATOM   950  O  "O2'" . C   A 1 45 ? -6.898  15.259  13.504  1.00 27.70  ?  46  C   A "O2'" 1 
ATOM   951  C  "C1'" . C   A 1 45 ? -7.786  13.229  12.655  1.00 30.88  ?  46  C   A "C1'" 1 
ATOM   952  N  N1    . C   A 1 45 ? -8.756  12.732  11.655  1.00 32.57  ?  46  C   A N1    1 
ATOM   953  C  C2    . C   A 1 45 ? -8.627  13.186  10.339  1.00 30.18  ?  46  C   A C2    1 
ATOM   954  O  O2    . C   A 1 45 ? -7.707  13.971  10.061  1.00 25.50  ?  46  C   A O2    1 
ATOM   955  N  N3    . C   A 1 45 ? -9.505  12.753  9.406   1.00 28.38  ?  46  C   A N3    1 
ATOM   956  C  C4    . C   A 1 45 ? -10.489 11.917  9.750   1.00 31.99  ?  46  C   A C4    1 
ATOM   957  N  N4    . C   A 1 45 ? -11.340 11.509  8.799   1.00 26.65  ?  46  C   A N4    1 
ATOM   958  C  C5    . C   A 1 45 ? -10.637 11.444  11.085  1.00 28.39  ?  46  C   A C5    1 
ATOM   959  C  C6    . C   A 1 45 ? -9.762  11.879  11.995  1.00 29.62  ?  46  C   A C6    1 
ATOM   960  P  P     . G   A 1 46 ? -10.567 16.358  15.070  1.00 33.48  ?  47  G   A P     1 
ATOM   961  O  OP1   . G   A 1 46 ? -10.658 17.145  16.317  1.00 40.25  ?  47  G   A OP1   1 
ATOM   962  O  OP2   . G   A 1 46 ? -11.644 15.413  14.724  1.00 29.58  ?  47  G   A OP2   1 
ATOM   963  O  "O5'" . G   A 1 46 ? -10.401 17.388  13.860  1.00 29.43  ?  47  G   A "O5'" 1 
ATOM   964  C  "C5'" . G   A 1 46 ? -9.301  18.288  13.805  1.00 29.22  ?  47  G   A "C5'" 1 
ATOM   965  C  "C4'" . G   A 1 46 ? -9.092  18.864  12.419  1.00 32.57  ?  47  G   A "C4'" 1 
ATOM   966  O  "O4'" . G   A 1 46 ? -8.733  17.810  11.484  1.00 30.26  ?  47  G   A "O4'" 1 
ATOM   967  C  "C3'" . G   A 1 46 ? -10.292 19.536  11.755  1.00 32.47  ?  47  G   A "C3'" 1 
ATOM   968  O  "O3'" . G   A 1 46 ? -10.547 20.847  12.228  1.00 34.57  ?  47  G   A "O3'" 1 
ATOM   969  C  "C2'" . G   A 1 46 ? -9.906  19.488  10.286  1.00 26.77  ?  47  G   A "C2'" 1 
ATOM   970  O  "O2'" . G   A 1 46 ? -8.912  20.456  10.010  1.00 35.12  ?  47  G   A "O2'" 1 
ATOM   971  C  "C1'" . G   A 1 46 ? -9.242  18.121  10.201  1.00 26.47  ?  47  G   A "C1'" 1 
ATOM   972  N  N9    . G   A 1 46 ? -10.184 17.068  9.781   1.00 26.76  ?  47  G   A N9    1 
ATOM   973  C  C8    . G   A 1 46 ? -10.706 16.045  10.536  1.00 26.90  ?  47  G   A C8    1 
ATOM   974  N  N7    . G   A 1 46 ? -11.504 15.277  9.844   1.00 26.60  ?  47  G   A N7    1 
ATOM   975  C  C5    . G   A 1 46 ? -11.524 15.825  8.571   1.00 24.21  ?  47  G   A C5    1 
ATOM   976  C  C6    . G   A 1 46 ? -12.200 15.427  7.393   1.00 24.27  ?  47  G   A C6    1 
ATOM   977  O  O6    . G   A 1 46 ? -12.953 14.470  7.212   1.00 24.66  ?  47  G   A O6    1 
ATOM   978  N  N1    . G   A 1 46 ? -11.921 16.262  6.327   1.00 23.40  ?  47  G   A N1    1 
ATOM   979  C  C2    . G   A 1 46 ? -11.093 17.350  6.388   1.00 24.42  ?  47  G   A C2    1 
ATOM   980  N  N2    . G   A 1 46 ? -10.943 18.054  5.255   1.00 24.55  ?  47  G   A N2    1 
ATOM   981  N  N3    . G   A 1 46 ? -10.458 17.733  7.477   1.00 25.85  ?  47  G   A N3    1 
ATOM   982  C  C4    . G   A 1 46 ? -10.712 16.927  8.520   1.00 24.59  ?  47  G   A C4    1 
ATOM   983  P  P     . C   A 1 47 ? -12.044 21.439  12.236  1.00 32.52  ?  48  C   A P     1 
ATOM   984  O  OP1   . C   A 1 47 ? -11.999 22.728  12.962  1.00 35.58  ?  48  C   A OP1   1 
ATOM   985  O  OP2   . C   A 1 47 ? -12.956 20.364  12.681  1.00 29.05  ?  48  C   A OP2   1 
ATOM   986  O  "O5'" . C   A 1 47 ? -12.383 21.749  10.710  1.00 32.09  ?  48  C   A "O5'" 1 
ATOM   987  C  "C5'" . C   A 1 47 ? -11.649 22.704  9.964   1.00 29.17  ?  48  C   A "C5'" 1 
ATOM   988  C  "C4'" . C   A 1 47 ? -12.118 22.758  8.528   1.00 33.27  ?  48  C   A "C4'" 1 
ATOM   989  O  "O4'" . C   A 1 47 ? -11.834 21.504  7.855   1.00 28.83  ?  48  C   A "O4'" 1 
ATOM   990  C  "C3'" . C   A 1 47 ? -13.613 22.957  8.335   1.00 29.95  ?  48  C   A "C3'" 1 
ATOM   991  O  "O3'" . C   A 1 47 ? -13.980 24.318  8.399   1.00 31.66  ?  48  C   A "O3'" 1 
ATOM   992  C  "C2'" . C   A 1 47 ? -13.870 22.341  6.969   1.00 27.78  ?  48  C   A "C2'" 1 
ATOM   993  O  "O2'" . C   A 1 47 ? -13.502 23.242  5.942   1.00 30.20  ?  48  C   A "O2'" 1 
ATOM   994  C  "C1'" . C   A 1 47 ? -12.880 21.188  6.959   1.00 29.19  ?  48  C   A "C1'" 1 
ATOM   995  N  N1    . C   A 1 47 ? -13.498 19.900  7.359   1.00 27.27  ?  48  C   A N1    1 
ATOM   996  C  C2    . C   A 1 47 ? -14.172 19.207  6.369   1.00 23.03  ?  48  C   A C2    1 
ATOM   997  O  O2    . C   A 1 47 ? -14.273 19.721  5.246   1.00 26.46  ?  48  C   A O2    1 
ATOM   998  N  N3    . C   A 1 47 ? -14.732 18.022  6.661   1.00 24.77  ?  48  C   A N3    1 
ATOM   999  C  C4    . C   A 1 47 ? -14.646 17.516  7.890   1.00 26.27  ?  48  C   A C4    1 
ATOM   1000 N  N4    . C   A 1 47 ? -15.222 16.330  8.091   1.00 23.13  ?  48  C   A N4    1 
ATOM   1001 C  C5    . C   A 1 47 ? -13.949 18.194  8.940   1.00 25.26  ?  48  C   A C5    1 
ATOM   1002 C  C6    . C   A 1 47 ? -13.390 19.376  8.628   1.00 28.06  ?  48  C   A C6    1 
ATOM   1003 P  P     . C   A 1 48 ? -15.415 24.739  8.969   1.00 28.34  ?  49  C   A P     1 
ATOM   1004 O  OP1   . C   A 1 48 ? -15.430 26.215  9.046   1.00 39.24  ?  49  C   A OP1   1 
ATOM   1005 O  OP2   . C   A 1 48 ? -15.674 23.921  10.167  1.00 34.72  ?  49  C   A OP2   1 
ATOM   1006 O  "O5'" . C   A 1 48 ? -16.429 24.276  7.828   1.00 28.67  ?  49  C   A "O5'" 1 
ATOM   1007 C  "C5'" . C   A 1 48 ? -16.552 25.021  6.619   1.00 26.31  ?  49  C   A "C5'" 1 
ATOM   1008 C  "C4'" . C   A 1 48 ? -17.410 24.321  5.581   1.00 28.13  ?  49  C   A "C4'" 1 
ATOM   1009 O  "O4'" . C   A 1 48 ? -17.034 22.919  5.542   1.00 24.52  ?  49  C   A "O4'" 1 
ATOM   1010 C  "C3'" . C   A 1 48 ? -18.944 24.377  5.758   1.00 25.82  ?  49  C   A "C3'" 1 
ATOM   1011 O  "O3'" . C   A 1 48 ? -19.615 24.975  4.635   1.00 29.28  ?  49  C   A "O3'" 1 
ATOM   1012 C  "C2'" . C   A 1 48 ? -19.388 22.919  5.781   1.00 25.10  ?  49  C   A "C2'" 1 
ATOM   1013 O  "O2'" . C   A 1 48 ? -20.455 22.715  4.888   1.00 31.34  ?  49  C   A "O2'" 1 
ATOM   1014 C  "C1'" . C   A 1 48 ? -18.166 22.127  5.292   1.00 29.11  ?  49  C   A "C1'" 1 
ATOM   1015 N  N1    . C   A 1 48 ? -18.026 20.867  6.041   1.00 26.14  ?  49  C   A N1    1 
ATOM   1016 C  C2    . C   A 1 48 ? -18.546 19.664  5.558   1.00 24.73  ?  49  C   A C2    1 
ATOM   1017 O  O2    . C   A 1 48 ? -19.064 19.630  4.440   1.00 24.09  ?  49  C   A O2    1 
ATOM   1018 N  N3    . C   A 1 48 ? -18.459 18.542  6.321   1.00 25.66  ?  49  C   A N3    1 
ATOM   1019 C  C4    . C   A 1 48 ? -17.904 18.586  7.531   1.00 24.94  ?  49  C   A C4    1 
ATOM   1020 N  N4    . C   A 1 48 ? -17.837 17.455  8.246   1.00 28.36  ?  49  C   A N4    1 
ATOM   1021 C  C5    . C   A 1 48 ? -17.403 19.800  8.068   1.00 24.61  ?  49  C   A C5    1 
ATOM   1022 C  C6    . C   A 1 48 ? -17.496 20.899  7.304   1.00 26.78  ?  49  C   A C6    1 
HETATM 1023 P  PG    . GTP B 2 .  ? -20.604 9.594   8.902   1.00 69.54  ?  101 GTP A PG    1 
HETATM 1024 O  O1G   . GTP B 2 .  ? -20.021 10.976  8.626   1.00 41.48  ?  101 GTP A O1G   1 
HETATM 1025 O  O2G   . GTP B 2 .  ? -19.540 8.636   9.385   1.00 58.36  -1 101 GTP A O2G   1 
HETATM 1026 O  O3G   . GTP B 2 .  ? -21.780 9.624   9.861   1.00 48.68  ?  101 GTP A O3G   1 
HETATM 1027 O  O3B   . GTP B 2 .  ? -21.093 9.037   7.493   1.00 55.75  ?  101 GTP A O3B   1 
HETATM 1028 P  PB    . GTP B 2 .  ? -22.306 8.013   7.385   1.00 48.35  ?  101 GTP A PB    1 
HETATM 1029 O  O1B   . GTP B 2 .  ? -23.571 8.609   7.952   1.00 43.18  -1 101 GTP A O1B   1 
HETATM 1030 O  O2B   . GTP B 2 .  ? -21.969 6.653   7.956   1.00 50.74  ?  101 GTP A O2B   1 
HETATM 1031 O  O3A   . GTP B 2 .  ? -22.412 7.980   5.782   1.00 49.13  ?  101 GTP A O3A   1 
HETATM 1032 P  PA    . GTP B 2 .  ? -21.110 7.680   4.894   1.00 34.42  ?  101 GTP A PA    1 
HETATM 1033 O  O1A   . GTP B 2 .  ? -21.308 6.319   4.275   1.00 37.42  -1 101 GTP A O1A   1 
HETATM 1034 O  O2A   . GTP B 2 .  ? -19.826 7.814   5.663   1.00 32.33  ?  101 GTP A O2A   1 
HETATM 1035 O  "O5'" . GTP B 2 .  ? -21.237 8.790   3.752   1.00 31.43  ?  101 GTP A "O5'" 1 
HETATM 1036 C  "C5'" . GTP B 2 .  ? -22.346 8.728   2.893   1.00 29.57  ?  101 GTP A "C5'" 1 
HETATM 1037 C  "C4'" . GTP B 2 .  ? -22.468 10.059  2.184   1.00 26.34  ?  101 GTP A "C4'" 1 
HETATM 1038 O  "O4'" . GTP B 2 .  ? -22.971 11.016  3.081   1.00 27.25  ?  101 GTP A "O4'" 1 
HETATM 1039 C  "C3'" . GTP B 2 .  ? -21.130 10.618  1.776   1.00 22.23  ?  101 GTP A "C3'" 1 
HETATM 1040 O  "O3'" . GTP B 2 .  ? -20.717 10.064  0.560   1.00 29.97  ?  101 GTP A "O3'" 1 
HETATM 1041 C  "C2'" . GTP B 2 .  ? -21.435 12.085  1.676   1.00 22.55  ?  101 GTP A "C2'" 1 
HETATM 1042 O  "O2'" . GTP B 2 .  ? -22.245 12.283  0.553   1.00 28.69  ?  101 GTP A "O2'" 1 
HETATM 1043 C  "C1'" . GTP B 2 .  ? -22.371 12.280  2.845   1.00 27.55  ?  101 GTP A "C1'" 1 
HETATM 1044 N  N9    . GTP B 2 .  ? -21.584 12.681  4.013   1.00 22.31  ?  101 GTP A N9    1 
HETATM 1045 C  C8    . GTP B 2 .  ? -21.229 11.875  5.058   1.00 27.22  ?  101 GTP A C8    1 
HETATM 1046 N  N7    . GTP B 2 .  ? -20.507 12.599  5.949   1.00 22.55  ?  101 GTP A N7    1 
HETATM 1047 C  C5    . GTP B 2 .  ? -20.405 13.850  5.483   1.00 22.54  ?  101 GTP A C5    1 
HETATM 1048 C  C6    . GTP B 2 .  ? -19.786 14.973  5.991   1.00 22.95  ?  101 GTP A C6    1 
HETATM 1049 O  O6    . GTP B 2 .  ? -19.200 14.938  7.066   1.00 26.26  ?  101 GTP A O6    1 
HETATM 1050 N  N1    . GTP B 2 .  ? -19.835 16.145  5.284   1.00 21.67  ?  101 GTP A N1    1 
HETATM 1051 C  C2    . GTP B 2 .  ? -20.502 16.207  4.087   1.00 19.38  ?  101 GTP A C2    1 
HETATM 1052 N  N2    . GTP B 2 .  ? -20.511 17.359  3.424   1.00 21.38  ?  101 GTP A N2    1 
HETATM 1053 N  N3    . GTP B 2 .  ? -21.130 15.086  3.583   1.00 22.52  ?  101 GTP A N3    1 
HETATM 1054 C  C4    . GTP B 2 .  ? -21.083 13.922  4.269   1.00 22.51  ?  101 GTP A C4    1 
HETATM 1055 MG MG    . MG  C 3 .  ? 13.043  2.823   -2.820  1.00 24.46  ?  102 MG  A MG    1 
HETATM 1056 MG MG    . MG  D 3 .  ? 2.798   5.358   6.959   1.00 30.36  ?  103 MG  A MG    1 
HETATM 1057 MG MG    . MG  E 3 .  ? 11.151  9.999   1.061   1.00 25.13  ?  104 MG  A MG    1 
HETATM 1058 MG MG    . MG  F 3 .  ? -12.268 9.459   2.640   1.00 28.54  ?  105 MG  A MG    1 
HETATM 1059 MG MG    . MG  G 3 .  ? 5.208   4.106   10.442  1.00 36.45  ?  106 MG  A MG    1 
HETATM 1060 C  C13   . J8O H 4 .  ? -5.191  4.156   -0.071  1.00 25.89  ?  107 J8O A C13   1 
HETATM 1061 C  C15   . J8O H 4 .  ? -6.566  4.247   -0.670  1.00 31.88  ?  107 J8O A C15   1 
HETATM 1062 C  C17   . J8O H 4 .  ? -6.208  2.757   1.659   1.00 29.99  ?  107 J8O A C17   1 
HETATM 1063 C  C20   . J8O H 4 .  ? -3.852  2.677   3.109   1.00 30.55  ?  107 J8O A C20   1 
HETATM 1064 C  C21   . J8O H 4 .  ? -3.899  3.369   1.922   1.00 26.75  ?  107 J8O A C21   1 
HETATM 1065 C  C22   . J8O H 4 .  ? -4.893  1.271   4.876   1.00 26.78  ?  107 J8O A C22   1 
HETATM 1066 C  C01   . J8O H 4 .  ? -2.636  6.956   -3.260  1.00 26.28  ?  107 J8O A C01   1 
HETATM 1067 C  C02   . J8O H 4 .  ? -3.763  7.249   -4.035  1.00 24.84  ?  107 J8O A C02   1 
HETATM 1068 C  C04   . J8O H 4 .  ? -5.100  5.968   -2.615  1.00 28.20  ?  107 J8O A C04   1 
HETATM 1069 C  C05   . J8O H 4 .  ? -3.987  5.652   -1.831  1.00 27.11  ?  107 J8O A C05   1 
HETATM 1070 C  C08   . J8O H 4 .  ? -2.209  8.524   -5.571  1.00 26.82  ?  107 J8O A C08   1 
HETATM 1071 C  C09   . J8O H 4 .  ? -1.982  9.918   -5.028  1.00 30.25  ?  107 J8O A C09   1 
HETATM 1072 C  C11   . J8O H 4 .  ? -4.777  8.533   -5.941  1.00 26.01  ?  107 J8O A C11   1 
HETATM 1073 C  C12   . J8O H 4 .  ? -4.094  4.753   -0.537  1.00 23.39  ?  107 J8O A C12   1 
HETATM 1074 C  C14   . J8O H 4 .  ? -5.097  3.377   1.205   1.00 27.75  ?  107 J8O A C14   1 
HETATM 1075 C  C18   . J8O H 4 .  ? -6.155  2.049   2.861   1.00 28.37  ?  107 J8O A C18   1 
HETATM 1076 C  C19   . J8O H 4 .  ? -4.964  2.024   3.569   1.00 29.02  ?  107 J8O A C19   1 
HETATM 1077 N  N03   . J8O H 4 .  ? -4.978  6.768   -3.713  1.00 28.96  ?  107 J8O A N03   1 
HETATM 1078 N  N06   . J8O H 4 .  ? -2.771  6.172   -2.164  1.00 25.64  ?  107 J8O A N06   1 
HETATM 1079 N  N07   . J8O H 4 .  ? -3.613  8.087   -5.174  1.00 29.10  ?  107 J8O A N07   1 
HETATM 1080 N  N16   . J8O H 4 .  ? -7.581  4.318   -1.101  1.00 30.98  ?  107 J8O A N16   1 
HETATM 1081 N  N23   . J8O H 4 .  ? -4.844  0.715   5.835   1.00 37.20  ?  107 J8O A N23   1 
HETATM 1082 O  O10   . J8O H 4 .  ? -3.046  10.217  -4.179  1.00 34.71  ?  107 J8O A O10   1 
HETATM 1083 O  O     . HOH I 5 .  ? 7.012   7.148   4.524   1.00 29.68  ?  201 HOH A O     1 
HETATM 1084 O  O     . HOH I 5 .  ? 11.118  3.784   -3.767  1.00 24.94  ?  202 HOH A O     1 
HETATM 1085 O  O     . HOH I 5 .  ? -3.381  -7.118  -1.865  1.00 31.10  ?  203 HOH A O     1 
HETATM 1086 O  O     . HOH I 5 .  ? 15.915  -24.073 0.194   1.00 57.78  ?  204 HOH A O     1 
HETATM 1087 O  O     . HOH I 5 .  ? -8.449  -10.550 -1.827  1.00 47.99  ?  205 HOH A O     1 
HETATM 1088 O  O     . HOH I 5 .  ? 12.283  2.688   -0.728  1.00 27.56  ?  206 HOH A O     1 
HETATM 1089 O  O     . HOH I 5 .  ? 2.883   3.334   13.243  1.00 26.01  ?  207 HOH A O     1 
HETATM 1090 O  O     . HOH I 5 .  ? 3.695   3.771   7.467   1.00 27.11  ?  208 HOH A O     1 
HETATM 1091 O  O     . HOH I 5 .  ? 12.800  9.555   2.094   1.00 21.86  ?  209 HOH A O     1 
HETATM 1092 O  O     . HOH I 5 .  ? 3.198   7.119   -9.241  1.00 30.37  ?  210 HOH A O     1 
HETATM 1093 O  O     . HOH I 5 .  ? -15.535 14.989  -5.587  1.00 29.60  ?  211 HOH A O     1 
HETATM 1094 O  O     . HOH I 5 .  ? 9.462   6.310   -0.096  1.00 22.36  ?  212 HOH A O     1 
HETATM 1095 O  O     . HOH I 5 .  ? 2.178   1.278   11.719  1.00 22.30  ?  213 HOH A O     1 
HETATM 1096 O  O     . HOH I 5 .  ? 18.652  9.821   -4.853  1.00 31.33  ?  214 HOH A O     1 
HETATM 1097 O  O     . HOH I 5 .  ? -12.198 11.879  -0.802  1.00 25.30  ?  215 HOH A O     1 
HETATM 1098 O  O     . HOH I 5 .  ? 4.731   8.401   -6.012  1.00 24.44  ?  216 HOH A O     1 
HETATM 1099 O  O     . HOH I 5 .  ? 12.711  5.055   0.969   1.00 26.68  ?  217 HOH A O     1 
HETATM 1100 O  O     . HOH I 5 .  ? 1.621   0.945   -1.609  1.00 26.20  ?  218 HOH A O     1 
HETATM 1101 O  O     . HOH I 5 .  ? 14.507  -1.270  -0.105  1.00 27.56  ?  219 HOH A O     1 
HETATM 1102 O  O     . HOH I 5 .  ? -10.175 9.273   2.650   1.00 24.37  ?  220 HOH A O     1 
HETATM 1103 O  O     . HOH I 5 .  ? -0.887  2.521   -1.186  1.00 25.52  ?  221 HOH A O     1 
HETATM 1104 O  O     . HOH I 5 .  ? 6.384   6.317   -7.833  1.00 19.35  ?  222 HOH A O     1 
HETATM 1105 O  O     . HOH I 5 .  ? 0.750   -3.512  -4.181  1.00 24.83  ?  223 HOH A O     1 
HETATM 1106 O  O     . HOH I 5 .  ? -4.415  -9.901  0.617   1.00 44.28  ?  224 HOH A O     1 
HETATM 1107 O  O     . HOH I 5 .  ? -10.108 -9.244  -2.496  1.00 40.75  ?  225 HOH A O     1 
HETATM 1108 O  O     . HOH I 5 .  ? 6.838   -14.994 -12.028 1.00 49.49  ?  226 HOH A O     1 
HETATM 1109 O  O     . HOH I 5 .  ? 18.003  -20.749 -3.594  1.00 57.42  ?  227 HOH A O     1 
HETATM 1110 O  O     . HOH I 5 .  ? 16.347  0.058   1.612   1.00 13.12  ?  228 HOH A O     1 
HETATM 1111 O  O     . HOH I 5 .  ? 4.132   6.003   5.424   1.00 24.34  ?  229 HOH A O     1 
HETATM 1112 O  O     . HOH I 5 .  ? 9.254   10.072  0.371   1.00 28.21  ?  230 HOH A O     1 
HETATM 1113 O  O     . HOH I 5 .  ? -9.356  17.644  -4.117  1.00 32.22  ?  231 HOH A O     1 
HETATM 1114 O  O     . HOH I 5 .  ? 4.282   6.158   8.098   1.00 22.39  ?  232 HOH A O     1 
HETATM 1115 O  O     . HOH I 5 .  ? 12.139  1.054   -2.635  1.00 25.54  ?  233 HOH A O     1 
HETATM 1116 O  O     . HOH I 5 .  ? 4.221   11.410  -4.584  1.00 27.52  ?  234 HOH A O     1 
HETATM 1117 O  O     . HOH I 5 .  ? 13.544  4.869   -2.371  1.00 23.39  ?  235 HOH A O     1 
HETATM 1118 O  O     . HOH I 5 .  ? 2.530   1.259   8.333   1.00 26.07  ?  236 HOH A O     1 
HETATM 1119 O  O     . HOH I 5 .  ? 12.811  1.355   -6.806  1.00 31.86  ?  237 HOH A O     1 
HETATM 1120 O  O     . HOH I 5 .  ? -12.061 10.403  4.224   1.00 20.88  ?  238 HOH A O     1 
HETATM 1121 O  O     . HOH I 5 .  ? 9.886   0.883   -2.321  1.00 26.76  ?  239 HOH A O     1 
HETATM 1122 O  O     . HOH I 5 .  ? 13.924  2.541   -4.523  1.00 25.77  ?  240 HOH A O     1 
HETATM 1123 O  O     . HOH I 5 .  ? 20.247  6.260   -6.416  1.00 38.03  ?  241 HOH A O     1 
HETATM 1124 O  O     . HOH I 5 .  ? 11.361  -1.756  0.182   1.00 27.76  ?  242 HOH A O     1 
HETATM 1125 O  O     . HOH I 5 .  ? -2.255  13.647  -1.052  1.00 27.87  ?  243 HOH A O     1 
HETATM 1126 O  O     . HOH I 5 .  ? -21.177 3.418   5.075   1.00 39.28  ?  244 HOH A O     1 
HETATM 1127 O  O     . HOH I 5 .  ? 6.574   8.506   -3.007  1.00 23.73  ?  245 HOH A O     1 
HETATM 1128 O  O     . HOH I 5 .  ? 11.379  8.290   0.115   1.00 24.84  ?  246 HOH A O     1 
HETATM 1129 O  O     . HOH I 5 .  ? 9.911   8.880   2.680   1.00 19.33  ?  247 HOH A O     1 
HETATM 1130 O  O     . HOH I 5 .  ? 4.705   10.544  4.119   1.00 25.95  ?  248 HOH A O     1 
HETATM 1131 O  O     . HOH I 5 .  ? 12.713  0.669   0.529   1.00 14.45  ?  249 HOH A O     1 
HETATM 1132 O  O     . HOH I 5 .  ? -14.150 10.165  2.355   1.00 26.35  ?  250 HOH A O     1 
HETATM 1133 O  O     . HOH I 5 .  ? -17.022 9.519   -3.247  1.00 29.92  ?  251 HOH A O     1 
HETATM 1134 O  O     . HOH I 5 .  ? 10.156  11.351  2.367   1.00 21.56  ?  252 HOH A O     1 
HETATM 1135 O  O     . HOH I 5 .  ? -23.431 4.344   5.589   1.00 41.44  ?  253 HOH A O     1 
HETATM 1136 O  O     . HOH I 5 .  ? -12.611 8.191   3.927   1.00 24.08  ?  254 HOH A O     1 
HETATM 1137 O  O     . HOH I 5 .  ? 0.497   15.012  -1.105  1.00 35.87  ?  255 HOH A O     1 
HETATM 1138 O  O     . HOH I 5 .  ? -24.603 9.932   11.967  1.00 42.14  ?  256 HOH A O     1 
HETATM 1139 O  O     . HOH I 5 .  ? -2.802  12.042  11.801  1.00 32.36  ?  257 HOH A O     1 
HETATM 1140 O  O     . HOH I 5 .  ? 15.093  -8.427  -8.501  1.00 40.44  ?  258 HOH A O     1 
HETATM 1141 O  O     . HOH I 5 .  ? 16.114  -8.499  -6.408  1.00 30.11  ?  259 HOH A O     1 
HETATM 1142 O  O     . HOH I 5 .  ? -9.965  -1.220  3.331   1.00 49.02  ?  260 HOH A O     1 
# 
loop_
_pdbx_poly_seq_scheme.asym_id 
_pdbx_poly_seq_scheme.entity_id 
_pdbx_poly_seq_scheme.seq_id 
_pdbx_poly_seq_scheme.mon_id 
_pdbx_poly_seq_scheme.ndb_seq_num 
_pdbx_poly_seq_scheme.pdb_seq_num 
_pdbx_poly_seq_scheme.auth_seq_num 
_pdbx_poly_seq_scheme.pdb_mon_id 
_pdbx_poly_seq_scheme.auth_mon_id 
_pdbx_poly_seq_scheme.pdb_strand_id 
_pdbx_poly_seq_scheme.pdb_ins_code 
_pdbx_poly_seq_scheme.hetero 
A 1 1  G 1  2  2  G G A . n 
A 1 2  C 2  3  3  C C A . n 
A 1 3  G 3  4  4  G G A . n 
A 1 4  C 4  5  5  C C A . n 
A 1 5  A 5  6  6  A A A . n 
A 1 6  C 6  7  7  C C A . n 
A 1 7  U 7  8  8  U U A . n 
A 1 8  G 8  9  9  G G A . n 
A 1 9  G 9  10 10 G G A . n 
A 1 10 C 10 11 11 C C A . n 
A 1 11 G 11 12 12 G G A . n 
A 1 12 C 12 13 13 C C A . n 
A 1 13 U 13 14 14 U U A . n 
A 1 14 G 14 15 15 G G A . n 
A 1 15 C 15 16 16 C C A . n 
A 1 16 G 16 17 17 G G A . n 
A 1 17 C 17 18 18 C C A . n 
A 1 18 C 18 19 19 C C A . n 
A 1 19 U 19 20 20 U U A . n 
A 1 20 U 20 21 21 U U A . n 
A 1 21 C 21 22 22 C C A . n 
A 1 22 G 22 23 23 G G A . n 
A 1 23 G 23 24 24 G G A . n 
A 1 24 G 24 25 25 G G A . n 
A 1 25 C 25 26 26 C C A . n 
A 1 26 G 26 27 27 G G A . n 
A 1 27 C 27 28 28 C C A . n 
A 1 28 C 28 29 29 C C A . n 
A 1 29 A 29 30 30 A A A . n 
A 1 30 A 30 31 31 A A A . n 
A 1 31 U 31 32 32 U U A . n 
A 1 32 C 32 33 33 C C A . n 
A 1 33 G 33 34 34 G G A . n 
A 1 34 U 34 35 35 U U A . n 
A 1 35 A 35 36 36 A A A . n 
A 1 36 G 36 37 37 G G A . n 
A 1 37 C 37 38 38 C C A . n 
A 1 38 G 38 39 39 G G A . n 
A 1 39 U 39 40 40 U U A . n 
A 1 40 G 40 41 41 G G A . n 
A 1 41 U 41 42 42 U U A . n 
A 1 42 C 42 43 43 C C A . n 
A 1 43 G 43 44 44 G G A . n 
A 1 44 G 44 45 45 G G A . n 
A 1 45 C 45 46 46 C C A . n 
A 1 46 G 46 47 47 G G A . n 
A 1 47 C 47 48 48 C C A . n 
A 1 48 C 48 49 49 C C A . n 
# 
loop_
_pdbx_nonpoly_scheme.asym_id 
_pdbx_nonpoly_scheme.entity_id 
_pdbx_nonpoly_scheme.mon_id 
_pdbx_nonpoly_scheme.ndb_seq_num 
_pdbx_nonpoly_scheme.pdb_seq_num 
_pdbx_nonpoly_scheme.auth_seq_num 
_pdbx_nonpoly_scheme.pdb_mon_id 
_pdbx_nonpoly_scheme.auth_mon_id 
_pdbx_nonpoly_scheme.pdb_strand_id 
_pdbx_nonpoly_scheme.pdb_ins_code 
B 2 GTP 1  101 1  GTP GTP A . 
C 3 MG  1  102 1  MG  MG  A . 
D 3 MG  1  103 2  MG  MG  A . 
E 3 MG  1  104 3  MG  MG  A . 
F 3 MG  1  105 4  MG  MG  A . 
G 3 MG  1  106 5  MG  MG  A . 
H 4 J8O 1  107 1  J8O LIG A . 
I 5 HOH 1  201 36 HOH HOH A . 
I 5 HOH 2  202 11 HOH HOH A . 
I 5 HOH 3  203 18 HOH HOH A . 
I 5 HOH 4  204 48 HOH HOH A . 
I 5 HOH 5  205 47 HOH HOH A . 
I 5 HOH 6  206 34 HOH HOH A . 
I 5 HOH 7  207 59 HOH HOH A . 
I 5 HOH 8  208 14 HOH HOH A . 
I 5 HOH 9  209 23 HOH HOH A . 
I 5 HOH 10 210 28 HOH HOH A . 
I 5 HOH 11 211 55 HOH HOH A . 
I 5 HOH 12 212 21 HOH HOH A . 
I 5 HOH 13 213 16 HOH HOH A . 
I 5 HOH 14 214 38 HOH HOH A . 
I 5 HOH 15 215 42 HOH HOH A . 
I 5 HOH 16 216 7  HOH HOH A . 
I 5 HOH 17 217 51 HOH HOH A . 
I 5 HOH 18 218 41 HOH HOH A . 
I 5 HOH 19 219 35 HOH HOH A . 
I 5 HOH 20 220 44 HOH HOH A . 
I 5 HOH 21 221 40 HOH HOH A . 
I 5 HOH 22 222 6  HOH HOH A . 
I 5 HOH 23 223 17 HOH HOH A . 
I 5 HOH 24 224 19 HOH HOH A . 
I 5 HOH 25 225 20 HOH HOH A . 
I 5 HOH 26 226 31 HOH HOH A . 
I 5 HOH 27 227 32 HOH HOH A . 
I 5 HOH 28 228 4  HOH HOH A . 
I 5 HOH 29 229 30 HOH HOH A . 
I 5 HOH 30 230 24 HOH HOH A . 
I 5 HOH 31 231 60 HOH HOH A . 
I 5 HOH 32 232 13 HOH HOH A . 
I 5 HOH 33 233 10 HOH HOH A . 
I 5 HOH 34 234 12 HOH HOH A . 
I 5 HOH 35 235 8  HOH HOH A . 
I 5 HOH 36 236 15 HOH HOH A . 
I 5 HOH 37 237 50 HOH HOH A . 
I 5 HOH 38 238 45 HOH HOH A . 
I 5 HOH 39 239 56 HOH HOH A . 
I 5 HOH 40 240 9  HOH HOH A . 
I 5 HOH 41 241 54 HOH HOH A . 
I 5 HOH 42 242 39 HOH HOH A . 
I 5 HOH 43 243 58 HOH HOH A . 
I 5 HOH 44 244 1  HOH HOH A . 
I 5 HOH 45 245 27 HOH HOH A . 
I 5 HOH 46 246 22 HOH HOH A . 
I 5 HOH 47 247 25 HOH HOH A . 
I 5 HOH 48 248 53 HOH HOH A . 
I 5 HOH 49 249 5  HOH HOH A . 
I 5 HOH 50 250 3  HOH HOH A . 
I 5 HOH 51 251 29 HOH HOH A . 
I 5 HOH 52 252 26 HOH HOH A . 
I 5 HOH 53 253 52 HOH HOH A . 
I 5 HOH 54 254 43 HOH HOH A . 
I 5 HOH 55 255 57 HOH HOH A . 
I 5 HOH 56 256 2  HOH HOH A . 
I 5 HOH 57 257 46 HOH HOH A . 
I 5 HOH 58 258 49 HOH HOH A . 
I 5 HOH 59 259 33 HOH HOH A . 
I 5 HOH 60 260 37 HOH HOH A . 
# 
_pdbx_struct_assembly.id                   1 
_pdbx_struct_assembly.details              author_and_software_defined_assembly 
_pdbx_struct_assembly.method_details       PISA 
_pdbx_struct_assembly.oligomeric_details   monomeric 
_pdbx_struct_assembly.oligomeric_count     1 
# 
_pdbx_struct_assembly_gen.assembly_id       1 
_pdbx_struct_assembly_gen.oper_expression   1 
_pdbx_struct_assembly_gen.asym_id_list      A,B,C,D,E,F,G,H,I 
# 
loop_
_pdbx_struct_assembly_prop.biol_id 
_pdbx_struct_assembly_prop.type 
_pdbx_struct_assembly_prop.value 
_pdbx_struct_assembly_prop.details 
1 'ABSA (A^2)' 430  ? 
1 MORE         -9   ? 
1 'SSA (A^2)'  8330 ? 
# 
_pdbx_struct_oper_list.id                   1 
_pdbx_struct_oper_list.type                 'identity operation' 
_pdbx_struct_oper_list.name                 1_555 
_pdbx_struct_oper_list.symmetry_operation   x,y,z 
_pdbx_struct_oper_list.matrix[1][1]         1.0000000000 
_pdbx_struct_oper_list.matrix[1][2]         0.0000000000 
_pdbx_struct_oper_list.matrix[1][3]         0.0000000000 
_pdbx_struct_oper_list.vector[1]            0.0000000000 
_pdbx_struct_oper_list.matrix[2][1]         0.0000000000 
_pdbx_struct_oper_list.matrix[2][2]         1.0000000000 
_pdbx_struct_oper_list.matrix[2][3]         0.0000000000 
_pdbx_struct_oper_list.vector[2]            0.0000000000 
_pdbx_struct_oper_list.matrix[3][1]         0.0000000000 
_pdbx_struct_oper_list.matrix[3][2]         0.0000000000 
_pdbx_struct_oper_list.matrix[3][3]         1.0000000000 
_pdbx_struct_oper_list.vector[3]            0.0000000000 
# 
loop_
_pdbx_struct_conn_angle.id 
_pdbx_struct_conn_angle.ptnr1_label_atom_id 
_pdbx_struct_conn_angle.ptnr1_label_alt_id 
_pdbx_struct_conn_angle.ptnr1_label_asym_id 
_pdbx_struct_conn_angle.ptnr1_label_comp_id 
_pdbx_struct_conn_angle.ptnr1_label_seq_id 
_pdbx_struct_conn_angle.ptnr1_auth_atom_id 
_pdbx_struct_conn_angle.ptnr1_auth_asym_id 
_pdbx_struct_conn_angle.ptnr1_auth_comp_id 
_pdbx_struct_conn_angle.ptnr1_auth_seq_id 
_pdbx_struct_conn_angle.ptnr1_PDB_ins_code 
_pdbx_struct_conn_angle.ptnr1_symmetry 
_pdbx_struct_conn_angle.ptnr2_label_atom_id 
_pdbx_struct_conn_angle.ptnr2_label_alt_id 
_pdbx_struct_conn_angle.ptnr2_label_asym_id 
_pdbx_struct_conn_angle.ptnr2_label_comp_id 
_pdbx_struct_conn_angle.ptnr2_label_seq_id 
_pdbx_struct_conn_angle.ptnr2_auth_atom_id 
_pdbx_struct_conn_angle.ptnr2_auth_asym_id 
_pdbx_struct_conn_angle.ptnr2_auth_comp_id 
_pdbx_struct_conn_angle.ptnr2_auth_seq_id 
_pdbx_struct_conn_angle.ptnr2_PDB_ins_code 
_pdbx_struct_conn_angle.ptnr2_symmetry 
_pdbx_struct_conn_angle.ptnr3_label_atom_id 
_pdbx_struct_conn_angle.ptnr3_label_alt_id 
_pdbx_struct_conn_angle.ptnr3_label_asym_id 
_pdbx_struct_conn_angle.ptnr3_label_comp_id 
_pdbx_struct_conn_angle.ptnr3_label_seq_id 
_pdbx_struct_conn_angle.ptnr3_auth_atom_id 
_pdbx_struct_conn_angle.ptnr3_auth_asym_id 
_pdbx_struct_conn_angle.ptnr3_auth_comp_id 
_pdbx_struct_conn_angle.ptnr3_auth_seq_id 
_pdbx_struct_conn_angle.ptnr3_PDB_ins_code 
_pdbx_struct_conn_angle.ptnr3_symmetry 
_pdbx_struct_conn_angle.value 
_pdbx_struct_conn_angle.value_esd 
1  OP2 ? A C   6  ? A C   7   ? 1_555 MG ? D MG . ? A MG 103 ? 1_555 OP2 ? A U   7 ? A U   8   ? 1_555 96.7  ? 
2  OP2 ? A C   6  ? A C   7   ? 1_555 MG ? D MG . ? A MG 103 ? 1_555 O   ? I HOH . ? A HOH 208 ? 1_555 167.0 ? 
3  OP2 ? A U   7  ? A U   8   ? 1_555 MG ? D MG . ? A MG 103 ? 1_555 O   ? I HOH . ? A HOH 208 ? 1_555 75.5  ? 
4  OP2 ? A C   6  ? A C   7   ? 1_555 MG ? D MG . ? A MG 103 ? 1_555 O   ? I HOH . ? A HOH 229 ? 1_555 87.0  ? 
5  OP2 ? A U   7  ? A U   8   ? 1_555 MG ? D MG . ? A MG 103 ? 1_555 O   ? I HOH . ? A HOH 229 ? 1_555 168.2 ? 
6  O   ? I HOH .  ? A HOH 208 ? 1_555 MG ? D MG . ? A MG 103 ? 1_555 O   ? I HOH . ? A HOH 229 ? 1_555 98.6  ? 
7  OP2 ? A C   6  ? A C   7   ? 1_555 MG ? D MG . ? A MG 103 ? 1_555 O   ? I HOH . ? A HOH 232 ? 1_555 89.2  ? 
8  OP2 ? A U   7  ? A U   8   ? 1_555 MG ? D MG . ? A MG 103 ? 1_555 O   ? I HOH . ? A HOH 232 ? 1_555 88.8  ? 
9  O   ? I HOH .  ? A HOH 208 ? 1_555 MG ? D MG . ? A MG 103 ? 1_555 O   ? I HOH . ? A HOH 232 ? 1_555 80.4  ? 
10 O   ? I HOH .  ? A HOH 229 ? 1_555 MG ? D MG . ? A MG 103 ? 1_555 O   ? I HOH . ? A HOH 232 ? 1_555 80.1  ? 
11 OP2 ? A A   29 ? A A   30  ? 1_555 MG ? C MG . ? A MG 102 ? 1_555 O   ? I HOH . ? A HOH 202 ? 1_555 160.1 ? 
12 OP2 ? A A   29 ? A A   30  ? 1_555 MG ? C MG . ? A MG 102 ? 1_555 O   ? I HOH . ? A HOH 206 ? 1_555 64.8  ? 
13 O   ? I HOH .  ? A HOH 202 ? 1_555 MG ? C MG . ? A MG 102 ? 1_555 O   ? I HOH . ? A HOH 206 ? 1_555 97.1  ? 
14 OP2 ? A A   29 ? A A   30  ? 1_555 MG ? C MG . ? A MG 102 ? 1_555 O   ? I HOH . ? A HOH 233 ? 1_555 90.8  ? 
15 O   ? I HOH .  ? A HOH 202 ? 1_555 MG ? C MG . ? A MG 102 ? 1_555 O   ? I HOH . ? A HOH 233 ? 1_555 91.6  ? 
16 O   ? I HOH .  ? A HOH 206 ? 1_555 MG ? C MG . ? A MG 102 ? 1_555 O   ? I HOH . ? A HOH 233 ? 1_555 72.8  ? 
17 OP2 ? A A   29 ? A A   30  ? 1_555 MG ? C MG . ? A MG 102 ? 1_555 O   ? I HOH . ? A HOH 235 ? 1_555 87.0  ? 
18 O   ? I HOH .  ? A HOH 202 ? 1_555 MG ? C MG . ? A MG 102 ? 1_555 O   ? I HOH . ? A HOH 235 ? 1_555 83.5  ? 
19 O   ? I HOH .  ? A HOH 206 ? 1_555 MG ? C MG . ? A MG 102 ? 1_555 O   ? I HOH . ? A HOH 235 ? 1_555 86.6  ? 
20 O   ? I HOH .  ? A HOH 233 ? 1_555 MG ? C MG . ? A MG 102 ? 1_555 O   ? I HOH . ? A HOH 235 ? 1_555 158.2 ? 
21 OP2 ? A A   29 ? A A   30  ? 1_555 MG ? C MG . ? A MG 102 ? 1_555 O   ? I HOH . ? A HOH 240 ? 1_555 104.7 ? 
22 O   ? I HOH .  ? A HOH 202 ? 1_555 MG ? C MG . ? A MG 102 ? 1_555 O   ? I HOH . ? A HOH 240 ? 1_555 94.5  ? 
23 O   ? I HOH .  ? A HOH 206 ? 1_555 MG ? C MG . ? A MG 102 ? 1_555 O   ? I HOH . ? A HOH 240 ? 1_555 166.0 ? 
24 O   ? I HOH .  ? A HOH 233 ? 1_555 MG ? C MG . ? A MG 102 ? 1_555 O   ? I HOH . ? A HOH 240 ? 1_555 99.1  ? 
25 O   ? I HOH .  ? A HOH 235 ? 1_555 MG ? C MG . ? A MG 102 ? 1_555 O   ? I HOH . ? A HOH 240 ? 1_555 102.5 ? 
26 OP2 ? A U   31 ? A U   32  ? 1_555 MG ? E MG . ? A MG 104 ? 1_555 O   ? I HOH . ? A HOH 209 ? 1_555 108.8 ? 
27 OP2 ? A U   31 ? A U   32  ? 1_555 MG ? E MG . ? A MG 104 ? 1_555 O   ? I HOH . ? A HOH 230 ? 1_555 87.2  ? 
28 O   ? I HOH .  ? A HOH 209 ? 1_555 MG ? E MG . ? A MG 104 ? 1_555 O   ? I HOH . ? A HOH 230 ? 1_555 163.9 ? 
29 OP2 ? A U   31 ? A U   32  ? 1_555 MG ? E MG . ? A MG 104 ? 1_555 O   ? I HOH . ? A HOH 246 ? 1_555 99.5  ? 
30 O   ? I HOH .  ? A HOH 209 ? 1_555 MG ? E MG . ? A MG 104 ? 1_555 O   ? I HOH . ? A HOH 246 ? 1_555 87.7  ? 
31 O   ? I HOH .  ? A HOH 230 ? 1_555 MG ? E MG . ? A MG 104 ? 1_555 O   ? I HOH . ? A HOH 246 ? 1_555 88.6  ? 
32 OP2 ? A U   31 ? A U   32  ? 1_555 MG ? E MG . ? A MG 104 ? 1_555 O   ? I HOH . ? A HOH 247 ? 1_555 161.0 ? 
33 O   ? I HOH .  ? A HOH 209 ? 1_555 MG ? E MG . ? A MG 104 ? 1_555 O   ? I HOH . ? A HOH 247 ? 1_555 88.5  ? 
34 O   ? I HOH .  ? A HOH 230 ? 1_555 MG ? E MG . ? A MG 104 ? 1_555 O   ? I HOH . ? A HOH 247 ? 1_555 75.8  ? 
35 O   ? I HOH .  ? A HOH 246 ? 1_555 MG ? E MG . ? A MG 104 ? 1_555 O   ? I HOH . ? A HOH 247 ? 1_555 88.8  ? 
36 OP2 ? A U   31 ? A U   32  ? 1_555 MG ? E MG . ? A MG 104 ? 1_555 O   ? I HOH . ? A HOH 252 ? 1_555 99.4  ? 
37 O   ? I HOH .  ? A HOH 209 ? 1_555 MG ? E MG . ? A MG 104 ? 1_555 O   ? I HOH . ? A HOH 252 ? 1_555 102.1 ? 
38 O   ? I HOH .  ? A HOH 230 ? 1_555 MG ? E MG . ? A MG 104 ? 1_555 O   ? I HOH . ? A HOH 252 ? 1_555 75.4  ? 
39 O   ? I HOH .  ? A HOH 246 ? 1_555 MG ? E MG . ? A MG 104 ? 1_555 O   ? I HOH . ? A HOH 252 ? 1_555 154.5 ? 
40 O   ? I HOH .  ? A HOH 247 ? 1_555 MG ? E MG . ? A MG 104 ? 1_555 O   ? I HOH . ? A HOH 252 ? 1_555 68.2  ? 
41 OP2 ? A U   41 ? A U   42  ? 1_555 MG ? F MG . ? A MG 105 ? 1_555 O   ? I HOH . ? A HOH 220 ? 1_555 80.2  ? 
42 OP2 ? A U   41 ? A U   42  ? 1_555 MG ? F MG . ? A MG 105 ? 1_555 O   ? I HOH . ? A HOH 238 ? 1_555 164.7 ? 
43 O   ? I HOH .  ? A HOH 220 ? 1_555 MG ? F MG . ? A MG 105 ? 1_555 O   ? I HOH . ? A HOH 238 ? 1_555 86.0  ? 
44 OP2 ? A U   41 ? A U   42  ? 1_555 MG ? F MG . ? A MG 105 ? 1_555 O   ? I HOH . ? A HOH 250 ? 1_555 98.5  ? 
45 O   ? I HOH .  ? A HOH 220 ? 1_555 MG ? F MG . ? A MG 105 ? 1_555 O   ? I HOH . ? A HOH 250 ? 1_555 162.7 ? 
46 O   ? I HOH .  ? A HOH 238 ? 1_555 MG ? F MG . ? A MG 105 ? 1_555 O   ? I HOH . ? A HOH 250 ? 1_555 92.6  ? 
47 OP2 ? A U   41 ? A U   42  ? 1_555 MG ? F MG . ? A MG 105 ? 1_555 O   ? I HOH . ? A HOH 254 ? 1_555 111.2 ? 
48 O   ? I HOH .  ? A HOH 220 ? 1_555 MG ? F MG . ? A MG 105 ? 1_555 O   ? I HOH . ? A HOH 254 ? 1_555 97.0  ? 
49 O   ? I HOH .  ? A HOH 238 ? 1_555 MG ? F MG . ? A MG 105 ? 1_555 O   ? I HOH . ? A HOH 254 ? 1_555 76.9  ? 
50 O   ? I HOH .  ? A HOH 250 ? 1_555 MG ? F MG . ? A MG 105 ? 1_555 O   ? I HOH . ? A HOH 254 ? 1_555 99.5  ? 
51 O   ? I HOH .  ? A HOH 243 ? 4_555 MG ? G MG . ? A MG 106 ? 1_555 O   ? I HOH . ? A HOH 255 ? 4_555 85.5  ? 
# 
loop_
_pdbx_audit_revision_history.ordinal 
_pdbx_audit_revision_history.data_content_type 
_pdbx_audit_revision_history.major_revision 
_pdbx_audit_revision_history.minor_revision 
_pdbx_audit_revision_history.revision_date 
1 'Structure model' 1 0 2021-11-24 
2 'Structure model' 1 1 2022-02-16 
3 'Structure model' 1 2 2023-11-29 
# 
_pdbx_audit_revision_details.ordinal             1 
_pdbx_audit_revision_details.revision_ordinal    1 
_pdbx_audit_revision_details.data_content_type   'Structure model' 
_pdbx_audit_revision_details.provider            repository 
_pdbx_audit_revision_details.type                'Initial release' 
_pdbx_audit_revision_details.description         ? 
_pdbx_audit_revision_details.details             ? 
# 
loop_
_pdbx_audit_revision_group.ordinal 
_pdbx_audit_revision_group.revision_ordinal 
_pdbx_audit_revision_group.data_content_type 
_pdbx_audit_revision_group.group 
1 2 'Structure model' 'Database references'    
2 3 'Structure model' 'Data collection'        
3 3 'Structure model' 'Refinement description' 
# 
loop_
_pdbx_audit_revision_category.ordinal 
_pdbx_audit_revision_category.revision_ordinal 
_pdbx_audit_revision_category.data_content_type 
_pdbx_audit_revision_category.category 
1 2 'Structure model' citation                      
2 2 'Structure model' citation_author               
3 3 'Structure model' chem_comp_atom                
4 3 'Structure model' chem_comp_bond                
5 3 'Structure model' pdbx_initial_refinement_model 
# 
loop_
_pdbx_audit_revision_item.ordinal 
_pdbx_audit_revision_item.revision_ordinal 
_pdbx_audit_revision_item.data_content_type 
_pdbx_audit_revision_item.item 
1 2 'Structure model' '_citation.journal_volume'          
2 2 'Structure model' '_citation.page_first'              
3 2 'Structure model' '_citation.page_last'               
4 2 'Structure model' '_citation_author.identifier_ORCID' 
# 
loop_
_software.citation_id 
_software.classification 
_software.compiler_name 
_software.compiler_version 
_software.contact_author 
_software.contact_author_email 
_software.date 
_software.description 
_software.dependencies 
_software.hardware 
_software.language 
_software.location 
_software.mods 
_software.name 
_software.os 
_software.os_version 
_software.type 
_software.version 
_software.pdbx_ordinal 
? 'data scaling'    ? ? ? ? ? ? ? ? ? ? ? HKL-2000    ? ? ? .         1 
? refinement        ? ? ? ? ? ? ? ? ? ? ? PHENIX      ? ? ? 1.14_3260 2 
? 'data extraction' ? ? ? ? ? ? ? ? ? ? ? PDB_EXTRACT ? ? ? 3.25      3 
? 'data reduction'  ? ? ? ? ? ? ? ? ? ? ? HKL-3000    ? ? ? .         4 
? phasing           ? ? ? ? ? ? ? ? ? ? ? PHASER      ? ? ? .         5 
# 
_pdbx_entry_details.entry_id                 7EOL 
_pdbx_entry_details.has_ligand_of_interest   Y 
_pdbx_entry_details.compound_details         ? 
_pdbx_entry_details.source_details           ? 
_pdbx_entry_details.nonpolymer_details       ? 
_pdbx_entry_details.sequence_details         ? 
# 
_pdbx_validate_close_contact.id               1 
_pdbx_validate_close_contact.PDB_model_num    1 
_pdbx_validate_close_contact.auth_atom_id_1   OP1 
_pdbx_validate_close_contact.auth_asym_id_1   A 
_pdbx_validate_close_contact.auth_comp_id_1   G 
_pdbx_validate_close_contact.auth_seq_id_1    34 
_pdbx_validate_close_contact.PDB_ins_code_1   ? 
_pdbx_validate_close_contact.label_alt_id_1   ? 
_pdbx_validate_close_contact.auth_atom_id_2   O 
_pdbx_validate_close_contact.auth_asym_id_2   A 
_pdbx_validate_close_contact.auth_comp_id_2   HOH 
_pdbx_validate_close_contact.auth_seq_id_2    201 
_pdbx_validate_close_contact.PDB_ins_code_2   ? 
_pdbx_validate_close_contact.label_alt_id_2   ? 
_pdbx_validate_close_contact.dist             2.06 
# 
_pdbx_validate_symm_contact.id                1 
_pdbx_validate_symm_contact.PDB_model_num     1 
_pdbx_validate_symm_contact.auth_atom_id_1    O 
_pdbx_validate_symm_contact.auth_asym_id_1    A 
_pdbx_validate_symm_contact.auth_comp_id_1    HOH 
_pdbx_validate_symm_contact.auth_seq_id_1     205 
_pdbx_validate_symm_contact.PDB_ins_code_1    ? 
_pdbx_validate_symm_contact.label_alt_id_1    ? 
_pdbx_validate_symm_contact.site_symmetry_1   1_555 
_pdbx_validate_symm_contact.auth_atom_id_2    O 
_pdbx_validate_symm_contact.auth_asym_id_2    A 
_pdbx_validate_symm_contact.auth_comp_id_2    HOH 
_pdbx_validate_symm_contact.auth_seq_id_2     205 
_pdbx_validate_symm_contact.PDB_ins_code_2    ? 
_pdbx_validate_symm_contact.label_alt_id_2    ? 
_pdbx_validate_symm_contact.site_symmetry_2   2_655 
_pdbx_validate_symm_contact.dist              2.12 
# 
_pdbx_validate_rmsd_angle.id                         1 
_pdbx_validate_rmsd_angle.PDB_model_num              1 
_pdbx_validate_rmsd_angle.auth_atom_id_1             C5 
_pdbx_validate_rmsd_angle.auth_asym_id_1             A 
_pdbx_validate_rmsd_angle.auth_comp_id_1             U 
_pdbx_validate_rmsd_angle.auth_seq_id_1              32 
_pdbx_validate_rmsd_angle.PDB_ins_code_1             ? 
_pdbx_validate_rmsd_angle.label_alt_id_1             ? 
_pdbx_validate_rmsd_angle.auth_atom_id_2             C6 
_pdbx_validate_rmsd_angle.auth_asym_id_2             A 
_pdbx_validate_rmsd_angle.auth_comp_id_2             U 
_pdbx_validate_rmsd_angle.auth_seq_id_2              32 
_pdbx_validate_rmsd_angle.PDB_ins_code_2             ? 
_pdbx_validate_rmsd_angle.label_alt_id_2             ? 
_pdbx_validate_rmsd_angle.auth_atom_id_3             N1 
_pdbx_validate_rmsd_angle.auth_asym_id_3             A 
_pdbx_validate_rmsd_angle.auth_comp_id_3             U 
_pdbx_validate_rmsd_angle.auth_seq_id_3              32 
_pdbx_validate_rmsd_angle.PDB_ins_code_3             ? 
_pdbx_validate_rmsd_angle.label_alt_id_3             ? 
_pdbx_validate_rmsd_angle.angle_value                126.55 
_pdbx_validate_rmsd_angle.angle_target_value         122.70 
_pdbx_validate_rmsd_angle.angle_deviation            3.85 
_pdbx_validate_rmsd_angle.angle_standard_deviation   0.50 
_pdbx_validate_rmsd_angle.linker_flag                N 
# 
loop_
_chem_comp_atom.comp_id 
_chem_comp_atom.atom_id 
_chem_comp_atom.type_symbol 
_chem_comp_atom.pdbx_aromatic_flag 
_chem_comp_atom.pdbx_stereo_config 
_chem_comp_atom.pdbx_ordinal 
A   OP3    O  N N 1   
A   P      P  N N 2   
A   OP1    O  N N 3   
A   OP2    O  N N 4   
A   "O5'"  O  N N 5   
A   "C5'"  C  N N 6   
A   "C4'"  C  N R 7   
A   "O4'"  O  N N 8   
A   "C3'"  C  N S 9   
A   "O3'"  O  N N 10  
A   "C2'"  C  N R 11  
A   "O2'"  O  N N 12  
A   "C1'"  C  N R 13  
A   N9     N  Y N 14  
A   C8     C  Y N 15  
A   N7     N  Y N 16  
A   C5     C  Y N 17  
A   C6     C  Y N 18  
A   N6     N  N N 19  
A   N1     N  Y N 20  
A   C2     C  Y N 21  
A   N3     N  Y N 22  
A   C4     C  Y N 23  
A   HOP3   H  N N 24  
A   HOP2   H  N N 25  
A   "H5'"  H  N N 26  
A   "H5''" H  N N 27  
A   "H4'"  H  N N 28  
A   "H3'"  H  N N 29  
A   "HO3'" H  N N 30  
A   "H2'"  H  N N 31  
A   "HO2'" H  N N 32  
A   "H1'"  H  N N 33  
A   H8     H  N N 34  
A   H61    H  N N 35  
A   H62    H  N N 36  
A   H2     H  N N 37  
C   OP3    O  N N 38  
C   P      P  N N 39  
C   OP1    O  N N 40  
C   OP2    O  N N 41  
C   "O5'"  O  N N 42  
C   "C5'"  C  N N 43  
C   "C4'"  C  N R 44  
C   "O4'"  O  N N 45  
C   "C3'"  C  N S 46  
C   "O3'"  O  N N 47  
C   "C2'"  C  N R 48  
C   "O2'"  O  N N 49  
C   "C1'"  C  N R 50  
C   N1     N  N N 51  
C   C2     C  N N 52  
C   O2     O  N N 53  
C   N3     N  N N 54  
C   C4     C  N N 55  
C   N4     N  N N 56  
C   C5     C  N N 57  
C   C6     C  N N 58  
C   HOP3   H  N N 59  
C   HOP2   H  N N 60  
C   "H5'"  H  N N 61  
C   "H5''" H  N N 62  
C   "H4'"  H  N N 63  
C   "H3'"  H  N N 64  
C   "HO3'" H  N N 65  
C   "H2'"  H  N N 66  
C   "HO2'" H  N N 67  
C   "H1'"  H  N N 68  
C   H41    H  N N 69  
C   H42    H  N N 70  
C   H5     H  N N 71  
C   H6     H  N N 72  
G   OP3    O  N N 73  
G   P      P  N N 74  
G   OP1    O  N N 75  
G   OP2    O  N N 76  
G   "O5'"  O  N N 77  
G   "C5'"  C  N N 78  
G   "C4'"  C  N R 79  
G   "O4'"  O  N N 80  
G   "C3'"  C  N S 81  
G   "O3'"  O  N N 82  
G   "C2'"  C  N R 83  
G   "O2'"  O  N N 84  
G   "C1'"  C  N R 85  
G   N9     N  Y N 86  
G   C8     C  Y N 87  
G   N7     N  Y N 88  
G   C5     C  Y N 89  
G   C6     C  N N 90  
G   O6     O  N N 91  
G   N1     N  N N 92  
G   C2     C  N N 93  
G   N2     N  N N 94  
G   N3     N  N N 95  
G   C4     C  Y N 96  
G   HOP3   H  N N 97  
G   HOP2   H  N N 98  
G   "H5'"  H  N N 99  
G   "H5''" H  N N 100 
G   "H4'"  H  N N 101 
G   "H3'"  H  N N 102 
G   "HO3'" H  N N 103 
G   "H2'"  H  N N 104 
G   "HO2'" H  N N 105 
G   "H1'"  H  N N 106 
G   H8     H  N N 107 
G   H1     H  N N 108 
G   H21    H  N N 109 
G   H22    H  N N 110 
GTP PG     P  N N 111 
GTP O1G    O  N N 112 
GTP O2G    O  N N 113 
GTP O3G    O  N N 114 
GTP O3B    O  N N 115 
GTP PB     P  N N 116 
GTP O1B    O  N N 117 
GTP O2B    O  N N 118 
GTP O3A    O  N N 119 
GTP PA     P  N N 120 
GTP O1A    O  N N 121 
GTP O2A    O  N N 122 
GTP "O5'"  O  N N 123 
GTP "C5'"  C  N N 124 
GTP "C4'"  C  N R 125 
GTP "O4'"  O  N N 126 
GTP "C3'"  C  N S 127 
GTP "O3'"  O  N N 128 
GTP "C2'"  C  N R 129 
GTP "O2'"  O  N N 130 
GTP "C1'"  C  N R 131 
GTP N9     N  Y N 132 
GTP C8     C  Y N 133 
GTP N7     N  Y N 134 
GTP C5     C  Y N 135 
GTP C6     C  N N 136 
GTP O6     O  N N 137 
GTP N1     N  N N 138 
GTP C2     C  N N 139 
GTP N2     N  N N 140 
GTP N3     N  N N 141 
GTP C4     C  Y N 142 
GTP HOG2   H  N N 143 
GTP HOG3   H  N N 144 
GTP HOB2   H  N N 145 
GTP HOA2   H  N N 146 
GTP "H5'"  H  N N 147 
GTP "H5''" H  N N 148 
GTP "H4'"  H  N N 149 
GTP "H3'"  H  N N 150 
GTP "HO3'" H  N N 151 
GTP "H2'"  H  N N 152 
GTP "HO2'" H  N N 153 
GTP "H1'"  H  N N 154 
GTP H8     H  N N 155 
GTP HN1    H  N N 156 
GTP HN21   H  N N 157 
GTP HN22   H  N N 158 
HOH O      O  N N 159 
HOH H1     H  N N 160 
HOH H2     H  N N 161 
J8O C13    C  N N 162 
J8O C15    C  N N 163 
J8O C17    C  Y N 164 
J8O C20    C  Y N 165 
J8O C21    C  Y N 166 
J8O C22    C  N N 167 
J8O C01    C  Y N 168 
J8O C02    C  Y N 169 
J8O C04    C  Y N 170 
J8O C05    C  Y N 171 
J8O C08    C  N N 172 
J8O C09    C  N N 173 
J8O C11    C  N N 174 
J8O C12    C  N N 175 
J8O C14    C  Y N 176 
J8O C18    C  Y N 177 
J8O C19    C  Y N 178 
J8O N03    N  Y N 179 
J8O N06    N  Y N 180 
J8O N07    N  N N 181 
J8O N16    N  N N 182 
J8O N23    N  N N 183 
J8O O10    O  N N 184 
J8O H1     H  N N 185 
J8O H2     H  N N 186 
J8O H3     H  N N 187 
J8O H4     H  N N 188 
J8O H5     H  N N 189 
J8O H6     H  N N 190 
J8O H7     H  N N 191 
J8O H8     H  N N 192 
J8O H9     H  N N 193 
J8O H10    H  N N 194 
J8O H11    H  N N 195 
J8O H12    H  N N 196 
J8O H13    H  N N 197 
J8O H14    H  N N 198 
J8O H15    H  N N 199 
MG  MG     MG N N 200 
U   OP3    O  N N 201 
U   P      P  N N 202 
U   OP1    O  N N 203 
U   OP2    O  N N 204 
U   "O5'"  O  N N 205 
U   "C5'"  C  N N 206 
U   "C4'"  C  N R 207 
U   "O4'"  O  N N 208 
U   "C3'"  C  N S 209 
U   "O3'"  O  N N 210 
U   "C2'"  C  N R 211 
U   "O2'"  O  N N 212 
U   "C1'"  C  N R 213 
U   N1     N  N N 214 
U   C2     C  N N 215 
U   O2     O  N N 216 
U   N3     N  N N 217 
U   C4     C  N N 218 
U   O4     O  N N 219 
U   C5     C  N N 220 
U   C6     C  N N 221 
U   HOP3   H  N N 222 
U   HOP2   H  N N 223 
U   "H5'"  H  N N 224 
U   "H5''" H  N N 225 
U   "H4'"  H  N N 226 
U   "H3'"  H  N N 227 
U   "HO3'" H  N N 228 
U   "H2'"  H  N N 229 
U   "HO2'" H  N N 230 
U   "H1'"  H  N N 231 
U   H3     H  N N 232 
U   H5     H  N N 233 
U   H6     H  N N 234 
# 
loop_
_chem_comp_bond.comp_id 
_chem_comp_bond.atom_id_1 
_chem_comp_bond.atom_id_2 
_chem_comp_bond.value_order 
_chem_comp_bond.pdbx_aromatic_flag 
_chem_comp_bond.pdbx_stereo_config 
_chem_comp_bond.pdbx_ordinal 
A   OP3   P      sing N N 1   
A   OP3   HOP3   sing N N 2   
A   P     OP1    doub N N 3   
A   P     OP2    sing N N 4   
A   P     "O5'"  sing N N 5   
A   OP2   HOP2   sing N N 6   
A   "O5'" "C5'"  sing N N 7   
A   "C5'" "C4'"  sing N N 8   
A   "C5'" "H5'"  sing N N 9   
A   "C5'" "H5''" sing N N 10  
A   "C4'" "O4'"  sing N N 11  
A   "C4'" "C3'"  sing N N 12  
A   "C4'" "H4'"  sing N N 13  
A   "O4'" "C1'"  sing N N 14  
A   "C3'" "O3'"  sing N N 15  
A   "C3'" "C2'"  sing N N 16  
A   "C3'" "H3'"  sing N N 17  
A   "O3'" "HO3'" sing N N 18  
A   "C2'" "O2'"  sing N N 19  
A   "C2'" "C1'"  sing N N 20  
A   "C2'" "H2'"  sing N N 21  
A   "O2'" "HO2'" sing N N 22  
A   "C1'" N9     sing N N 23  
A   "C1'" "H1'"  sing N N 24  
A   N9    C8     sing Y N 25  
A   N9    C4     sing Y N 26  
A   C8    N7     doub Y N 27  
A   C8    H8     sing N N 28  
A   N7    C5     sing Y N 29  
A   C5    C6     sing Y N 30  
A   C5    C4     doub Y N 31  
A   C6    N6     sing N N 32  
A   C6    N1     doub Y N 33  
A   N6    H61    sing N N 34  
A   N6    H62    sing N N 35  
A   N1    C2     sing Y N 36  
A   C2    N3     doub Y N 37  
A   C2    H2     sing N N 38  
A   N3    C4     sing Y N 39  
C   OP3   P      sing N N 40  
C   OP3   HOP3   sing N N 41  
C   P     OP1    doub N N 42  
C   P     OP2    sing N N 43  
C   P     "O5'"  sing N N 44  
C   OP2   HOP2   sing N N 45  
C   "O5'" "C5'"  sing N N 46  
C   "C5'" "C4'"  sing N N 47  
C   "C5'" "H5'"  sing N N 48  
C   "C5'" "H5''" sing N N 49  
C   "C4'" "O4'"  sing N N 50  
C   "C4'" "C3'"  sing N N 51  
C   "C4'" "H4'"  sing N N 52  
C   "O4'" "C1'"  sing N N 53  
C   "C3'" "O3'"  sing N N 54  
C   "C3'" "C2'"  sing N N 55  
C   "C3'" "H3'"  sing N N 56  
C   "O3'" "HO3'" sing N N 57  
C   "C2'" "O2'"  sing N N 58  
C   "C2'" "C1'"  sing N N 59  
C   "C2'" "H2'"  sing N N 60  
C   "O2'" "HO2'" sing N N 61  
C   "C1'" N1     sing N N 62  
C   "C1'" "H1'"  sing N N 63  
C   N1    C2     sing N N 64  
C   N1    C6     sing N N 65  
C   C2    O2     doub N N 66  
C   C2    N3     sing N N 67  
C   N3    C4     doub N N 68  
C   C4    N4     sing N N 69  
C   C4    C5     sing N N 70  
C   N4    H41    sing N N 71  
C   N4    H42    sing N N 72  
C   C5    C6     doub N N 73  
C   C5    H5     sing N N 74  
C   C6    H6     sing N N 75  
G   OP3   P      sing N N 76  
G   OP3   HOP3   sing N N 77  
G   P     OP1    doub N N 78  
G   P     OP2    sing N N 79  
G   P     "O5'"  sing N N 80  
G   OP2   HOP2   sing N N 81  
G   "O5'" "C5'"  sing N N 82  
G   "C5'" "C4'"  sing N N 83  
G   "C5'" "H5'"  sing N N 84  
G   "C5'" "H5''" sing N N 85  
G   "C4'" "O4'"  sing N N 86  
G   "C4'" "C3'"  sing N N 87  
G   "C4'" "H4'"  sing N N 88  
G   "O4'" "C1'"  sing N N 89  
G   "C3'" "O3'"  sing N N 90  
G   "C3'" "C2'"  sing N N 91  
G   "C3'" "H3'"  sing N N 92  
G   "O3'" "HO3'" sing N N 93  
G   "C2'" "O2'"  sing N N 94  
G   "C2'" "C1'"  sing N N 95  
G   "C2'" "H2'"  sing N N 96  
G   "O2'" "HO2'" sing N N 97  
G   "C1'" N9     sing N N 98  
G   "C1'" "H1'"  sing N N 99  
G   N9    C8     sing Y N 100 
G   N9    C4     sing Y N 101 
G   C8    N7     doub Y N 102 
G   C8    H8     sing N N 103 
G   N7    C5     sing Y N 104 
G   C5    C6     sing N N 105 
G   C5    C4     doub Y N 106 
G   C6    O6     doub N N 107 
G   C6    N1     sing N N 108 
G   N1    C2     sing N N 109 
G   N1    H1     sing N N 110 
G   C2    N2     sing N N 111 
G   C2    N3     doub N N 112 
G   N2    H21    sing N N 113 
G   N2    H22    sing N N 114 
G   N3    C4     sing N N 115 
GTP PG    O1G    doub N N 116 
GTP PG    O2G    sing N N 117 
GTP PG    O3G    sing N N 118 
GTP PG    O3B    sing N N 119 
GTP O2G   HOG2   sing N N 120 
GTP O3G   HOG3   sing N N 121 
GTP O3B   PB     sing N N 122 
GTP PB    O1B    doub N N 123 
GTP PB    O2B    sing N N 124 
GTP PB    O3A    sing N N 125 
GTP O2B   HOB2   sing N N 126 
GTP O3A   PA     sing N N 127 
GTP PA    O1A    doub N N 128 
GTP PA    O2A    sing N N 129 
GTP PA    "O5'"  sing N N 130 
GTP O2A   HOA2   sing N N 131 
GTP "O5'" "C5'"  sing N N 132 
GTP "C5'" "C4'"  sing N N 133 
GTP "C5'" "H5'"  sing N N 134 
GTP "C5'" "H5''" sing N N 135 
GTP "C4'" "O4'"  sing N N 136 
GTP "C4'" "C3'"  sing N N 137 
GTP "C4'" "H4'"  sing N N 138 
GTP "O4'" "C1'"  sing N N 139 
GTP "C3'" "O3'"  sing N N 140 
GTP "C3'" "C2'"  sing N N 141 
GTP "C3'" "H3'"  sing N N 142 
GTP "O3'" "HO3'" sing N N 143 
GTP "C2'" "O2'"  sing N N 144 
GTP "C2'" "C1'"  sing N N 145 
GTP "C2'" "H2'"  sing N N 146 
GTP "O2'" "HO2'" sing N N 147 
GTP "C1'" N9     sing N N 148 
GTP "C1'" "H1'"  sing N N 149 
GTP N9    C8     sing Y N 150 
GTP N9    C4     sing Y N 151 
GTP C8    N7     doub Y N 152 
GTP C8    H8     sing N N 153 
GTP N7    C5     sing Y N 154 
GTP C5    C6     sing N N 155 
GTP C5    C4     doub Y N 156 
GTP C6    O6     doub N N 157 
GTP C6    N1     sing N N 158 
GTP N1    C2     sing N N 159 
GTP N1    HN1    sing N N 160 
GTP C2    N2     sing N N 161 
GTP C2    N3     doub N N 162 
GTP N2    HN21   sing N N 163 
GTP N2    HN22   sing N N 164 
GTP N3    C4     sing N N 165 
HOH O     H1     sing N N 166 
HOH O     H2     sing N N 167 
J8O C08   C09    sing N N 168 
J8O C08   N07    sing N N 169 
J8O C09   O10    sing N N 170 
J8O C01   N06    doub Y N 171 
J8O C01   C02    sing Y N 172 
J8O N07   C02    sing N N 173 
J8O N07   C11    sing N N 174 
J8O N06   C05    sing Y N 175 
J8O C02   N03    doub Y N 176 
J8O C05   C12    sing N N 177 
J8O C05   C04    doub Y N 178 
J8O N03   C04    sing Y N 179 
J8O C12   C13    doub N Z 180 
J8O C21   C20    doub Y N 181 
J8O C21   C14    sing Y N 182 
J8O C20   C19    sing Y N 183 
J8O C13   C14    sing N N 184 
J8O C13   C15    sing N N 185 
J8O C14   C17    doub Y N 186 
J8O C19   C22    sing N N 187 
J8O C19   C18    doub Y N 188 
J8O C15   N16    trip N N 189 
J8O C22   N23    trip N N 190 
J8O C17   C18    sing Y N 191 
J8O C17   H1     sing N N 192 
J8O C20   H2     sing N N 193 
J8O C21   H3     sing N N 194 
J8O C01   H4     sing N N 195 
J8O C04   H5     sing N N 196 
J8O C08   H6     sing N N 197 
J8O C08   H7     sing N N 198 
J8O C09   H8     sing N N 199 
J8O C09   H9     sing N N 200 
J8O C11   H10    sing N N 201 
J8O C11   H11    sing N N 202 
J8O C11   H12    sing N N 203 
J8O C12   H13    sing N N 204 
J8O C18   H14    sing N N 205 
J8O O10   H15    sing N N 206 
U   OP3   P      sing N N 207 
U   OP3   HOP3   sing N N 208 
U   P     OP1    doub N N 209 
U   P     OP2    sing N N 210 
U   P     "O5'"  sing N N 211 
U   OP2   HOP2   sing N N 212 
U   "O5'" "C5'"  sing N N 213 
U   "C5'" "C4'"  sing N N 214 
U   "C5'" "H5'"  sing N N 215 
U   "C5'" "H5''" sing N N 216 
U   "C4'" "O4'"  sing N N 217 
U   "C4'" "C3'"  sing N N 218 
U   "C4'" "H4'"  sing N N 219 
U   "O4'" "C1'"  sing N N 220 
U   "C3'" "O3'"  sing N N 221 
U   "C3'" "C2'"  sing N N 222 
U   "C3'" "H3'"  sing N N 223 
U   "O3'" "HO3'" sing N N 224 
U   "C2'" "O2'"  sing N N 225 
U   "C2'" "C1'"  sing N N 226 
U   "C2'" "H2'"  sing N N 227 
U   "O2'" "HO2'" sing N N 228 
U   "C1'" N1     sing N N 229 
U   "C1'" "H1'"  sing N N 230 
U   N1    C2     sing N N 231 
U   N1    C6     sing N N 232 
U   C2    O2     doub N N 233 
U   C2    N3     sing N N 234 
U   N3    C4     sing N N 235 
U   N3    H3     sing N N 236 
U   C4    O4     doub N N 237 
U   C4    C5     sing N N 238 
U   C5    C6     doub N N 239 
U   C5    H5     sing N N 240 
U   C6    H6     sing N N 241 
# 
loop_
_ndb_struct_conf_na.entry_id 
_ndb_struct_conf_na.feature 
7EOL 'double helix'         
7EOL 'a-form double helix'  
7EOL 'hairpin loop'         
7EOL 'bulge loop'           
7EOL 'mismatched base pair' 
7EOL 'internal loop'        
7EOL 'triple helix'         
# 
loop_
_ndb_struct_na_base_pair.model_number 
_ndb_struct_na_base_pair.i_label_asym_id 
_ndb_struct_na_base_pair.i_label_comp_id 
_ndb_struct_na_base_pair.i_label_seq_id 
_ndb_struct_na_base_pair.i_symmetry 
_ndb_struct_na_base_pair.j_label_asym_id 
_ndb_struct_na_base_pair.j_label_comp_id 
_ndb_struct_na_base_pair.j_label_seq_id 
_ndb_struct_na_base_pair.j_symmetry 
_ndb_struct_na_base_pair.shear 
_ndb_struct_na_base_pair.stretch 
_ndb_struct_na_base_pair.stagger 
_ndb_struct_na_base_pair.buckle 
_ndb_struct_na_base_pair.propeller 
_ndb_struct_na_base_pair.opening 
_ndb_struct_na_base_pair.pair_number 
_ndb_struct_na_base_pair.pair_name 
_ndb_struct_na_base_pair.i_auth_asym_id 
_ndb_struct_na_base_pair.i_auth_seq_id 
_ndb_struct_na_base_pair.i_PDB_ins_code 
_ndb_struct_na_base_pair.j_auth_asym_id 
_ndb_struct_na_base_pair.j_auth_seq_id 
_ndb_struct_na_base_pair.j_PDB_ins_code 
_ndb_struct_na_base_pair.hbond_type_28 
_ndb_struct_na_base_pair.hbond_type_12 
1 A G 1  1_555 A C 47 1_555 -0.342 -0.276 0.107  3.408   -16.685 0.565   1  A_G2:C48_A  A 2  ? A 48 ? 19 1 
1 A C 2  1_555 A G 46 1_555 0.520  -0.106 -0.138 7.181   -16.107 0.234   2  A_C3:G47_A  A 3  ? A 47 ? 19 1 
1 A G 3  1_555 A C 45 1_555 -0.145 -0.149 0.170  -6.204  -20.284 3.016   3  A_G4:C46_A  A 4  ? A 46 ? 19 1 
1 A C 4  1_555 A G 44 1_555 0.372  -0.071 0.439  -14.036 -12.552 -2.450  4  A_C5:G45_A  A 5  ? A 45 ? 19 1 
1 A C 6  1_555 A G 43 1_555 0.251  -0.013 -0.506 2.102   -1.882  1.449   5  A_C7:G44_A  A 7  ? A 44 ? 19 1 
1 A U 7  1_555 A U 41 1_555 2.699  -1.832 0.076  -5.720  -13.411 9.682   6  A_U8:U42_A  A 8  ? A 42 ? 16 1 
1 A G 8  1_555 A C 32 1_555 0.011  5.370  0.449  19.838  24.649  129.130 7  A_G9:C33_A  A 9  ? A 33 ? 22 2 
1 A G 9  1_555 A U 39 1_555 -2.210 -0.626 0.196  6.679   -8.151  -11.126 8  A_G10:U40_A A 10 ? A 40 ? 28 1 
1 A C 10 1_555 A G 38 1_555 0.117  -0.134 -0.209 10.578  -21.010 0.237   9  A_C11:G39_A A 11 ? A 39 ? 19 1 
1 A G 11 1_555 A C 37 1_555 -0.475 -0.172 -0.140 -3.824  -14.571 -2.400  10 A_G12:C38_A A 12 ? A 38 ? 19 1 
1 A C 12 1_555 A G 36 1_555 0.292  -0.046 0.388  -9.681  -19.125 0.502   11 A_C13:G37_A A 13 ? A 37 ? 19 1 
1 A U 13 1_555 A A 35 1_555 3.654  -0.561 1.063  -17.285 -11.892 1.851   12 A_U14:A36_A A 14 ? A 36 ? ?  ? 
1 A G 14 1_555 A C 27 1_555 -0.242 -0.153 0.324  5.220   -4.260  1.194   13 A_G15:C28_A A 15 ? A 28 ? 19 1 
1 A C 15 1_555 A G 26 1_555 0.738  -0.378 0.461  -5.407  -7.323  4.304   14 A_C16:G27_A A 16 ? A 27 ? 19 1 
1 A G 16 1_555 A C 25 1_555 -0.010 -0.585 -0.465 0.834   -9.567  -0.648  15 A_G17:C26_A A 17 ? A 26 ? 19 1 
1 A C 17 1_555 A G 24 1_555 1.202  -0.577 -0.420 0.388   -0.825  3.959   16 A_C18:G25_A A 18 ? A 25 ? 19 1 
1 A C 18 1_555 A G 23 1_555 0.646  -0.642 -1.275 -14.935 20.643  3.492   17 A_C19:G24_A A 19 ? A 24 ? 19 1 
1 A U 31 1_555 A U 34 1_555 3.403  -0.087 -0.591 36.716  11.193  -93.023 18 A_U32:U35_A A 32 ? A 35 ? ?  4 
# 
loop_
_ndb_struct_na_base_pair_step.model_number 
_ndb_struct_na_base_pair_step.i_label_asym_id_1 
_ndb_struct_na_base_pair_step.i_label_comp_id_1 
_ndb_struct_na_base_pair_step.i_label_seq_id_1 
_ndb_struct_na_base_pair_step.i_symmetry_1 
_ndb_struct_na_base_pair_step.j_label_asym_id_1 
_ndb_struct_na_base_pair_step.j_label_comp_id_1 
_ndb_struct_na_base_pair_step.j_label_seq_id_1 
_ndb_struct_na_base_pair_step.j_symmetry_1 
_ndb_struct_na_base_pair_step.i_label_asym_id_2 
_ndb_struct_na_base_pair_step.i_label_comp_id_2 
_ndb_struct_na_base_pair_step.i_label_seq_id_2 
_ndb_struct_na_base_pair_step.i_symmetry_2 
_ndb_struct_na_base_pair_step.j_label_asym_id_2 
_ndb_struct_na_base_pair_step.j_label_comp_id_2 
_ndb_struct_na_base_pair_step.j_label_seq_id_2 
_ndb_struct_na_base_pair_step.j_symmetry_2 
_ndb_struct_na_base_pair_step.shift 
_ndb_struct_na_base_pair_step.slide 
_ndb_struct_na_base_pair_step.rise 
_ndb_struct_na_base_pair_step.tilt 
_ndb_struct_na_base_pair_step.roll 
_ndb_struct_na_base_pair_step.twist 
_ndb_struct_na_base_pair_step.x_displacement 
_ndb_struct_na_base_pair_step.y_displacement 
_ndb_struct_na_base_pair_step.helical_rise 
_ndb_struct_na_base_pair_step.inclination 
_ndb_struct_na_base_pair_step.tip 
_ndb_struct_na_base_pair_step.helical_twist 
_ndb_struct_na_base_pair_step.step_number 
_ndb_struct_na_base_pair_step.step_name 
_ndb_struct_na_base_pair_step.i_auth_asym_id_1 
_ndb_struct_na_base_pair_step.i_auth_seq_id_1 
_ndb_struct_na_base_pair_step.i_PDB_ins_code_1 
_ndb_struct_na_base_pair_step.j_auth_asym_id_1 
_ndb_struct_na_base_pair_step.j_auth_seq_id_1 
_ndb_struct_na_base_pair_step.j_PDB_ins_code_1 
_ndb_struct_na_base_pair_step.i_auth_asym_id_2 
_ndb_struct_na_base_pair_step.i_auth_seq_id_2 
_ndb_struct_na_base_pair_step.i_PDB_ins_code_2 
_ndb_struct_na_base_pair_step.j_auth_asym_id_2 
_ndb_struct_na_base_pair_step.j_auth_seq_id_2 
_ndb_struct_na_base_pair_step.j_PDB_ins_code_2 
1 A G 1  1_555 A C 47 1_555 A C 2  1_555 A G 46 1_555 0.521  -1.517 3.061 2.638   8.392   34.784  -3.536 -0.510 2.666  13.766  
-4.328  35.846  1  AA_G2C3:G47C48_AA   A 2  ? A 48 ? A 3  ? A 47 ? 
1 A C 2  1_555 A G 46 1_555 A G 3  1_555 A C 45 1_555 0.326  -1.919 3.402 0.041   13.684  29.324  -5.675 -0.579 2.301  25.363  
-0.075  32.296  2  AA_C3G4:C46G47_AA   A 3  ? A 47 ? A 4  ? A 46 ? 
1 A G 3  1_555 A C 45 1_555 A C 4  1_555 A G 44 1_555 -0.281 -1.325 3.358 -1.107  10.023  36.042  -3.357 0.296  2.906  15.821  
1.747   37.381  3  AA_G4C5:G45C46_AA   A 4  ? A 46 ? A 5  ? A 45 ? 
1 A C 4  1_555 A G 44 1_555 A C 6  1_555 A G 43 1_555 -1.303 -1.659 2.806 11.524  6.731   50.015  -2.263 2.110  2.249  7.802   
-13.357 51.654  4  AA_C5C7:G44G45_AA   A 5  ? A 45 ? A 7  ? A 44 ? 
1 A C 6  1_555 A G 43 1_555 A U 7  1_555 A U 41 1_555 2.545  -0.138 3.454 5.564   6.396   64.723  -0.416 -2.111 3.612  5.948   
-5.174  65.216  5  AA_C7U8:U42G44_AA   A 7  ? A 44 ? A 8  ? A 42 ? 
1 A U 7  1_555 A U 41 1_555 A G 8  1_555 A C 32 1_555 4.649  -1.851 4.485 -35.192 20.782  -13.083 -2.800 -2.669 6.097  -37.119 
-62.858 -42.828 6  AA_U8G9:C33U42_AA   A 8  ? A 42 ? A 9  ? A 33 ? 
1 A G 8  1_555 A C 32 1_555 A G 9  1_555 A U 39 1_555 -4.872 -3.182 1.041 36.436  -32.366 28.609  -3.272 5.311  -0.754 -40.769 
-45.896 56.067  7  AA_G9G10:U40C33_AA  A 9  ? A 33 ? A 10 ? A 40 ? 
1 A C 10 1_555 A G 38 1_555 A G 11 1_555 A C 37 1_555 -0.652 -1.796 3.593 -3.155  12.569  29.751  -5.444 0.611  2.688  23.147  
5.809   32.392  8  AA_C11G12:C38G39_AA A 11 ? A 39 ? A 12 ? A 38 ? 
1 A G 11 1_555 A C 37 1_555 A C 12 1_555 A G 36 1_555 0.501  -1.415 3.358 -1.195  7.573   36.458  -3.204 -0.941 2.997  11.942  
1.885   37.229  9  AA_G12C13:G37C38_AA A 12 ? A 38 ? A 13 ? A 37 ? 
1 A C 12 1_555 A G 36 1_555 A U 13 1_555 A A 35 1_555 -0.098 -0.753 3.607 -0.103  9.932   48.019  -1.721 0.110  3.398  12.054  
0.125   48.976  10 AA_C13U14:A36G37_AA A 13 ? A 37 ? A 14 ? A 36 ? 
1 A U 13 1_555 A A 35 1_555 A G 14 1_555 A C 27 1_555 -2.197 -3.328 2.106 3.398   6.339   -9.881  7.378  -5.897 4.037  -31.837 
17.067  -12.216 11 AA_U14G15:C28A36_AA A 14 ? A 36 ? A 15 ? A 28 ? 
1 A G 14 1_555 A C 27 1_555 A C 15 1_555 A G 26 1_555 0.071  -1.895 3.525 -1.790  5.190   37.075  -3.658 -0.354 3.233  8.107   
2.796   37.466  12 AA_G15C16:G27C28_AA A 15 ? A 28 ? A 16 ? A 27 ? 
1 A C 15 1_555 A G 26 1_555 A G 16 1_555 A C 25 1_555 -0.582 -2.029 2.969 9.270   12.515  26.749  -5.638 2.446  1.601  24.583  
-18.208 30.881  13 AA_C16G17:C26G27_AA A 16 ? A 27 ? A 17 ? A 26 ? 
1 A G 16 1_555 A C 25 1_555 A C 17 1_555 A G 24 1_555 0.089  -1.699 3.352 -1.071  3.019   37.535  -3.025 -0.277 3.207  4.682   
1.661   37.666  14 AA_G17C18:G25C26_AA A 17 ? A 26 ? A 18 ? A 25 ? 
1 A C 17 1_555 A G 24 1_555 A C 18 1_555 A G 23 1_555 0.797  -1.893 3.916 10.192  -6.181  28.096  -1.996 1.132  4.255  -12.069 
-19.899 30.473  15 AA_C18C19:G24G25_AA A 18 ? A 25 ? A 19 ? A 24 ? 
# 
_pdbx_audit_support.funding_organization   'National Natural Science Foundation of China (NSFC)' 
_pdbx_audit_support.country                China 
_pdbx_audit_support.grant_number           ? 
_pdbx_audit_support.ordinal                1 
# 
loop_
_pdbx_entity_instance_feature.ordinal 
_pdbx_entity_instance_feature.comp_id 
_pdbx_entity_instance_feature.asym_id 
_pdbx_entity_instance_feature.seq_num 
_pdbx_entity_instance_feature.auth_comp_id 
_pdbx_entity_instance_feature.auth_asym_id 
_pdbx_entity_instance_feature.auth_seq_num 
_pdbx_entity_instance_feature.feature_type 
_pdbx_entity_instance_feature.details 
1 J8O ? ? J8O ? ? 'SUBJECT OF INVESTIGATION' ? 
2 MG  ? ? MG  ? ? 'SUBJECT OF INVESTIGATION' ? 
# 
loop_
_pdbx_entity_nonpoly.entity_id 
_pdbx_entity_nonpoly.name 
_pdbx_entity_nonpoly.comp_id 
2 "GUANOSINE-5'-TRIPHOSPHATE"                                                                    GTP 
3 'MAGNESIUM ION'                                                                                MG  
4 '4-[(~{Z})-1-cyano-2-[5-[2-hydroxyethyl(methyl)amino]pyrazin-2-yl]ethenyl]benzenecarbonitrile' J8O 
5 water                                                                                          HOH 
# 
_pdbx_initial_refinement_model.id               1 
_pdbx_initial_refinement_model.entity_id_list   ? 
_pdbx_initial_refinement_model.type             'experimental model' 
_pdbx_initial_refinement_model.source_name      PDB 
_pdbx_initial_refinement_model.accession_code   7EOG 
_pdbx_initial_refinement_model.details          ? 
# 
_pdbx_struct_assembly_auth_evidence.id                     1 
_pdbx_struct_assembly_auth_evidence.assembly_id            1 
_pdbx_struct_assembly_auth_evidence.experimental_support   none 
_pdbx_struct_assembly_auth_evidence.details                ? 
# 
